data_1IQS
# 
_entry.id   1IQS 
# 
_audit_conform.dict_name       mmcif_pdbx.dic 
_audit_conform.dict_version    5.383 
_audit_conform.dict_location   http://mmcif.pdb.org/dictionaries/ascii/mmcif_pdbx.dic 
# 
loop_
_database_2.database_id 
_database_2.database_code 
_database_2.pdbx_database_accession 
_database_2.pdbx_DOI 
PDB   1IQS         pdb_00001iqs 10.2210/pdb1iqs/pdb 
RCSB  RCSB005192   ?            ?                   
WWPDB D_1000005192 ?            ?                   
# 
loop_
_pdbx_audit_revision_history.ordinal 
_pdbx_audit_revision_history.data_content_type 
_pdbx_audit_revision_history.major_revision 
_pdbx_audit_revision_history.minor_revision 
_pdbx_audit_revision_history.revision_date 
1 'Structure model' 1 0 2002-07-29 
2 'Structure model' 1 1 2008-04-27 
3 'Structure model' 1 2 2011-07-13 
4 'Structure model' 1 3 2021-11-10 
5 'Structure model' 1 4 2023-12-27 
# 
_pdbx_audit_revision_details.ordinal             1 
_pdbx_audit_revision_details.revision_ordinal    1 
_pdbx_audit_revision_details.data_content_type   'Structure model' 
_pdbx_audit_revision_details.provider            repository 
_pdbx_audit_revision_details.type                'Initial release' 
_pdbx_audit_revision_details.description         ? 
_pdbx_audit_revision_details.details             ? 
# 
loop_
_pdbx_audit_revision_group.ordinal 
_pdbx_audit_revision_group.revision_ordinal 
_pdbx_audit_revision_group.data_content_type 
_pdbx_audit_revision_group.group 
1 2 'Structure model' 'Version format compliance' 
2 3 'Structure model' 'Version format compliance' 
3 4 'Structure model' 'Data collection'           
4 4 'Structure model' 'Database references'       
5 4 'Structure model' 'Derived calculations'      
6 5 'Structure model' 'Data collection'           
# 
loop_
_pdbx_audit_revision_category.ordinal 
_pdbx_audit_revision_category.revision_ordinal 
_pdbx_audit_revision_category.data_content_type 
_pdbx_audit_revision_category.category 
1 4 'Structure model' database_2            
2 4 'Structure model' pdbx_nmr_software     
3 4 'Structure model' pdbx_struct_assembly  
4 4 'Structure model' pdbx_struct_oper_list 
5 4 'Structure model' struct_ref_seq_dif    
6 5 'Structure model' chem_comp_atom        
7 5 'Structure model' chem_comp_bond        
# 
loop_
_pdbx_audit_revision_item.ordinal 
_pdbx_audit_revision_item.revision_ordinal 
_pdbx_audit_revision_item.data_content_type 
_pdbx_audit_revision_item.item 
1 4 'Structure model' '_database_2.pdbx_DOI'                
2 4 'Structure model' '_database_2.pdbx_database_accession' 
3 4 'Structure model' '_pdbx_nmr_software.name'             
4 4 'Structure model' '_struct_ref_seq_dif.details'         
# 
_pdbx_database_status.status_code                     REL 
_pdbx_database_status.entry_id                        1IQS 
_pdbx_database_status.recvd_initial_deposition_date   2001-07-29 
_pdbx_database_status.deposit_site                    PDBJ 
_pdbx_database_status.process_site                    PDBJ 
_pdbx_database_status.status_code_mr                  REL 
_pdbx_database_status.SG_entry                        . 
_pdbx_database_status.pdb_format_compatible           Y 
_pdbx_database_status.status_code_sf                  ? 
_pdbx_database_status.status_code_cs                  ? 
_pdbx_database_status.status_code_nmr_data            ? 
_pdbx_database_status.methods_development_category    ? 
# 
_pdbx_database_related.db_name        PDB 
_pdbx_database_related.db_id          1IQO 
_pdbx_database_related.details        '1IQO contains same protein (20 structures of MTH1880)' 
_pdbx_database_related.content_type   unspecified 
# 
loop_
_audit_author.name 
_audit_author.pdbx_ordinal 
'Lee, C.H.'        1 
'Shin, J.'         2 
'Bang, E.'         3 
'Jung, J.W.'       4 
'Yee, A.'          5 
'Arrowsmith, C.H.' 6 
'Lee, W.'          7 
# 
_citation.id                        primary 
_citation.title                     
'Solution structure of a novel calcium binding protein, MTH1880, from Methanobacterium thermoautotrophicum.' 
_citation.journal_abbrev            'Protein Sci.' 
_citation.journal_volume            13 
_citation.page_first                1148 
_citation.page_last                 1154 
_citation.year                      2004 
_citation.journal_id_ASTM           PRCIEI 
_citation.country                   US 
_citation.journal_id_ISSN           0961-8368 
_citation.journal_id_CSD            0795 
_citation.book_publisher            ? 
_citation.pdbx_database_id_PubMed   15044740 
_citation.pdbx_database_id_DOI      10.1110/ps.03472104 
# 
loop_
_citation_author.citation_id 
_citation_author.name 
_citation_author.ordinal 
_citation_author.identifier_ORCID 
primary 'Lee, C.H.'        1 ? 
primary 'Jung, J.W.'       2 ? 
primary 'Yee, A.'          3 ? 
primary 'Arrowsmith, C.H.' 4 ? 
primary 'Lee, W.'          5 ? 
# 
_entity.id                         1 
_entity.type                       polymer 
_entity.src_method                 man 
_entity.pdbx_description           MTH1880 
_entity.formula_weight             9960.412 
_entity.pdbx_number_of_molecules   1 
_entity.pdbx_ec                    ? 
_entity.pdbx_mutation              M1L 
_entity.pdbx_fragment              ? 
_entity.details                    ? 
# 
_entity_name_com.entity_id   1 
_entity_name_com.name        'conserved protein' 
# 
_entity_poly.entity_id                      1 
_entity_poly.type                           'polypeptide(L)' 
_entity_poly.nstd_linkage                   no 
_entity_poly.nstd_monomer                   no 
_entity_poly.pdbx_seq_one_letter_code       
;LFIATLKGIFTLKDLPEEFRPFVDYKAGLEKKKLSDDDEIAIISIKGTQSNHVLFLSSYNSVDEIRKELEEAGAKINHTT
LKILEGHL
;
_entity_poly.pdbx_seq_one_letter_code_can   
;LFIATLKGIFTLKDLPEEFRPFVDYKAGLEKKKLSDDDEIAIISIKGTQSNHVLFLSSYNSVDEIRKELEEAGAKINHTT
LKILEGHL
;
_entity_poly.pdbx_strand_id                 A 
_entity_poly.pdbx_target_identifier         ? 
# 
loop_
_entity_poly_seq.entity_id 
_entity_poly_seq.num 
_entity_poly_seq.mon_id 
_entity_poly_seq.hetero 
1 1  LEU n 
1 2  PHE n 
1 3  ILE n 
1 4  ALA n 
1 5  THR n 
1 6  LEU n 
1 7  LYS n 
1 8  GLY n 
1 9  ILE n 
1 10 PHE n 
1 11 THR n 
1 12 LEU n 
1 13 LYS n 
1 14 ASP n 
1 15 LEU n 
1 16 PRO n 
1 17 GLU n 
1 18 GLU n 
1 19 PHE n 
1 20 ARG n 
1 21 PRO n 
1 22 PHE n 
1 23 VAL n 
1 24 ASP n 
1 25 TYR n 
1 26 LYS n 
1 27 ALA n 
1 28 GLY n 
1 29 LEU n 
1 30 GLU n 
1 31 LYS n 
1 32 LYS n 
1 33 LYS n 
1 34 LEU n 
1 35 SER n 
1 36 ASP n 
1 37 ASP n 
1 38 ASP n 
1 39 GLU n 
1 40 ILE n 
1 41 ALA n 
1 42 ILE n 
1 43 ILE n 
1 44 SER n 
1 45 ILE n 
1 46 LYS n 
1 47 GLY n 
1 48 THR n 
1 49 GLN n 
1 50 SER n 
1 51 ASN n 
1 52 HIS n 
1 53 VAL n 
1 54 LEU n 
1 55 PHE n 
1 56 LEU n 
1 57 SER n 
1 58 SER n 
1 59 TYR n 
1 60 ASN n 
1 61 SER n 
1 62 VAL n 
1 63 ASP n 
1 64 GLU n 
1 65 ILE n 
1 66 ARG n 
1 67 LYS n 
1 68 GLU n 
1 69 LEU n 
1 70 GLU n 
1 71 GLU n 
1 72 ALA n 
1 73 GLY n 
1 74 ALA n 
1 75 LYS n 
1 76 ILE n 
1 77 ASN n 
1 78 HIS n 
1 79 THR n 
1 80 THR n 
1 81 LEU n 
1 82 LYS n 
1 83 ILE n 
1 84 LEU n 
1 85 GLU n 
1 86 GLY n 
1 87 HIS n 
1 88 LEU n 
# 
_entity_src_gen.entity_id                          1 
_entity_src_gen.pdbx_src_id                        1 
_entity_src_gen.pdbx_alt_source_flag               sample 
_entity_src_gen.pdbx_seq_type                      ? 
_entity_src_gen.pdbx_beg_seq_num                   ? 
_entity_src_gen.pdbx_end_seq_num                   ? 
_entity_src_gen.gene_src_common_name               ? 
_entity_src_gen.gene_src_genus                     Methanothermobacter 
_entity_src_gen.pdbx_gene_src_gene                 ? 
_entity_src_gen.gene_src_species                   ? 
_entity_src_gen.gene_src_strain                    ? 
_entity_src_gen.gene_src_tissue                    ? 
_entity_src_gen.gene_src_tissue_fraction           ? 
_entity_src_gen.gene_src_details                   ? 
_entity_src_gen.pdbx_gene_src_fragment             ? 
_entity_src_gen.pdbx_gene_src_scientific_name      'Methanothermobacter thermautotrophicus' 
_entity_src_gen.pdbx_gene_src_ncbi_taxonomy_id     145262 
_entity_src_gen.pdbx_gene_src_variant              ? 
_entity_src_gen.pdbx_gene_src_cell_line            ? 
_entity_src_gen.pdbx_gene_src_atcc                 ? 
_entity_src_gen.pdbx_gene_src_organ                ? 
_entity_src_gen.pdbx_gene_src_organelle            ? 
_entity_src_gen.pdbx_gene_src_cell                 ? 
_entity_src_gen.pdbx_gene_src_cellular_location    ? 
_entity_src_gen.host_org_common_name               ? 
_entity_src_gen.pdbx_host_org_scientific_name      'Escherichia coli' 
_entity_src_gen.pdbx_host_org_ncbi_taxonomy_id     562 
_entity_src_gen.host_org_genus                     Escherichia 
_entity_src_gen.pdbx_host_org_gene                 ? 
_entity_src_gen.pdbx_host_org_organ                ? 
_entity_src_gen.host_org_species                   ? 
_entity_src_gen.pdbx_host_org_tissue               ? 
_entity_src_gen.pdbx_host_org_tissue_fraction      ? 
_entity_src_gen.pdbx_host_org_strain               'BL21(DE3) pLysS' 
_entity_src_gen.pdbx_host_org_variant              ? 
_entity_src_gen.pdbx_host_org_cell_line            ? 
_entity_src_gen.pdbx_host_org_atcc                 ? 
_entity_src_gen.pdbx_host_org_culture_collection   ? 
_entity_src_gen.pdbx_host_org_cell                 ? 
_entity_src_gen.pdbx_host_org_organelle            ? 
_entity_src_gen.pdbx_host_org_cellular_location    ? 
_entity_src_gen.pdbx_host_org_vector_type          PLASMID 
_entity_src_gen.pdbx_host_org_vector               ? 
_entity_src_gen.host_org_details                   ? 
_entity_src_gen.expression_system_id               ? 
_entity_src_gen.plasmid_name                       pET13b 
_entity_src_gen.plasmid_details                    ? 
_entity_src_gen.pdbx_description                   ? 
# 
loop_
_chem_comp.id 
_chem_comp.type 
_chem_comp.mon_nstd_flag 
_chem_comp.name 
_chem_comp.pdbx_synonyms 
_chem_comp.formula 
_chem_comp.formula_weight 
ALA 'L-peptide linking' y ALANINE         ? 'C3 H7 N O2'     89.093  
ARG 'L-peptide linking' y ARGININE        ? 'C6 H15 N4 O2 1' 175.209 
ASN 'L-peptide linking' y ASPARAGINE      ? 'C4 H8 N2 O3'    132.118 
ASP 'L-peptide linking' y 'ASPARTIC ACID' ? 'C4 H7 N O4'     133.103 
GLN 'L-peptide linking' y GLUTAMINE       ? 'C5 H10 N2 O3'   146.144 
GLU 'L-peptide linking' y 'GLUTAMIC ACID' ? 'C5 H9 N O4'     147.129 
GLY 'peptide linking'   y GLYCINE         ? 'C2 H5 N O2'     75.067  
HIS 'L-peptide linking' y HISTIDINE       ? 'C6 H10 N3 O2 1' 156.162 
ILE 'L-peptide linking' y ISOLEUCINE      ? 'C6 H13 N O2'    131.173 
LEU 'L-peptide linking' y LEUCINE         ? 'C6 H13 N O2'    131.173 
LYS 'L-peptide linking' y LYSINE          ? 'C6 H15 N2 O2 1' 147.195 
MET 'L-peptide linking' y METHIONINE      ? 'C5 H11 N O2 S'  149.211 
PHE 'L-peptide linking' y PHENYLALANINE   ? 'C9 H11 N O2'    165.189 
PRO 'L-peptide linking' y PROLINE         ? 'C5 H9 N O2'     115.130 
SER 'L-peptide linking' y SERINE          ? 'C3 H7 N O3'     105.093 
THR 'L-peptide linking' y THREONINE       ? 'C4 H9 N O3'     119.119 
TYR 'L-peptide linking' y TYROSINE        ? 'C9 H11 N O3'    181.189 
VAL 'L-peptide linking' y VALINE          ? 'C5 H11 N O2'    117.146 
# 
loop_
_pdbx_poly_seq_scheme.asym_id 
_pdbx_poly_seq_scheme.entity_id 
_pdbx_poly_seq_scheme.seq_id 
_pdbx_poly_seq_scheme.mon_id 
_pdbx_poly_seq_scheme.ndb_seq_num 
_pdbx_poly_seq_scheme.pdb_seq_num 
_pdbx_poly_seq_scheme.auth_seq_num 
_pdbx_poly_seq_scheme.pdb_mon_id 
_pdbx_poly_seq_scheme.auth_mon_id 
_pdbx_poly_seq_scheme.pdb_strand_id 
_pdbx_poly_seq_scheme.pdb_ins_code 
_pdbx_poly_seq_scheme.hetero 
A 1 1  LEU 1  1  1  LEU LEU A . n 
A 1 2  PHE 2  2  2  PHE PHE A . n 
A 1 3  ILE 3  3  3  ILE ILE A . n 
A 1 4  ALA 4  4  4  ALA ALA A . n 
A 1 5  THR 5  5  5  THR THR A . n 
A 1 6  LEU 6  6  6  LEU LEU A . n 
A 1 7  LYS 7  7  7  LYS LYS A . n 
A 1 8  GLY 8  8  8  GLY GLY A . n 
A 1 9  ILE 9  9  9  ILE ILE A . n 
A 1 10 PHE 10 10 10 PHE PHE A . n 
A 1 11 THR 11 11 11 THR THR A . n 
A 1 12 LEU 12 12 12 LEU LEU A . n 
A 1 13 LYS 13 13 13 LYS LYS A . n 
A 1 14 ASP 14 14 14 ASP ASP A . n 
A 1 15 LEU 15 15 15 LEU LEU A . n 
A 1 16 PRO 16 16 16 PRO PRO A . n 
A 1 17 GLU 17 17 17 GLU GLU A . n 
A 1 18 GLU 18 18 18 GLU GLU A . n 
A 1 19 PHE 19 19 19 PHE PHE A . n 
A 1 20 ARG 20 20 20 ARG ARG A . n 
A 1 21 PRO 21 21 21 PRO PRO A . n 
A 1 22 PHE 22 22 22 PHE PHE A . n 
A 1 23 VAL 23 23 23 VAL VAL A . n 
A 1 24 ASP 24 24 24 ASP ASP A . n 
A 1 25 TYR 25 25 25 TYR TYR A . n 
A 1 26 LYS 26 26 26 LYS LYS A . n 
A 1 27 ALA 27 27 27 ALA ALA A . n 
A 1 28 GLY 28 28 28 GLY GLY A . n 
A 1 29 LEU 29 29 29 LEU LEU A . n 
A 1 30 GLU 30 30 30 GLU GLU A . n 
A 1 31 LYS 31 31 31 LYS LYS A . n 
A 1 32 LYS 32 32 32 LYS LYS A . n 
A 1 33 LYS 33 33 33 LYS LYS A . n 
A 1 34 LEU 34 34 34 LEU LEU A . n 
A 1 35 SER 35 35 35 SER SER A . n 
A 1 36 ASP 36 36 36 ASP ASP A . n 
A 1 37 ASP 37 37 37 ASP ASP A . n 
A 1 38 ASP 38 38 38 ASP ASP A . n 
A 1 39 GLU 39 39 39 GLU GLU A . n 
A 1 40 ILE 40 40 40 ILE ILE A . n 
A 1 41 ALA 41 41 41 ALA ALA A . n 
A 1 42 ILE 42 42 42 ILE ILE A . n 
A 1 43 ILE 43 43 43 ILE ILE A . n 
A 1 44 SER 44 44 44 SER SER A . n 
A 1 45 ILE 45 45 45 ILE ILE A . n 
A 1 46 LYS 46 46 46 LYS LYS A . n 
A 1 47 GLY 47 47 47 GLY GLY A . n 
A 1 48 THR 48 48 48 THR THR A . n 
A 1 49 GLN 49 49 49 GLN GLN A . n 
A 1 50 SER 50 50 50 SER SER A . n 
A 1 51 ASN 51 51 51 ASN ASN A . n 
A 1 52 HIS 52 52 52 HIS HIS A . n 
A 1 53 VAL 53 53 53 VAL VAL A . n 
A 1 54 LEU 54 54 54 LEU LEU A . n 
A 1 55 PHE 55 55 55 PHE PHE A . n 
A 1 56 LEU 56 56 56 LEU LEU A . n 
A 1 57 SER 57 57 57 SER SER A . n 
A 1 58 SER 58 58 58 SER SER A . n 
A 1 59 TYR 59 59 59 TYR TYR A . n 
A 1 60 ASN 60 60 60 ASN ASN A . n 
A 1 61 SER 61 61 61 SER SER A . n 
A 1 62 VAL 62 62 62 VAL VAL A . n 
A 1 63 ASP 63 63 63 ASP ASP A . n 
A 1 64 GLU 64 64 64 GLU GLU A . n 
A 1 65 ILE 65 65 65 ILE ILE A . n 
A 1 66 ARG 66 66 66 ARG ARG A . n 
A 1 67 LYS 67 67 67 LYS LYS A . n 
A 1 68 GLU 68 68 68 GLU GLU A . n 
A 1 69 LEU 69 69 69 LEU LEU A . n 
A 1 70 GLU 70 70 70 GLU GLU A . n 
A 1 71 GLU 71 71 71 GLU GLU A . n 
A 1 72 ALA 72 72 72 ALA ALA A . n 
A 1 73 GLY 73 73 73 GLY GLY A . n 
A 1 74 ALA 74 74 74 ALA ALA A . n 
A 1 75 LYS 75 75 75 LYS LYS A . n 
A 1 76 ILE 76 76 76 ILE ILE A . n 
A 1 77 ASN 77 77 77 ASN ASN A . n 
A 1 78 HIS 78 78 78 HIS HIS A . n 
A 1 79 THR 79 79 79 THR THR A . n 
A 1 80 THR 80 80 80 THR THR A . n 
A 1 81 LEU 81 81 81 LEU LEU A . n 
A 1 82 LYS 82 82 82 LYS LYS A . n 
A 1 83 ILE 83 83 83 ILE ILE A . n 
A 1 84 LEU 84 84 84 LEU LEU A . n 
A 1 85 GLU 85 85 85 GLU GLU A . n 
A 1 86 GLY 86 86 86 GLY GLY A . n 
A 1 87 HIS 87 87 87 HIS HIS A . n 
A 1 88 LEU 88 88 88 LEU LEU A . n 
# 
_cell.entry_id           1IQS 
_cell.length_a           ? 
_cell.length_b           ? 
_cell.length_c           ? 
_cell.angle_alpha        ? 
_cell.angle_beta         ? 
_cell.angle_gamma        ? 
_cell.Z_PDB              1 
_cell.pdbx_unique_axis   ? 
# 
_exptl.entry_id          1IQS 
_exptl.method            'SOLUTION NMR' 
_exptl.crystals_number   ? 
# 
_struct.entry_id                  1IQS 
_struct.title                     'Minimized average structure of MTH1880 from Methanobacterium Thermoautotrophicum' 
_struct.pdbx_model_details        ? 
_struct.pdbx_CASP_flag            ? 
_struct.pdbx_model_type_details   'minimized average' 
# 
_struct_keywords.entry_id        1IQS 
_struct_keywords.pdbx_keywords   'METAL BINDING PROTEIN' 
_struct_keywords.text            'alpha-beta, anti-parallel, METAL BINDING PROTEIN' 
# 
_struct_asym.id                            A 
_struct_asym.pdbx_blank_PDB_chainid_flag   N 
_struct_asym.pdbx_modified                 N 
_struct_asym.entity_id                     1 
_struct_asym.details                       ? 
# 
_struct_ref.id                         1 
_struct_ref.db_code                    O27908_METTH 
_struct_ref.db_name                    UNP 
_struct_ref.entity_id                  1 
_struct_ref.pdbx_db_accession          O27908 
_struct_ref.pdbx_align_begin           ? 
_struct_ref.pdbx_seq_one_letter_code   ? 
_struct_ref.pdbx_db_isoform            ? 
# 
_struct_ref_seq.align_id                      1 
_struct_ref_seq.ref_id                        1 
_struct_ref_seq.pdbx_PDB_id_code              1IQS 
_struct_ref_seq.pdbx_strand_id                A 
_struct_ref_seq.seq_align_beg                 1 
_struct_ref_seq.pdbx_seq_align_beg_ins_code   ? 
_struct_ref_seq.seq_align_end                 88 
_struct_ref_seq.pdbx_seq_align_end_ins_code   ? 
_struct_ref_seq.pdbx_db_accession             O27908 
_struct_ref_seq.db_align_beg                  1 
_struct_ref_seq.pdbx_db_align_beg_ins_code    ? 
_struct_ref_seq.db_align_end                  88 
_struct_ref_seq.pdbx_db_align_end_ins_code    ? 
_struct_ref_seq.pdbx_auth_seq_align_beg       1 
_struct_ref_seq.pdbx_auth_seq_align_end       88 
# 
_struct_ref_seq_dif.align_id                     1 
_struct_ref_seq_dif.pdbx_pdb_id_code             1IQS 
_struct_ref_seq_dif.mon_id                       LEU 
_struct_ref_seq_dif.pdbx_pdb_strand_id           A 
_struct_ref_seq_dif.seq_num                      1 
_struct_ref_seq_dif.pdbx_pdb_ins_code            ? 
_struct_ref_seq_dif.pdbx_seq_db_name             UNP 
_struct_ref_seq_dif.pdbx_seq_db_accession_code   O27908 
_struct_ref_seq_dif.db_mon_id                    MET 
_struct_ref_seq_dif.pdbx_seq_db_seq_num          1 
_struct_ref_seq_dif.details                      'engineered mutation' 
_struct_ref_seq_dif.pdbx_auth_seq_num            1 
_struct_ref_seq_dif.pdbx_ordinal                 1 
# 
_pdbx_struct_assembly.id                   1 
_pdbx_struct_assembly.details              author_defined_assembly 
_pdbx_struct_assembly.method_details       ? 
_pdbx_struct_assembly.oligomeric_details   monomeric 
_pdbx_struct_assembly.oligomeric_count     1 
# 
_pdbx_struct_assembly_gen.assembly_id       1 
_pdbx_struct_assembly_gen.oper_expression   1 
_pdbx_struct_assembly_gen.asym_id_list      A 
# 
_pdbx_struct_oper_list.id                   1 
_pdbx_struct_oper_list.type                 'identity operation' 
_pdbx_struct_oper_list.name                 1_555 
_pdbx_struct_oper_list.symmetry_operation   ? 
_pdbx_struct_oper_list.matrix[1][1]         1.0000000000 
_pdbx_struct_oper_list.matrix[1][2]         0.0000000000 
_pdbx_struct_oper_list.matrix[1][3]         0.0000000000 
_pdbx_struct_oper_list.vector[1]            0.0000000000 
_pdbx_struct_oper_list.matrix[2][1]         0.0000000000 
_pdbx_struct_oper_list.matrix[2][2]         1.0000000000 
_pdbx_struct_oper_list.matrix[2][3]         0.0000000000 
_pdbx_struct_oper_list.vector[2]            0.0000000000 
_pdbx_struct_oper_list.matrix[3][1]         0.0000000000 
_pdbx_struct_oper_list.matrix[3][2]         0.0000000000 
_pdbx_struct_oper_list.matrix[3][3]         1.0000000000 
_pdbx_struct_oper_list.vector[3]            0.0000000000 
# 
_struct_biol.id   1 
# 
loop_
_struct_conf.conf_type_id 
_struct_conf.id 
_struct_conf.pdbx_PDB_helix_id 
_struct_conf.beg_label_comp_id 
_struct_conf.beg_label_asym_id 
_struct_conf.beg_label_seq_id 
_struct_conf.pdbx_beg_PDB_ins_code 
_struct_conf.end_label_comp_id 
_struct_conf.end_label_asym_id 
_struct_conf.end_label_seq_id 
_struct_conf.pdbx_end_PDB_ins_code 
_struct_conf.beg_auth_comp_id 
_struct_conf.beg_auth_asym_id 
_struct_conf.beg_auth_seq_id 
_struct_conf.end_auth_comp_id 
_struct_conf.end_auth_asym_id 
_struct_conf.end_auth_seq_id 
_struct_conf.pdbx_PDB_helix_class 
_struct_conf.details 
_struct_conf.pdbx_PDB_helix_length 
HELX_P HELX_P1 1 VAL A 23 ? LEU A 29 ? VAL A 23 LEU A 29 1 ? 7  
HELX_P HELX_P2 2 VAL A 62 ? LYS A 75 ? VAL A 62 LYS A 75 1 ? 14 
HELX_P HELX_P3 3 LEU A 81 ? LEU A 88 ? LEU A 81 LEU A 88 1 ? 8  
# 
_struct_conf_type.id          HELX_P 
_struct_conf_type.criteria    ? 
_struct_conf_type.reference   ? 
# 
_struct_sheet.id               A 
_struct_sheet.type             ? 
_struct_sheet.number_strands   3 
_struct_sheet.details          ? 
# 
loop_
_struct_sheet_order.sheet_id 
_struct_sheet_order.range_id_1 
_struct_sheet_order.range_id_2 
_struct_sheet_order.offset 
_struct_sheet_order.sense 
A 1 2 ? anti-parallel 
A 2 3 ? anti-parallel 
# 
loop_
_struct_sheet_range.sheet_id 
_struct_sheet_range.id 
_struct_sheet_range.beg_label_comp_id 
_struct_sheet_range.beg_label_asym_id 
_struct_sheet_range.beg_label_seq_id 
_struct_sheet_range.pdbx_beg_PDB_ins_code 
_struct_sheet_range.end_label_comp_id 
_struct_sheet_range.end_label_asym_id 
_struct_sheet_range.end_label_seq_id 
_struct_sheet_range.pdbx_end_PDB_ins_code 
_struct_sheet_range.beg_auth_comp_id 
_struct_sheet_range.beg_auth_asym_id 
_struct_sheet_range.beg_auth_seq_id 
_struct_sheet_range.end_auth_comp_id 
_struct_sheet_range.end_auth_asym_id 
_struct_sheet_range.end_auth_seq_id 
A 1 LEU A 6  ? THR A 11 ? LEU A 6  THR A 11 
A 2 GLU A 39 ? SER A 44 ? GLU A 39 SER A 44 
A 3 ASN A 51 ? PHE A 55 ? ASN A 51 PHE A 55 
# 
loop_
_pdbx_struct_sheet_hbond.sheet_id 
_pdbx_struct_sheet_hbond.range_id_1 
_pdbx_struct_sheet_hbond.range_id_2 
_pdbx_struct_sheet_hbond.range_1_label_atom_id 
_pdbx_struct_sheet_hbond.range_1_label_comp_id 
_pdbx_struct_sheet_hbond.range_1_label_asym_id 
_pdbx_struct_sheet_hbond.range_1_label_seq_id 
_pdbx_struct_sheet_hbond.range_1_PDB_ins_code 
_pdbx_struct_sheet_hbond.range_1_auth_atom_id 
_pdbx_struct_sheet_hbond.range_1_auth_comp_id 
_pdbx_struct_sheet_hbond.range_1_auth_asym_id 
_pdbx_struct_sheet_hbond.range_1_auth_seq_id 
_pdbx_struct_sheet_hbond.range_2_label_atom_id 
_pdbx_struct_sheet_hbond.range_2_label_comp_id 
_pdbx_struct_sheet_hbond.range_2_label_asym_id 
_pdbx_struct_sheet_hbond.range_2_label_seq_id 
_pdbx_struct_sheet_hbond.range_2_PDB_ins_code 
_pdbx_struct_sheet_hbond.range_2_auth_atom_id 
_pdbx_struct_sheet_hbond.range_2_auth_comp_id 
_pdbx_struct_sheet_hbond.range_2_auth_asym_id 
_pdbx_struct_sheet_hbond.range_2_auth_seq_id 
A 1 2 O PHE A 10 ? O PHE A 10 N ILE A 40 ? N ILE A 40 
A 2 3 O ILE A 43 ? O ILE A 43 N HIS A 52 ? N HIS A 52 
# 
loop_
_pdbx_validate_close_contact.id 
_pdbx_validate_close_contact.PDB_model_num 
_pdbx_validate_close_contact.auth_atom_id_1 
_pdbx_validate_close_contact.auth_asym_id_1 
_pdbx_validate_close_contact.auth_comp_id_1 
_pdbx_validate_close_contact.auth_seq_id_1 
_pdbx_validate_close_contact.PDB_ins_code_1 
_pdbx_validate_close_contact.label_alt_id_1 
_pdbx_validate_close_contact.auth_atom_id_2 
_pdbx_validate_close_contact.auth_asym_id_2 
_pdbx_validate_close_contact.auth_comp_id_2 
_pdbx_validate_close_contact.auth_seq_id_2 
_pdbx_validate_close_contact.PDB_ins_code_2 
_pdbx_validate_close_contact.label_alt_id_2 
_pdbx_validate_close_contact.dist 
1 1 HZ2 A LYS 13 ? ? O A SER 35 ? ? 1.59 
2 1 O   A ASP 63 ? ? H A LYS 67 ? ? 1.60 
# 
loop_
_pdbx_validate_torsion.id 
_pdbx_validate_torsion.PDB_model_num 
_pdbx_validate_torsion.auth_comp_id 
_pdbx_validate_torsion.auth_asym_id 
_pdbx_validate_torsion.auth_seq_id 
_pdbx_validate_torsion.PDB_ins_code 
_pdbx_validate_torsion.label_alt_id 
_pdbx_validate_torsion.phi 
_pdbx_validate_torsion.psi 
1  1 ALA A 4  ? ? -51.59  93.00   
2  1 LEU A 12 ? ? 48.89   -149.14 
3  1 PRO A 16 ? ? -69.04  56.41   
4  1 PHE A 19 ? ? -170.31 -90.33  
5  1 ASP A 24 ? ? -36.75  -31.28  
6  1 GLU A 30 ? ? -175.51 46.93   
7  1 LYS A 32 ? ? -51.44  -73.49  
8  1 LYS A 33 ? ? 159.72  147.88  
9  1 LEU A 34 ? ? -118.09 70.11   
10 1 ASP A 38 ? ? -37.15  132.20  
11 1 ILE A 45 ? ? -159.90 69.95   
12 1 LYS A 46 ? ? 37.38   34.32   
13 1 THR A 48 ? ? 75.96   -56.01  
14 1 GLN A 49 ? ? 172.25  56.05   
15 1 SER A 50 ? ? -175.50 -160.08 
16 1 ASN A 60 ? ? -94.48  -88.67  
17 1 SER A 61 ? ? 168.80  59.32   
18 1 ASP A 63 ? ? -37.29  -39.06  
19 1 LEU A 69 ? ? -52.95  -71.69  
20 1 GLU A 70 ? ? -38.16  -30.57  
21 1 ALA A 74 ? ? -143.34 12.92   
22 1 LYS A 75 ? ? -98.94  -154.11 
23 1 ILE A 76 ? ? -36.08  140.36  
24 1 THR A 80 ? ? -142.25 12.14   
25 1 LEU A 81 ? ? 37.92   30.27   
26 1 HIS A 87 ? ? -153.67 41.37   
# 
_pdbx_nmr_ensemble.entry_id                                      1IQS 
_pdbx_nmr_ensemble.conformers_calculated_total_number            1 
_pdbx_nmr_ensemble.conformers_submitted_total_number             1 
_pdbx_nmr_ensemble.conformer_selection_criteria                  
'This model is the minimized average structure from 20 structures with the lowest energy' 
_pdbx_nmr_ensemble.average_constraints_per_residue               ? 
_pdbx_nmr_ensemble.average_constraint_violations_per_residue     ? 
_pdbx_nmr_ensemble.maximum_distance_constraint_violation         ? 
_pdbx_nmr_ensemble.average_distance_constraint_violation         ? 
_pdbx_nmr_ensemble.maximum_upper_distance_constraint_violation   ? 
_pdbx_nmr_ensemble.maximum_lower_distance_constraint_violation   ? 
_pdbx_nmr_ensemble.distance_constraint_violation_method          ? 
_pdbx_nmr_ensemble.maximum_torsion_angle_constraint_violation    ? 
_pdbx_nmr_ensemble.average_torsion_angle_constraint_violation    ? 
_pdbx_nmr_ensemble.torsion_angle_constraint_violation_method     ? 
# 
_pdbx_nmr_representative.entry_id             1IQS 
_pdbx_nmr_representative.conformer_id         1 
_pdbx_nmr_representative.selection_criteria   'minimized average structure' 
# 
loop_
_pdbx_nmr_sample_details.solution_id 
_pdbx_nmr_sample_details.contents 
_pdbx_nmr_sample_details.solvent_system 
1 '2mM MTH1880 U-15N,13C; 25mM phosphate buffer, 300mM NaCl; 90% H2O, 10% D2O' '90% H2O/10% D2O' 
2 '2mM MTH1880 U-15N; 25mM phosphate buffer, 300mM NaCl; 90% H2O, 10% D2O'     '90% H2O/10% D2O' 
3 '1mM MTH1880 U-15N; 25mM phosphate buffer, 300mM NaCl; 100% D2O'             '100% D2O'        
# 
_pdbx_nmr_exptl_sample_conditions.conditions_id       1 
_pdbx_nmr_exptl_sample_conditions.temperature         298 
_pdbx_nmr_exptl_sample_conditions.pressure            ambient 
_pdbx_nmr_exptl_sample_conditions.pH                  7.6 
_pdbx_nmr_exptl_sample_conditions.ionic_strength      ? 
_pdbx_nmr_exptl_sample_conditions.pressure_units      ? 
_pdbx_nmr_exptl_sample_conditions.temperature_units   K 
# 
loop_
_pdbx_nmr_exptl.experiment_id 
_pdbx_nmr_exptl.solution_id 
_pdbx_nmr_exptl.conditions_id 
_pdbx_nmr_exptl.type 
1 1 1 3D_13C-separated_NOESY         
2 2 1 3D_15N-separated_NOESY         
3 2 1 HNHA                           
4 3 1 '2D_15N HSQC for H/D exchange' 
# 
_pdbx_nmr_details.entry_id   1IQS 
_pdbx_nmr_details.text       'The structure was determined using triple-resonance NMR spectroscopy.' 
# 
_pdbx_nmr_refine.entry_id           1IQS 
_pdbx_nmr_refine.method             
;distance geometry 
simulated annealing 
molecular dynamics 
matrix relaxation 
torsion angle dynamics
;
_pdbx_nmr_refine.details            
;the structures are based on a total of 762 restraints, 669 are NOE-derived 
distance constraints, 39 dihedral angle restraints,54 distance restraints  
from hydrogen bonds.
;
_pdbx_nmr_refine.software_ordinal   1 
# 
loop_
_pdbx_nmr_software.name 
_pdbx_nmr_software.version 
_pdbx_nmr_software.classification 
_pdbx_nmr_software.authors 
_pdbx_nmr_software.ordinal 
XwinNMR      2.6   collection           'Bruker Inc.' 1 
VNMR         6.1B  collection           'Varian Inc.' 2 
NMRPipe      1.8   processing           Delaglio      3 
Sparky       3.98  'data analysis'      James         4 
CNS          1.0   refinement           Brunger       5 
'Insight II' 2000  'structure solution' 'MSI Inc.'    6 
MOLMOL       2.6.0 'structure solution' Wuthrich      7 
# 
loop_
_chem_comp_atom.comp_id 
_chem_comp_atom.atom_id 
_chem_comp_atom.type_symbol 
_chem_comp_atom.pdbx_aromatic_flag 
_chem_comp_atom.pdbx_stereo_config 
_chem_comp_atom.pdbx_ordinal 
ALA N    N N N 1   
ALA CA   C N S 2   
ALA C    C N N 3   
ALA O    O N N 4   
ALA CB   C N N 5   
ALA OXT  O N N 6   
ALA H    H N N 7   
ALA H2   H N N 8   
ALA HA   H N N 9   
ALA HB1  H N N 10  
ALA HB2  H N N 11  
ALA HB3  H N N 12  
ALA HXT  H N N 13  
ARG N    N N N 14  
ARG CA   C N S 15  
ARG C    C N N 16  
ARG O    O N N 17  
ARG CB   C N N 18  
ARG CG   C N N 19  
ARG CD   C N N 20  
ARG NE   N N N 21  
ARG CZ   C N N 22  
ARG NH1  N N N 23  
ARG NH2  N N N 24  
ARG OXT  O N N 25  
ARG H    H N N 26  
ARG H2   H N N 27  
ARG HA   H N N 28  
ARG HB2  H N N 29  
ARG HB3  H N N 30  
ARG HG2  H N N 31  
ARG HG3  H N N 32  
ARG HD2  H N N 33  
ARG HD3  H N N 34  
ARG HE   H N N 35  
ARG HH11 H N N 36  
ARG HH12 H N N 37  
ARG HH21 H N N 38  
ARG HH22 H N N 39  
ARG HXT  H N N 40  
ASN N    N N N 41  
ASN CA   C N S 42  
ASN C    C N N 43  
ASN O    O N N 44  
ASN CB   C N N 45  
ASN CG   C N N 46  
ASN OD1  O N N 47  
ASN ND2  N N N 48  
ASN OXT  O N N 49  
ASN H    H N N 50  
ASN H2   H N N 51  
ASN HA   H N N 52  
ASN HB2  H N N 53  
ASN HB3  H N N 54  
ASN HD21 H N N 55  
ASN HD22 H N N 56  
ASN HXT  H N N 57  
ASP N    N N N 58  
ASP CA   C N S 59  
ASP C    C N N 60  
ASP O    O N N 61  
ASP CB   C N N 62  
ASP CG   C N N 63  
ASP OD1  O N N 64  
ASP OD2  O N N 65  
ASP OXT  O N N 66  
ASP H    H N N 67  
ASP H2   H N N 68  
ASP HA   H N N 69  
ASP HB2  H N N 70  
ASP HB3  H N N 71  
ASP HD2  H N N 72  
ASP HXT  H N N 73  
GLN N    N N N 74  
GLN CA   C N S 75  
GLN C    C N N 76  
GLN O    O N N 77  
GLN CB   C N N 78  
GLN CG   C N N 79  
GLN CD   C N N 80  
GLN OE1  O N N 81  
GLN NE2  N N N 82  
GLN OXT  O N N 83  
GLN H    H N N 84  
GLN H2   H N N 85  
GLN HA   H N N 86  
GLN HB2  H N N 87  
GLN HB3  H N N 88  
GLN HG2  H N N 89  
GLN HG3  H N N 90  
GLN HE21 H N N 91  
GLN HE22 H N N 92  
GLN HXT  H N N 93  
GLU N    N N N 94  
GLU CA   C N S 95  
GLU C    C N N 96  
GLU O    O N N 97  
GLU CB   C N N 98  
GLU CG   C N N 99  
GLU CD   C N N 100 
GLU OE1  O N N 101 
GLU OE2  O N N 102 
GLU OXT  O N N 103 
GLU H    H N N 104 
GLU H2   H N N 105 
GLU HA   H N N 106 
GLU HB2  H N N 107 
GLU HB3  H N N 108 
GLU HG2  H N N 109 
GLU HG3  H N N 110 
GLU HE2  H N N 111 
GLU HXT  H N N 112 
GLY N    N N N 113 
GLY CA   C N N 114 
GLY C    C N N 115 
GLY O    O N N 116 
GLY OXT  O N N 117 
GLY H    H N N 118 
GLY H2   H N N 119 
GLY HA2  H N N 120 
GLY HA3  H N N 121 
GLY HXT  H N N 122 
HIS N    N N N 123 
HIS CA   C N S 124 
HIS C    C N N 125 
HIS O    O N N 126 
HIS CB   C N N 127 
HIS CG   C Y N 128 
HIS ND1  N Y N 129 
HIS CD2  C Y N 130 
HIS CE1  C Y N 131 
HIS NE2  N Y N 132 
HIS OXT  O N N 133 
HIS H    H N N 134 
HIS H2   H N N 135 
HIS HA   H N N 136 
HIS HB2  H N N 137 
HIS HB3  H N N 138 
HIS HD1  H N N 139 
HIS HD2  H N N 140 
HIS HE1  H N N 141 
HIS HE2  H N N 142 
HIS HXT  H N N 143 
ILE N    N N N 144 
ILE CA   C N S 145 
ILE C    C N N 146 
ILE O    O N N 147 
ILE CB   C N S 148 
ILE CG1  C N N 149 
ILE CG2  C N N 150 
ILE CD1  C N N 151 
ILE OXT  O N N 152 
ILE H    H N N 153 
ILE H2   H N N 154 
ILE HA   H N N 155 
ILE HB   H N N 156 
ILE HG12 H N N 157 
ILE HG13 H N N 158 
ILE HG21 H N N 159 
ILE HG22 H N N 160 
ILE HG23 H N N 161 
ILE HD11 H N N 162 
ILE HD12 H N N 163 
ILE HD13 H N N 164 
ILE HXT  H N N 165 
LEU N    N N N 166 
LEU CA   C N S 167 
LEU C    C N N 168 
LEU O    O N N 169 
LEU CB   C N N 170 
LEU CG   C N N 171 
LEU CD1  C N N 172 
LEU CD2  C N N 173 
LEU OXT  O N N 174 
LEU H    H N N 175 
LEU H2   H N N 176 
LEU HA   H N N 177 
LEU HB2  H N N 178 
LEU HB3  H N N 179 
LEU HG   H N N 180 
LEU HD11 H N N 181 
LEU HD12 H N N 182 
LEU HD13 H N N 183 
LEU HD21 H N N 184 
LEU HD22 H N N 185 
LEU HD23 H N N 186 
LEU HXT  H N N 187 
LYS N    N N N 188 
LYS CA   C N S 189 
LYS C    C N N 190 
LYS O    O N N 191 
LYS CB   C N N 192 
LYS CG   C N N 193 
LYS CD   C N N 194 
LYS CE   C N N 195 
LYS NZ   N N N 196 
LYS OXT  O N N 197 
LYS H    H N N 198 
LYS H2   H N N 199 
LYS HA   H N N 200 
LYS HB2  H N N 201 
LYS HB3  H N N 202 
LYS HG2  H N N 203 
LYS HG3  H N N 204 
LYS HD2  H N N 205 
LYS HD3  H N N 206 
LYS HE2  H N N 207 
LYS HE3  H N N 208 
LYS HZ1  H N N 209 
LYS HZ2  H N N 210 
LYS HZ3  H N N 211 
LYS HXT  H N N 212 
MET N    N N N 213 
MET CA   C N S 214 
MET C    C N N 215 
MET O    O N N 216 
MET CB   C N N 217 
MET CG   C N N 218 
MET SD   S N N 219 
MET CE   C N N 220 
MET OXT  O N N 221 
MET H    H N N 222 
MET H2   H N N 223 
MET HA   H N N 224 
MET HB2  H N N 225 
MET HB3  H N N 226 
MET HG2  H N N 227 
MET HG3  H N N 228 
MET HE1  H N N 229 
MET HE2  H N N 230 
MET HE3  H N N 231 
MET HXT  H N N 232 
PHE N    N N N 233 
PHE CA   C N S 234 
PHE C    C N N 235 
PHE O    O N N 236 
PHE CB   C N N 237 
PHE CG   C Y N 238 
PHE CD1  C Y N 239 
PHE CD2  C Y N 240 
PHE CE1  C Y N 241 
PHE CE2  C Y N 242 
PHE CZ   C Y N 243 
PHE OXT  O N N 244 
PHE H    H N N 245 
PHE H2   H N N 246 
PHE HA   H N N 247 
PHE HB2  H N N 248 
PHE HB3  H N N 249 
PHE HD1  H N N 250 
PHE HD2  H N N 251 
PHE HE1  H N N 252 
PHE HE2  H N N 253 
PHE HZ   H N N 254 
PHE HXT  H N N 255 
PRO N    N N N 256 
PRO CA   C N S 257 
PRO C    C N N 258 
PRO O    O N N 259 
PRO CB   C N N 260 
PRO CG   C N N 261 
PRO CD   C N N 262 
PRO OXT  O N N 263 
PRO H    H N N 264 
PRO HA   H N N 265 
PRO HB2  H N N 266 
PRO HB3  H N N 267 
PRO HG2  H N N 268 
PRO HG3  H N N 269 
PRO HD2  H N N 270 
PRO HD3  H N N 271 
PRO HXT  H N N 272 
SER N    N N N 273 
SER CA   C N S 274 
SER C    C N N 275 
SER O    O N N 276 
SER CB   C N N 277 
SER OG   O N N 278 
SER OXT  O N N 279 
SER H    H N N 280 
SER H2   H N N 281 
SER HA   H N N 282 
SER HB2  H N N 283 
SER HB3  H N N 284 
SER HG   H N N 285 
SER HXT  H N N 286 
THR N    N N N 287 
THR CA   C N S 288 
THR C    C N N 289 
THR O    O N N 290 
THR CB   C N R 291 
THR OG1  O N N 292 
THR CG2  C N N 293 
THR OXT  O N N 294 
THR H    H N N 295 
THR H2   H N N 296 
THR HA   H N N 297 
THR HB   H N N 298 
THR HG1  H N N 299 
THR HG21 H N N 300 
THR HG22 H N N 301 
THR HG23 H N N 302 
THR HXT  H N N 303 
TYR N    N N N 304 
TYR CA   C N S 305 
TYR C    C N N 306 
TYR O    O N N 307 
TYR CB   C N N 308 
TYR CG   C Y N 309 
TYR CD1  C Y N 310 
TYR CD2  C Y N 311 
TYR CE1  C Y N 312 
TYR CE2  C Y N 313 
TYR CZ   C Y N 314 
TYR OH   O N N 315 
TYR OXT  O N N 316 
TYR H    H N N 317 
TYR H2   H N N 318 
TYR HA   H N N 319 
TYR HB2  H N N 320 
TYR HB3  H N N 321 
TYR HD1  H N N 322 
TYR HD2  H N N 323 
TYR HE1  H N N 324 
TYR HE2  H N N 325 
TYR HH   H N N 326 
TYR HXT  H N N 327 
VAL N    N N N 328 
VAL CA   C N S 329 
VAL C    C N N 330 
VAL O    O N N 331 
VAL CB   C N N 332 
VAL CG1  C N N 333 
VAL CG2  C N N 334 
VAL OXT  O N N 335 
VAL H    H N N 336 
VAL H2   H N N 337 
VAL HA   H N N 338 
VAL HB   H N N 339 
VAL HG11 H N N 340 
VAL HG12 H N N 341 
VAL HG13 H N N 342 
VAL HG21 H N N 343 
VAL HG22 H N N 344 
VAL HG23 H N N 345 
VAL HXT  H N N 346 
# 
loop_
_chem_comp_bond.comp_id 
_chem_comp_bond.atom_id_1 
_chem_comp_bond.atom_id_2 
_chem_comp_bond.value_order 
_chem_comp_bond.pdbx_aromatic_flag 
_chem_comp_bond.pdbx_stereo_config 
_chem_comp_bond.pdbx_ordinal 
ALA N   CA   sing N N 1   
ALA N   H    sing N N 2   
ALA N   H2   sing N N 3   
ALA CA  C    sing N N 4   
ALA CA  CB   sing N N 5   
ALA CA  HA   sing N N 6   
ALA C   O    doub N N 7   
ALA C   OXT  sing N N 8   
ALA CB  HB1  sing N N 9   
ALA CB  HB2  sing N N 10  
ALA CB  HB3  sing N N 11  
ALA OXT HXT  sing N N 12  
ARG N   CA   sing N N 13  
ARG N   H    sing N N 14  
ARG N   H2   sing N N 15  
ARG CA  C    sing N N 16  
ARG CA  CB   sing N N 17  
ARG CA  HA   sing N N 18  
ARG C   O    doub N N 19  
ARG C   OXT  sing N N 20  
ARG CB  CG   sing N N 21  
ARG CB  HB2  sing N N 22  
ARG CB  HB3  sing N N 23  
ARG CG  CD   sing N N 24  
ARG CG  HG2  sing N N 25  
ARG CG  HG3  sing N N 26  
ARG CD  NE   sing N N 27  
ARG CD  HD2  sing N N 28  
ARG CD  HD3  sing N N 29  
ARG NE  CZ   sing N N 30  
ARG NE  HE   sing N N 31  
ARG CZ  NH1  sing N N 32  
ARG CZ  NH2  doub N N 33  
ARG NH1 HH11 sing N N 34  
ARG NH1 HH12 sing N N 35  
ARG NH2 HH21 sing N N 36  
ARG NH2 HH22 sing N N 37  
ARG OXT HXT  sing N N 38  
ASN N   CA   sing N N 39  
ASN N   H    sing N N 40  
ASN N   H2   sing N N 41  
ASN CA  C    sing N N 42  
ASN CA  CB   sing N N 43  
ASN CA  HA   sing N N 44  
ASN C   O    doub N N 45  
ASN C   OXT  sing N N 46  
ASN CB  CG   sing N N 47  
ASN CB  HB2  sing N N 48  
ASN CB  HB3  sing N N 49  
ASN CG  OD1  doub N N 50  
ASN CG  ND2  sing N N 51  
ASN ND2 HD21 sing N N 52  
ASN ND2 HD22 sing N N 53  
ASN OXT HXT  sing N N 54  
ASP N   CA   sing N N 55  
ASP N   H    sing N N 56  
ASP N   H2   sing N N 57  
ASP CA  C    sing N N 58  
ASP CA  CB   sing N N 59  
ASP CA  HA   sing N N 60  
ASP C   O    doub N N 61  
ASP C   OXT  sing N N 62  
ASP CB  CG   sing N N 63  
ASP CB  HB2  sing N N 64  
ASP CB  HB3  sing N N 65  
ASP CG  OD1  doub N N 66  
ASP CG  OD2  sing N N 67  
ASP OD2 HD2  sing N N 68  
ASP OXT HXT  sing N N 69  
GLN N   CA   sing N N 70  
GLN N   H    sing N N 71  
GLN N   H2   sing N N 72  
GLN CA  C    sing N N 73  
GLN CA  CB   sing N N 74  
GLN CA  HA   sing N N 75  
GLN C   O    doub N N 76  
GLN C   OXT  sing N N 77  
GLN CB  CG   sing N N 78  
GLN CB  HB2  sing N N 79  
GLN CB  HB3  sing N N 80  
GLN CG  CD   sing N N 81  
GLN CG  HG2  sing N N 82  
GLN CG  HG3  sing N N 83  
GLN CD  OE1  doub N N 84  
GLN CD  NE2  sing N N 85  
GLN NE2 HE21 sing N N 86  
GLN NE2 HE22 sing N N 87  
GLN OXT HXT  sing N N 88  
GLU N   CA   sing N N 89  
GLU N   H    sing N N 90  
GLU N   H2   sing N N 91  
GLU CA  C    sing N N 92  
GLU CA  CB   sing N N 93  
GLU CA  HA   sing N N 94  
GLU C   O    doub N N 95  
GLU C   OXT  sing N N 96  
GLU CB  CG   sing N N 97  
GLU CB  HB2  sing N N 98  
GLU CB  HB3  sing N N 99  
GLU CG  CD   sing N N 100 
GLU CG  HG2  sing N N 101 
GLU CG  HG3  sing N N 102 
GLU CD  OE1  doub N N 103 
GLU CD  OE2  sing N N 104 
GLU OE2 HE2  sing N N 105 
GLU OXT HXT  sing N N 106 
GLY N   CA   sing N N 107 
GLY N   H    sing N N 108 
GLY N   H2   sing N N 109 
GLY CA  C    sing N N 110 
GLY CA  HA2  sing N N 111 
GLY CA  HA3  sing N N 112 
GLY C   O    doub N N 113 
GLY C   OXT  sing N N 114 
GLY OXT HXT  sing N N 115 
HIS N   CA   sing N N 116 
HIS N   H    sing N N 117 
HIS N   H2   sing N N 118 
HIS CA  C    sing N N 119 
HIS CA  CB   sing N N 120 
HIS CA  HA   sing N N 121 
HIS C   O    doub N N 122 
HIS C   OXT  sing N N 123 
HIS CB  CG   sing N N 124 
HIS CB  HB2  sing N N 125 
HIS CB  HB3  sing N N 126 
HIS CG  ND1  sing Y N 127 
HIS CG  CD2  doub Y N 128 
HIS ND1 CE1  doub Y N 129 
HIS ND1 HD1  sing N N 130 
HIS CD2 NE2  sing Y N 131 
HIS CD2 HD2  sing N N 132 
HIS CE1 NE2  sing Y N 133 
HIS CE1 HE1  sing N N 134 
HIS NE2 HE2  sing N N 135 
HIS OXT HXT  sing N N 136 
ILE N   CA   sing N N 137 
ILE N   H    sing N N 138 
ILE N   H2   sing N N 139 
ILE CA  C    sing N N 140 
ILE CA  CB   sing N N 141 
ILE CA  HA   sing N N 142 
ILE C   O    doub N N 143 
ILE C   OXT  sing N N 144 
ILE CB  CG1  sing N N 145 
ILE CB  CG2  sing N N 146 
ILE CB  HB   sing N N 147 
ILE CG1 CD1  sing N N 148 
ILE CG1 HG12 sing N N 149 
ILE CG1 HG13 sing N N 150 
ILE CG2 HG21 sing N N 151 
ILE CG2 HG22 sing N N 152 
ILE CG2 HG23 sing N N 153 
ILE CD1 HD11 sing N N 154 
ILE CD1 HD12 sing N N 155 
ILE CD1 HD13 sing N N 156 
ILE OXT HXT  sing N N 157 
LEU N   CA   sing N N 158 
LEU N   H    sing N N 159 
LEU N   H2   sing N N 160 
LEU CA  C    sing N N 161 
LEU CA  CB   sing N N 162 
LEU CA  HA   sing N N 163 
LEU C   O    doub N N 164 
LEU C   OXT  sing N N 165 
LEU CB  CG   sing N N 166 
LEU CB  HB2  sing N N 167 
LEU CB  HB3  sing N N 168 
LEU CG  CD1  sing N N 169 
LEU CG  CD2  sing N N 170 
LEU CG  HG   sing N N 171 
LEU CD1 HD11 sing N N 172 
LEU CD1 HD12 sing N N 173 
LEU CD1 HD13 sing N N 174 
LEU CD2 HD21 sing N N 175 
LEU CD2 HD22 sing N N 176 
LEU CD2 HD23 sing N N 177 
LEU OXT HXT  sing N N 178 
LYS N   CA   sing N N 179 
LYS N   H    sing N N 180 
LYS N   H2   sing N N 181 
LYS CA  C    sing N N 182 
LYS CA  CB   sing N N 183 
LYS CA  HA   sing N N 184 
LYS C   O    doub N N 185 
LYS C   OXT  sing N N 186 
LYS CB  CG   sing N N 187 
LYS CB  HB2  sing N N 188 
LYS CB  HB3  sing N N 189 
LYS CG  CD   sing N N 190 
LYS CG  HG2  sing N N 191 
LYS CG  HG3  sing N N 192 
LYS CD  CE   sing N N 193 
LYS CD  HD2  sing N N 194 
LYS CD  HD3  sing N N 195 
LYS CE  NZ   sing N N 196 
LYS CE  HE2  sing N N 197 
LYS CE  HE3  sing N N 198 
LYS NZ  HZ1  sing N N 199 
LYS NZ  HZ2  sing N N 200 
LYS NZ  HZ3  sing N N 201 
LYS OXT HXT  sing N N 202 
MET N   CA   sing N N 203 
MET N   H    sing N N 204 
MET N   H2   sing N N 205 
MET CA  C    sing N N 206 
MET CA  CB   sing N N 207 
MET CA  HA   sing N N 208 
MET C   O    doub N N 209 
MET C   OXT  sing N N 210 
MET CB  CG   sing N N 211 
MET CB  HB2  sing N N 212 
MET CB  HB3  sing N N 213 
MET CG  SD   sing N N 214 
MET CG  HG2  sing N N 215 
MET CG  HG3  sing N N 216 
MET SD  CE   sing N N 217 
MET CE  HE1  sing N N 218 
MET CE  HE2  sing N N 219 
MET CE  HE3  sing N N 220 
MET OXT HXT  sing N N 221 
PHE N   CA   sing N N 222 
PHE N   H    sing N N 223 
PHE N   H2   sing N N 224 
PHE CA  C    sing N N 225 
PHE CA  CB   sing N N 226 
PHE CA  HA   sing N N 227 
PHE C   O    doub N N 228 
PHE C   OXT  sing N N 229 
PHE CB  CG   sing N N 230 
PHE CB  HB2  sing N N 231 
PHE CB  HB3  sing N N 232 
PHE CG  CD1  doub Y N 233 
PHE CG  CD2  sing Y N 234 
PHE CD1 CE1  sing Y N 235 
PHE CD1 HD1  sing N N 236 
PHE CD2 CE2  doub Y N 237 
PHE CD2 HD2  sing N N 238 
PHE CE1 CZ   doub Y N 239 
PHE CE1 HE1  sing N N 240 
PHE CE2 CZ   sing Y N 241 
PHE CE2 HE2  sing N N 242 
PHE CZ  HZ   sing N N 243 
PHE OXT HXT  sing N N 244 
PRO N   CA   sing N N 245 
PRO N   CD   sing N N 246 
PRO N   H    sing N N 247 
PRO CA  C    sing N N 248 
PRO CA  CB   sing N N 249 
PRO CA  HA   sing N N 250 
PRO C   O    doub N N 251 
PRO C   OXT  sing N N 252 
PRO CB  CG   sing N N 253 
PRO CB  HB2  sing N N 254 
PRO CB  HB3  sing N N 255 
PRO CG  CD   sing N N 256 
PRO CG  HG2  sing N N 257 
PRO CG  HG3  sing N N 258 
PRO CD  HD2  sing N N 259 
PRO CD  HD3  sing N N 260 
PRO OXT HXT  sing N N 261 
SER N   CA   sing N N 262 
SER N   H    sing N N 263 
SER N   H2   sing N N 264 
SER CA  C    sing N N 265 
SER CA  CB   sing N N 266 
SER CA  HA   sing N N 267 
SER C   O    doub N N 268 
SER C   OXT  sing N N 269 
SER CB  OG   sing N N 270 
SER CB  HB2  sing N N 271 
SER CB  HB3  sing N N 272 
SER OG  HG   sing N N 273 
SER OXT HXT  sing N N 274 
THR N   CA   sing N N 275 
THR N   H    sing N N 276 
THR N   H2   sing N N 277 
THR CA  C    sing N N 278 
THR CA  CB   sing N N 279 
THR CA  HA   sing N N 280 
THR C   O    doub N N 281 
THR C   OXT  sing N N 282 
THR CB  OG1  sing N N 283 
THR CB  CG2  sing N N 284 
THR CB  HB   sing N N 285 
THR OG1 HG1  sing N N 286 
THR CG2 HG21 sing N N 287 
THR CG2 HG22 sing N N 288 
THR CG2 HG23 sing N N 289 
THR OXT HXT  sing N N 290 
TYR N   CA   sing N N 291 
TYR N   H    sing N N 292 
TYR N   H2   sing N N 293 
TYR CA  C    sing N N 294 
TYR CA  CB   sing N N 295 
TYR CA  HA   sing N N 296 
TYR C   O    doub N N 297 
TYR C   OXT  sing N N 298 
TYR CB  CG   sing N N 299 
TYR CB  HB2  sing N N 300 
TYR CB  HB3  sing N N 301 
TYR CG  CD1  doub Y N 302 
TYR CG  CD2  sing Y N 303 
TYR CD1 CE1  sing Y N 304 
TYR CD1 HD1  sing N N 305 
TYR CD2 CE2  doub Y N 306 
TYR CD2 HD2  sing N N 307 
TYR CE1 CZ   doub Y N 308 
TYR CE1 HE1  sing N N 309 
TYR CE2 CZ   sing Y N 310 
TYR CE2 HE2  sing N N 311 
TYR CZ  OH   sing N N 312 
TYR OH  HH   sing N N 313 
TYR OXT HXT  sing N N 314 
VAL N   CA   sing N N 315 
VAL N   H    sing N N 316 
VAL N   H2   sing N N 317 
VAL CA  C    sing N N 318 
VAL CA  CB   sing N N 319 
VAL CA  HA   sing N N 320 
VAL C   O    doub N N 321 
VAL C   OXT  sing N N 322 
VAL CB  CG1  sing N N 323 
VAL CB  CG2  sing N N 324 
VAL CB  HB   sing N N 325 
VAL CG1 HG11 sing N N 326 
VAL CG1 HG12 sing N N 327 
VAL CG1 HG13 sing N N 328 
VAL CG2 HG21 sing N N 329 
VAL CG2 HG22 sing N N 330 
VAL CG2 HG23 sing N N 331 
VAL OXT HXT  sing N N 332 
# 
loop_
_pdbx_nmr_spectrometer.spectrometer_id 
_pdbx_nmr_spectrometer.type 
_pdbx_nmr_spectrometer.manufacturer 
_pdbx_nmr_spectrometer.model 
_pdbx_nmr_spectrometer.field_strength 
1 ? Bruker DRX   500 
2 ? Varian INOVA 500 
# 
_atom_sites.entry_id                    1IQS 
_atom_sites.fract_transf_matrix[1][1]   1.000000 
_atom_sites.fract_transf_matrix[1][2]   0.000000 
_atom_sites.fract_transf_matrix[1][3]   0.000000 
_atom_sites.fract_transf_matrix[2][1]   0.000000 
_atom_sites.fract_transf_matrix[2][2]   1.000000 
_atom_sites.fract_transf_matrix[2][3]   0.000000 
_atom_sites.fract_transf_matrix[3][1]   0.000000 
_atom_sites.fract_transf_matrix[3][2]   0.000000 
_atom_sites.fract_transf_matrix[3][3]   1.000000 
_atom_sites.fract_transf_vector[1]      0.00000 
_atom_sites.fract_transf_vector[2]      0.00000 
_atom_sites.fract_transf_vector[3]      0.00000 
# 
loop_
_atom_type.symbol 
C 
H 
N 
O 
# 
loop_
_atom_site.group_PDB 
_atom_site.id 
_atom_site.type_symbol 
_atom_site.label_atom_id 
_atom_site.label_alt_id 
_atom_site.label_comp_id 
_atom_site.label_asym_id 
_atom_site.label_entity_id 
_atom_site.label_seq_id 
_atom_site.pdbx_PDB_ins_code 
_atom_site.Cartn_x 
_atom_site.Cartn_y 
_atom_site.Cartn_z 
_atom_site.occupancy 
_atom_site.B_iso_or_equiv 
_atom_site.pdbx_formal_charge 
_atom_site.auth_seq_id 
_atom_site.auth_comp_id 
_atom_site.auth_asym_id 
_atom_site.auth_atom_id 
_atom_site.pdbx_PDB_model_num 
ATOM 1    N N    . LEU A 1 1  ? 4.485   22.686  -7.808  1.00 0.00 ? 1  LEU A N    1 
ATOM 2    C CA   . LEU A 1 1  ? 5.328   22.541  -9.024  1.00 0.00 ? 1  LEU A CA   1 
ATOM 3    C C    . LEU A 1 1  ? 6.298   21.372  -8.884  1.00 0.00 ? 1  LEU A C    1 
ATOM 4    O O    . LEU A 1 1  ? 7.498   21.520  -9.113  1.00 0.00 ? 1  LEU A O    1 
ATOM 5    C CB   . LEU A 1 1  ? 6.098   23.844  -9.241  1.00 0.00 ? 1  LEU A CB   1 
ATOM 6    C CG   . LEU A 1 1  ? 5.546   25.056  -8.488  1.00 0.00 ? 1  LEU A CG   1 
ATOM 7    C CD1  . LEU A 1 1  ? 6.616   26.127  -8.344  1.00 0.00 ? 1  LEU A CD1  1 
ATOM 8    C CD2  . LEU A 1 1  ? 4.324   25.613  -9.201  1.00 0.00 ? 1  LEU A CD2  1 
ATOM 9    H H1   . LEU A 1 1  ? 3.939   21.809  -7.694  1.00 0.00 ? 1  LEU A H1   1 
ATOM 10   H H2   . LEU A 1 1  ? 3.858   23.503  -7.954  1.00 0.00 ? 1  LEU A H2   1 
ATOM 11   H H3   . LEU A 1 1  ? 5.119   22.838  -6.999  1.00 0.00 ? 1  LEU A H3   1 
ATOM 12   H HA   . LEU A 1 1  ? 4.682   22.364  -9.871  1.00 0.00 ? 1  LEU A HA   1 
ATOM 13   H HB2  . LEU A 1 1  ? 7.122   23.688  -8.931  1.00 0.00 ? 1  LEU A HB2  1 
ATOM 14   H HB3  . LEU A 1 1  ? 6.090   24.071  -10.297 1.00 0.00 ? 1  LEU A HB3  1 
ATOM 15   H HG   . LEU A 1 1  ? 5.246   24.749  -7.496  1.00 0.00 ? 1  LEU A HG   1 
ATOM 16   H HD11 . LEU A 1 1  ? 7.575   25.716  -8.622  1.00 0.00 ? 1  LEU A HD11 1 
ATOM 17   H HD12 . LEU A 1 1  ? 6.652   26.465  -7.319  1.00 0.00 ? 1  LEU A HD12 1 
ATOM 18   H HD13 . LEU A 1 1  ? 6.380   26.960  -8.990  1.00 0.00 ? 1  LEU A HD13 1 
ATOM 19   H HD21 . LEU A 1 1  ? 4.628   26.393  -9.882  1.00 0.00 ? 1  LEU A HD21 1 
ATOM 20   H HD22 . LEU A 1 1  ? 3.636   26.019  -8.474  1.00 0.00 ? 1  LEU A HD22 1 
ATOM 21   H HD23 . LEU A 1 1  ? 3.837   24.823  -9.753  1.00 0.00 ? 1  LEU A HD23 1 
ATOM 22   N N    . PHE A 1 2  ? 5.770   20.212  -8.509  1.00 0.00 ? 2  PHE A N    1 
ATOM 23   C CA   . PHE A 1 2  ? 6.590   19.018  -8.340  1.00 0.00 ? 2  PHE A CA   1 
ATOM 24   C C    . PHE A 1 2  ? 5.740   17.756  -8.437  1.00 0.00 ? 2  PHE A C    1 
ATOM 25   O O    . PHE A 1 2  ? 4.564   17.813  -8.798  1.00 0.00 ? 2  PHE A O    1 
ATOM 26   C CB   . PHE A 1 2  ? 7.313   19.057  -6.993  1.00 0.00 ? 2  PHE A CB   1 
ATOM 27   C CG   . PHE A 1 2  ? 8.213   20.249  -6.829  1.00 0.00 ? 2  PHE A CG   1 
ATOM 28   C CD1  . PHE A 1 2  ? 9.373   20.366  -7.577  1.00 0.00 ? 2  PHE A CD1  1 
ATOM 29   C CD2  . PHE A 1 2  ? 7.898   21.251  -5.925  1.00 0.00 ? 2  PHE A CD2  1 
ATOM 30   C CE1  . PHE A 1 2  ? 10.202  21.461  -7.428  1.00 0.00 ? 2  PHE A CE1  1 
ATOM 31   C CE2  . PHE A 1 2  ? 8.724   22.349  -5.772  1.00 0.00 ? 2  PHE A CE2  1 
ATOM 32   C CZ   . PHE A 1 2  ? 9.878   22.454  -6.524  1.00 0.00 ? 2  PHE A CZ   1 
ATOM 33   H H    . PHE A 1 2  ? 4.806   20.158  -8.341  1.00 0.00 ? 2  PHE A H    1 
ATOM 34   H HA   . PHE A 1 2  ? 7.324   19.005  -9.132  1.00 0.00 ? 2  PHE A HA   1 
ATOM 35   H HB2  . PHE A 1 2  ? 6.581   19.083  -6.199  1.00 0.00 ? 2  PHE A HB2  1 
ATOM 36   H HB3  . PHE A 1 2  ? 7.916   18.167  -6.890  1.00 0.00 ? 2  PHE A HB3  1 
ATOM 37   H HD1  . PHE A 1 2  ? 9.628   19.591  -8.284  1.00 0.00 ? 2  PHE A HD1  1 
ATOM 38   H HD2  . PHE A 1 2  ? 6.997   21.170  -5.336  1.00 0.00 ? 2  PHE A HD2  1 
ATOM 39   H HE1  . PHE A 1 2  ? 11.104  21.541  -8.018  1.00 0.00 ? 2  PHE A HE1  1 
ATOM 40   H HE2  . PHE A 1 2  ? 8.468   23.124  -5.064  1.00 0.00 ? 2  PHE A HE2  1 
ATOM 41   H HZ   . PHE A 1 2  ? 10.525  23.310  -6.406  1.00 0.00 ? 2  PHE A HZ   1 
ATOM 42   N N    . ILE A 1 3  ? 6.343   16.616  -8.112  1.00 0.00 ? 3  ILE A N    1 
ATOM 43   C CA   . ILE A 1 3  ? 5.640   15.339  -8.163  1.00 0.00 ? 3  ILE A CA   1 
ATOM 44   C C    . ILE A 1 3  ? 4.853   15.095  -6.880  1.00 0.00 ? 3  ILE A C    1 
ATOM 45   O O    . ILE A 1 3  ? 5.366   14.509  -5.927  1.00 0.00 ? 3  ILE A O    1 
ATOM 46   C CB   . ILE A 1 3  ? 6.617   14.168  -8.383  1.00 0.00 ? 3  ILE A CB   1 
ATOM 47   C CG1  . ILE A 1 3  ? 7.281   14.280  -9.756  1.00 0.00 ? 3  ILE A CG1  1 
ATOM 48   C CG2  . ILE A 1 3  ? 5.891   12.839  -8.246  1.00 0.00 ? 3  ILE A CG2  1 
ATOM 49   C CD1  . ILE A 1 3  ? 8.042   15.574  -9.956  1.00 0.00 ? 3  ILE A CD1  1 
ATOM 50   H H    . ILE A 1 3  ? 7.281   16.635  -7.832  1.00 0.00 ? 3  ILE A H    1 
ATOM 51   H HA   . ILE A 1 3  ? 4.953   15.369  -8.995  1.00 0.00 ? 3  ILE A HA   1 
ATOM 52   H HB   . ILE A 1 3  ? 7.378   14.216  -7.618  1.00 0.00 ? 3  ILE A HB   1 
ATOM 53   H HG12 . ILE A 1 3  ? 7.977   13.465  -9.880  1.00 0.00 ? 3  ILE A HG12 1 
ATOM 54   H HG13 . ILE A 1 3  ? 6.522   14.220  -10.522 1.00 0.00 ? 3  ILE A HG13 1 
ATOM 55   H HG21 . ILE A 1 3  ? 6.344   12.112  -8.903  1.00 0.00 ? 3  ILE A HG21 1 
ATOM 56   H HG22 . ILE A 1 3  ? 4.851   12.968  -8.512  1.00 0.00 ? 3  ILE A HG22 1 
ATOM 57   H HG23 . ILE A 1 3  ? 5.959   12.494  -7.224  1.00 0.00 ? 3  ILE A HG23 1 
ATOM 58   H HD11 . ILE A 1 3  ? 8.708   15.472  -10.801 1.00 0.00 ? 3  ILE A HD11 1 
ATOM 59   H HD12 . ILE A 1 3  ? 8.616   15.794  -9.069  1.00 0.00 ? 3  ILE A HD12 1 
ATOM 60   H HD13 . ILE A 1 3  ? 7.344   16.377  -10.143 1.00 0.00 ? 3  ILE A HD13 1 
ATOM 61   N N    . ALA A 1 4  ? 3.603   15.546  -6.864  1.00 0.00 ? 4  ALA A N    1 
ATOM 62   C CA   . ALA A 1 4  ? 2.744   15.377  -5.698  1.00 0.00 ? 4  ALA A CA   1 
ATOM 63   C C    . ALA A 1 4  ? 2.719   13.922  -5.241  1.00 0.00 ? 4  ALA A C    1 
ATOM 64   O O    . ALA A 1 4  ? 1.919   13.122  -5.728  1.00 0.00 ? 4  ALA A O    1 
ATOM 65   C CB   . ALA A 1 4  ? 1.335   15.859  -6.007  1.00 0.00 ? 4  ALA A CB   1 
ATOM 66   H H    . ALA A 1 4  ? 3.250   16.005  -7.654  1.00 0.00 ? 4  ALA A H    1 
ATOM 67   H HA   . ALA A 1 4  ? 3.141   15.988  -4.900  1.00 0.00 ? 4  ALA A HA   1 
ATOM 68   H HB1  . ALA A 1 4  ? 0.637   15.047  -5.866  1.00 0.00 ? 4  ALA A HB1  1 
ATOM 69   H HB2  . ALA A 1 4  ? 1.288   16.201  -7.031  1.00 0.00 ? 4  ALA A HB2  1 
ATOM 70   H HB3  . ALA A 1 4  ? 1.080   16.672  -5.344  1.00 0.00 ? 4  ALA A HB3  1 
ATOM 71   N N    . THR A 1 5  ? 3.599   13.586  -4.305  1.00 0.00 ? 5  THR A N    1 
ATOM 72   C CA   . THR A 1 5  ? 3.678   12.227  -3.782  1.00 0.00 ? 5  THR A CA   1 
ATOM 73   C C    . THR A 1 5  ? 2.781   12.062  -2.560  1.00 0.00 ? 5  THR A C    1 
ATOM 74   O O    . THR A 1 5  ? 3.015   12.673  -1.519  1.00 0.00 ? 5  THR A O    1 
ATOM 75   C CB   . THR A 1 5  ? 5.123   11.880  -3.419  1.00 0.00 ? 5  THR A CB   1 
ATOM 76   O OG1  . THR A 1 5  ? 5.851   13.048  -3.089  1.00 0.00 ? 5  THR A OG1  1 
ATOM 77   C CG2  . THR A 1 5  ? 5.867   11.175  -4.534  1.00 0.00 ? 5  THR A CG2  1 
ATOM 78   H H    . THR A 1 5  ? 4.211   14.268  -3.957  1.00 0.00 ? 5  THR A H    1 
ATOM 79   H HA   . THR A 1 5  ? 3.339   11.555  -4.557  1.00 0.00 ? 5  THR A HA   1 
ATOM 80   H HB   . THR A 1 5  ? 5.119   11.226  -2.559  1.00 0.00 ? 5  THR A HB   1 
ATOM 81   H HG1  . THR A 1 5  ? 6.771   12.821  -2.941  1.00 0.00 ? 5  THR A HG1  1 
ATOM 82   H HG21 . THR A 1 5  ? 6.922   11.161  -4.308  1.00 0.00 ? 5  THR A HG21 1 
ATOM 83   H HG22 . THR A 1 5  ? 5.704   11.700  -5.463  1.00 0.00 ? 5  THR A HG22 1 
ATOM 84   H HG23 . THR A 1 5  ? 5.504   10.162  -4.625  1.00 0.00 ? 5  THR A HG23 1 
ATOM 85   N N    . LEU A 1 6  ? 1.751   11.231  -2.696  1.00 0.00 ? 6  LEU A N    1 
ATOM 86   C CA   . LEU A 1 6  ? 0.819   10.986  -1.602  1.00 0.00 ? 6  LEU A CA   1 
ATOM 87   C C    . LEU A 1 6  ? 1.096   9.639   -0.942  1.00 0.00 ? 6  LEU A C    1 
ATOM 88   O O    . LEU A 1 6  ? 1.413   8.659   -1.617  1.00 0.00 ? 6  LEU A O    1 
ATOM 89   C CB   . LEU A 1 6  ? -0.623  11.029  -2.113  1.00 0.00 ? 6  LEU A CB   1 
ATOM 90   C CG   . LEU A 1 6  ? -1.517  12.071  -1.439  1.00 0.00 ? 6  LEU A CG   1 
ATOM 91   C CD1  . LEU A 1 6  ? -0.745  13.357  -1.191  1.00 0.00 ? 6  LEU A CD1  1 
ATOM 92   C CD2  . LEU A 1 6  ? -2.751  12.342  -2.286  1.00 0.00 ? 6  LEU A CD2  1 
ATOM 93   H H    . LEU A 1 6  ? 1.617   10.773  -3.551  1.00 0.00 ? 6  LEU A H    1 
ATOM 94   H HA   . LEU A 1 6  ? 0.956   11.766  -0.868  1.00 0.00 ? 6  LEU A HA   1 
ATOM 95   H HB2  . LEU A 1 6  ? -0.599  11.237  -3.174  1.00 0.00 ? 6  LEU A HB2  1 
ATOM 96   H HB3  . LEU A 1 6  ? -1.065  10.057  -1.964  1.00 0.00 ? 6  LEU A HB3  1 
ATOM 97   H HG   . LEU A 1 6  ? -1.844  11.689  -0.483  1.00 0.00 ? 6  LEU A HG   1 
ATOM 98   H HD11 . LEU A 1 6  ? -0.117  13.570  -2.042  1.00 0.00 ? 6  LEU A HD11 1 
ATOM 99   H HD12 . LEU A 1 6  ? -0.132  13.245  -0.310  1.00 0.00 ? 6  LEU A HD12 1 
ATOM 100  H HD13 . LEU A 1 6  ? -1.440  14.172  -1.045  1.00 0.00 ? 6  LEU A HD13 1 
ATOM 101  H HD21 . LEU A 1 6  ? -2.575  13.204  -2.913  1.00 0.00 ? 6  LEU A HD21 1 
ATOM 102  H HD22 . LEU A 1 6  ? -3.597  12.531  -1.642  1.00 0.00 ? 6  LEU A HD22 1 
ATOM 103  H HD23 . LEU A 1 6  ? -2.956  11.482  -2.908  1.00 0.00 ? 6  LEU A HD23 1 
ATOM 104  N N    . LYS A 1 7  ? 0.972   9.596   0.380   1.00 0.00 ? 7  LYS A N    1 
ATOM 105  C CA   . LYS A 1 7  ? 1.208   8.369   1.132   1.00 0.00 ? 7  LYS A CA   1 
ATOM 106  C C    . LYS A 1 7  ? 0.177   8.206   2.244   1.00 0.00 ? 7  LYS A C    1 
ATOM 107  O O    . LYS A 1 7  ? 0.319   8.777   3.325   1.00 0.00 ? 7  LYS A O    1 
ATOM 108  C CB   . LYS A 1 7  ? 2.618   8.373   1.725   1.00 0.00 ? 7  LYS A CB   1 
ATOM 109  C CG   . LYS A 1 7  ? 3.716   8.211   0.687   1.00 0.00 ? 7  LYS A CG   1 
ATOM 110  C CD   . LYS A 1 7  ? 5.064   8.663   1.225   1.00 0.00 ? 7  LYS A CD   1 
ATOM 111  C CE   . LYS A 1 7  ? 6.046   7.505   1.307   1.00 0.00 ? 7  LYS A CE   1 
ATOM 112  N NZ   . LYS A 1 7  ? 7.460   7.974   1.269   1.00 0.00 ? 7  LYS A NZ   1 
ATOM 113  H H    . LYS A 1 7  ? 0.716   10.411  0.863   1.00 0.00 ? 7  LYS A H    1 
ATOM 114  H HA   . LYS A 1 7  ? 1.117   7.540   0.447   1.00 0.00 ? 7  LYS A HA   1 
ATOM 115  H HB2  . LYS A 1 7  ? 2.777   9.309   2.242   1.00 0.00 ? 7  LYS A HB2  1 
ATOM 116  H HB3  . LYS A 1 7  ? 2.701   7.563   2.434   1.00 0.00 ? 7  LYS A HB3  1 
ATOM 117  H HG2  . LYS A 1 7  ? 3.782   7.170   0.406   1.00 0.00 ? 7  LYS A HG2  1 
ATOM 118  H HG3  . LYS A 1 7  ? 3.467   8.804   -0.181  1.00 0.00 ? 7  LYS A HG3  1 
ATOM 119  H HD2  . LYS A 1 7  ? 5.468   9.419   0.568   1.00 0.00 ? 7  LYS A HD2  1 
ATOM 120  H HD3  . LYS A 1 7  ? 4.925   9.076   2.213   1.00 0.00 ? 7  LYS A HD3  1 
ATOM 121  H HE2  . LYS A 1 7  ? 5.878   6.972   2.230   1.00 0.00 ? 7  LYS A HE2  1 
ATOM 122  H HE3  . LYS A 1 7  ? 5.873   6.843   0.472   1.00 0.00 ? 7  LYS A HE3  1 
ATOM 123  H HZ1  . LYS A 1 7  ? 7.752   8.304   2.212   1.00 0.00 ? 7  LYS A HZ1  1 
ATOM 124  H HZ2  . LYS A 1 7  ? 7.559   8.758   0.593   1.00 0.00 ? 7  LYS A HZ2  1 
ATOM 125  H HZ3  . LYS A 1 7  ? 8.086   7.196   0.976   1.00 0.00 ? 7  LYS A HZ3  1 
ATOM 126  N N    . GLY A 1 8  ? -0.861  7.423   1.969   1.00 0.00 ? 8  GLY A N    1 
ATOM 127  C CA   . GLY A 1 8  ? -1.901  7.199   2.956   1.00 0.00 ? 8  GLY A CA   1 
ATOM 128  C C    . GLY A 1 8  ? -1.681  5.927   3.753   1.00 0.00 ? 8  GLY A C    1 
ATOM 129  O O    . GLY A 1 8  ? -1.514  4.849   3.182   1.00 0.00 ? 8  GLY A O    1 
ATOM 130  H H    . GLY A 1 8  ? -0.922  6.993   1.090   1.00 0.00 ? 8  GLY A H    1 
ATOM 131  H HA2  . GLY A 1 8  ? -1.924  8.037   3.635   1.00 0.00 ? 8  GLY A HA2  1 
ATOM 132  H HA3  . GLY A 1 8  ? -2.853  7.132   2.450   1.00 0.00 ? 8  GLY A HA3  1 
ATOM 133  N N    . ILE A 1 9  ? -1.681  6.054   5.076   1.00 0.00 ? 9  ILE A N    1 
ATOM 134  C CA   . ILE A 1 9  ? -1.480  4.908   5.954   1.00 0.00 ? 9  ILE A CA   1 
ATOM 135  C C    . ILE A 1 9  ? -2.801  4.207   6.253   1.00 0.00 ? 9  ILE A C    1 
ATOM 136  O O    . ILE A 1 9  ? -3.763  4.838   6.693   1.00 0.00 ? 9  ILE A O    1 
ATOM 137  C CB   . ILE A 1 9  ? -0.822  5.325   7.282   1.00 0.00 ? 9  ILE A CB   1 
ATOM 138  C CG1  . ILE A 1 9  ? 0.589   5.862   7.030   1.00 0.00 ? 9  ILE A CG1  1 
ATOM 139  C CG2  . ILE A 1 9  ? -0.782  4.149   8.246   1.00 0.00 ? 9  ILE A CG2  1 
ATOM 140  C CD1  . ILE A 1 9  ? 1.380   6.100   8.299   1.00 0.00 ? 9  ILE A CD1  1 
ATOM 141  H H    . ILE A 1 9  ? -1.820  6.941   5.471   1.00 0.00 ? 9  ILE A H    1 
ATOM 142  H HA   . ILE A 1 9  ? -0.822  4.214   5.451   1.00 0.00 ? 9  ILE A HA   1 
ATOM 143  H HB   . ILE A 1 9  ? -1.421  6.104   7.727   1.00 0.00 ? 9  ILE A HB   1 
ATOM 144  H HG12 . ILE A 1 9  ? 1.136   5.152   6.427   1.00 0.00 ? 9  ILE A HG12 1 
ATOM 145  H HG13 . ILE A 1 9  ? 0.520   6.800   6.501   1.00 0.00 ? 9  ILE A HG13 1 
ATOM 146  H HG21 . ILE A 1 9  ? -1.771  3.979   8.647   1.00 0.00 ? 9  ILE A HG21 1 
ATOM 147  H HG22 . ILE A 1 9  ? -0.099  4.367   9.054   1.00 0.00 ? 9  ILE A HG22 1 
ATOM 148  H HG23 . ILE A 1 9  ? -0.450  3.265   7.722   1.00 0.00 ? 9  ILE A HG23 1 
ATOM 149  H HD11 . ILE A 1 9  ? 2.327   6.556   8.051   1.00 0.00 ? 9  ILE A HD11 1 
ATOM 150  H HD12 . ILE A 1 9  ? 1.554   5.157   8.796   1.00 0.00 ? 9  ILE A HD12 1 
ATOM 151  H HD13 . ILE A 1 9  ? 0.824   6.754   8.953   1.00 0.00 ? 9  ILE A HD13 1 
ATOM 152  N N    . PHE A 1 10 ? -2.841  2.902   6.012   1.00 0.00 ? 10 PHE A N    1 
ATOM 153  C CA   . PHE A 1 10 ? -4.045  2.116   6.256   1.00 0.00 ? 10 PHE A CA   1 
ATOM 154  C C    . PHE A 1 10 ? -3.804  1.072   7.342   1.00 0.00 ? 10 PHE A C    1 
ATOM 155  O O    . PHE A 1 10 ? -3.184  0.037   7.097   1.00 0.00 ? 10 PHE A O    1 
ATOM 156  C CB   . PHE A 1 10 ? -4.502  1.429   4.966   1.00 0.00 ? 10 PHE A CB   1 
ATOM 157  C CG   . PHE A 1 10 ? -5.050  2.379   3.938   1.00 0.00 ? 10 PHE A CG   1 
ATOM 158  C CD1  . PHE A 1 10 ? -5.758  3.507   4.323   1.00 0.00 ? 10 PHE A CD1  1 
ATOM 159  C CD2  . PHE A 1 10 ? -4.857  2.142   2.587   1.00 0.00 ? 10 PHE A CD2  1 
ATOM 160  C CE1  . PHE A 1 10 ? -6.262  4.381   3.379   1.00 0.00 ? 10 PHE A CE1  1 
ATOM 161  C CE2  . PHE A 1 10 ? -5.360  3.012   1.639   1.00 0.00 ? 10 PHE A CE2  1 
ATOM 162  C CZ   . PHE A 1 10 ? -6.063  4.133   2.035   1.00 0.00 ? 10 PHE A CZ   1 
ATOM 163  H H    . PHE A 1 10 ? -2.042  2.455   5.662   1.00 0.00 ? 10 PHE A H    1 
ATOM 164  H HA   . PHE A 1 10 ? -4.820  2.791   6.589   1.00 0.00 ? 10 PHE A HA   1 
ATOM 165  H HB2  . PHE A 1 10 ? -3.663  0.913   4.526   1.00 0.00 ? 10 PHE A HB2  1 
ATOM 166  H HB3  . PHE A 1 10 ? -5.275  0.712   5.204   1.00 0.00 ? 10 PHE A HB3  1 
ATOM 167  H HD1  . PHE A 1 10 ? -5.914  3.702   5.373   1.00 0.00 ? 10 PHE A HD1  1 
ATOM 168  H HD2  . PHE A 1 10 ? -4.308  1.266   2.276   1.00 0.00 ? 10 PHE A HD2  1 
ATOM 169  H HE1  . PHE A 1 10 ? -6.813  5.255   3.692   1.00 0.00 ? 10 PHE A HE1  1 
ATOM 170  H HE2  . PHE A 1 10 ? -5.204  2.816   0.588   1.00 0.00 ? 10 PHE A HE2  1 
ATOM 171  H HZ   . PHE A 1 10 ? -6.457  4.814   1.295   1.00 0.00 ? 10 PHE A HZ   1 
ATOM 172  N N    . THR A 1 11 ? -4.298  1.351   8.544   1.00 0.00 ? 11 THR A N    1 
ATOM 173  C CA   . THR A 1 11 ? -4.134  0.436   9.669   1.00 0.00 ? 11 THR A CA   1 
ATOM 174  C C    . THR A 1 11 ? -5.468  -0.140  10.108  1.00 0.00 ? 11 THR A C    1 
ATOM 175  O O    . THR A 1 11 ? -6.426  0.592   10.358  1.00 0.00 ? 11 THR A O    1 
ATOM 176  C CB   . THR A 1 11 ? -3.458  1.147   10.842  1.00 0.00 ? 11 THR A CB   1 
ATOM 177  O OG1  . THR A 1 11 ? -4.414  1.825   11.637  1.00 0.00 ? 11 THR A OG1  1 
ATOM 178  C CG2  . THR A 1 11 ? -2.418  2.158   10.410  1.00 0.00 ? 11 THR A CG2  1 
ATOM 179  H H    . THR A 1 11 ? -4.782  2.191   8.680   1.00 0.00 ? 11 THR A H    1 
ATOM 180  H HA   . THR A 1 11 ? -3.512  -0.380  9.347   1.00 0.00 ? 11 THR A HA   1 
ATOM 181  H HB   . THR A 1 11 ? -2.965  0.410   11.460  1.00 0.00 ? 11 THR A HB   1 
ATOM 182  H HG1  . THR A 1 11 ? -4.195  1.717   12.566  1.00 0.00 ? 11 THR A HG1  1 
ATOM 183  H HG21 . THR A 1 11 ? -1.707  2.307   11.209  1.00 0.00 ? 11 THR A HG21 1 
ATOM 184  H HG22 . THR A 1 11 ? -2.903  3.096   10.179  1.00 0.00 ? 11 THR A HG22 1 
ATOM 185  H HG23 . THR A 1 11 ? -1.904  1.794   9.533   1.00 0.00 ? 11 THR A HG23 1 
ATOM 186  N N    . LEU A 1 12 ? -5.517  -1.462  10.200  1.00 0.00 ? 12 LEU A N    1 
ATOM 187  C CA   . LEU A 1 12 ? -6.725  -2.150  10.611  1.00 0.00 ? 12 LEU A CA   1 
ATOM 188  C C    . LEU A 1 12 ? -7.927  -1.637  9.820   1.00 0.00 ? 12 LEU A C    1 
ATOM 189  O O    . LEU A 1 12 ? -7.794  -1.233  8.665   1.00 0.00 ? 12 LEU A O    1 
ATOM 190  C CB   . LEU A 1 12 ? -6.943  -1.961  12.115  1.00 0.00 ? 12 LEU A CB   1 
ATOM 191  C CG   . LEU A 1 12 ? -5.662  -1.854  12.945  1.00 0.00 ? 12 LEU A CG   1 
ATOM 192  C CD1  . LEU A 1 12 ? -4.568  -2.729  12.353  1.00 0.00 ? 12 LEU A CD1  1 
ATOM 193  C CD2  . LEU A 1 12 ? -5.203  -0.407  13.031  1.00 0.00 ? 12 LEU A CD2  1 
ATOM 194  H H    . LEU A 1 12 ? -4.716  -1.986  9.988   1.00 0.00 ? 12 LEU A H    1 
ATOM 195  H HA   . LEU A 1 12 ? -6.596  -3.201  10.403  1.00 0.00 ? 12 LEU A HA   1 
ATOM 196  H HB2  . LEU A 1 12 ? -7.519  -1.060  12.263  1.00 0.00 ? 12 LEU A HB2  1 
ATOM 197  H HB3  . LEU A 1 12 ? -7.515  -2.799  12.483  1.00 0.00 ? 12 LEU A HB3  1 
ATOM 198  H HG   . LEU A 1 12 ? -5.862  -2.203  13.948  1.00 0.00 ? 12 LEU A HG   1 
ATOM 199  H HD11 . LEU A 1 12 ? -3.951  -2.137  11.695  1.00 0.00 ? 12 LEU A HD11 1 
ATOM 200  H HD12 . LEU A 1 12 ? -5.016  -3.539  11.797  1.00 0.00 ? 12 LEU A HD12 1 
ATOM 201  H HD13 . LEU A 1 12 ? -3.961  -3.133  13.150  1.00 0.00 ? 12 LEU A HD13 1 
ATOM 202  H HD21 . LEU A 1 12 ? -5.829  0.207   12.399  1.00 0.00 ? 12 LEU A HD21 1 
ATOM 203  H HD22 . LEU A 1 12 ? -4.177  -0.335  12.701  1.00 0.00 ? 12 LEU A HD22 1 
ATOM 204  H HD23 . LEU A 1 12 ? -5.277  -0.066  14.052  1.00 0.00 ? 12 LEU A HD23 1 
ATOM 205  N N    . LYS A 1 13 ? -9.097  -1.657  10.445  1.00 0.00 ? 13 LYS A N    1 
ATOM 206  C CA   . LYS A 1 13 ? -10.320 -1.197  9.799   1.00 0.00 ? 13 LYS A CA   1 
ATOM 207  C C    . LYS A 1 13 ? -10.410 0.324   9.829   1.00 0.00 ? 13 LYS A C    1 
ATOM 208  O O    . LYS A 1 13 ? -11.111 0.931   9.018   1.00 0.00 ? 13 LYS A O    1 
ATOM 209  C CB   . LYS A 1 13 ? -11.545 -1.806  10.486  1.00 0.00 ? 13 LYS A CB   1 
ATOM 210  C CG   . LYS A 1 13 ? -11.621 -3.319  10.364  1.00 0.00 ? 13 LYS A CG   1 
ATOM 211  C CD   . LYS A 1 13 ? -11.317 -3.781  8.947   1.00 0.00 ? 13 LYS A CD   1 
ATOM 212  C CE   . LYS A 1 13 ? -9.893  -4.295  8.822   1.00 0.00 ? 13 LYS A CE   1 
ATOM 213  N NZ   . LYS A 1 13 ? -9.674  -5.530  9.625   1.00 0.00 ? 13 LYS A NZ   1 
ATOM 214  H H    . LYS A 1 13 ? -9.139  -1.990  11.359  1.00 0.00 ? 13 LYS A H    1 
ATOM 215  H HA   . LYS A 1 13 ? -10.295 -1.525  8.771   1.00 0.00 ? 13 LYS A HA   1 
ATOM 216  H HB2  . LYS A 1 13 ? -11.519 -1.550  11.535  1.00 0.00 ? 13 LYS A HB2  1 
ATOM 217  H HB3  . LYS A 1 13 ? -12.437 -1.386  10.044  1.00 0.00 ? 13 LYS A HB3  1 
ATOM 218  H HG2  . LYS A 1 13 ? -10.901 -3.760  11.037  1.00 0.00 ? 13 LYS A HG2  1 
ATOM 219  H HG3  . LYS A 1 13 ? -12.615 -3.642  10.634  1.00 0.00 ? 13 LYS A HG3  1 
ATOM 220  H HD2  . LYS A 1 13 ? -12.000 -4.575  8.684   1.00 0.00 ? 13 LYS A HD2  1 
ATOM 221  H HD3  . LYS A 1 13 ? -11.452 -2.948  8.273   1.00 0.00 ? 13 LYS A HD3  1 
ATOM 222  H HE2  . LYS A 1 13 ? -9.691  -4.510  7.784   1.00 0.00 ? 13 LYS A HE2  1 
ATOM 223  H HE3  . LYS A 1 13 ? -9.215  -3.527  9.167   1.00 0.00 ? 13 LYS A HE3  1 
ATOM 224  H HZ1  . LYS A 1 13 ? -10.536 -5.767  10.156  1.00 0.00 ? 13 LYS A HZ1  1 
ATOM 225  H HZ2  . LYS A 1 13 ? -8.894  -5.387  10.296  1.00 0.00 ? 13 LYS A HZ2  1 
ATOM 226  H HZ3  . LYS A 1 13 ? -9.436  -6.326  8.998   1.00 0.00 ? 13 LYS A HZ3  1 
ATOM 227  N N    . ASP A 1 14 ? -9.694  0.936   10.765  1.00 0.00 ? 14 ASP A N    1 
ATOM 228  C CA   . ASP A 1 14 ? -9.690  2.388   10.897  1.00 0.00 ? 14 ASP A CA   1 
ATOM 229  C C    . ASP A 1 14 ? -8.761  3.029   9.868   1.00 0.00 ? 14 ASP A C    1 
ATOM 230  O O    . ASP A 1 14 ? -8.540  4.240   9.890   1.00 0.00 ? 14 ASP A O    1 
ATOM 231  C CB   . ASP A 1 14 ? -9.259  2.790   12.309  1.00 0.00 ? 14 ASP A CB   1 
ATOM 232  C CG   . ASP A 1 14 ? -10.022 3.994   12.825  1.00 0.00 ? 14 ASP A CG   1 
ATOM 233  O OD1  . ASP A 1 14 ? -11.030 4.373   12.193  1.00 0.00 ? 14 ASP A OD1  1 
ATOM 234  O OD2  . ASP A 1 14 ? -9.612  4.556   13.862  1.00 0.00 ? 14 ASP A OD2  1 
ATOM 235  H H    . ASP A 1 14 ? -9.152  0.398   11.381  1.00 0.00 ? 14 ASP A H    1 
ATOM 236  H HA   . ASP A 1 14 ? -10.695 2.738   10.725  1.00 0.00 ? 14 ASP A HA   1 
ATOM 237  H HB2  . ASP A 1 14 ? -9.431  1.963   12.981  1.00 0.00 ? 14 ASP A HB2  1 
ATOM 238  H HB3  . ASP A 1 14 ? -8.206  3.030   12.303  1.00 0.00 ? 14 ASP A HB3  1 
ATOM 239  N N    . LEU A 1 15 ? -8.220  2.212   8.968   1.00 0.00 ? 15 LEU A N    1 
ATOM 240  C CA   . LEU A 1 15 ? -7.315  2.705   7.936   1.00 0.00 ? 15 LEU A CA   1 
ATOM 241  C C    . LEU A 1 15 ? -7.907  3.879   7.147   1.00 0.00 ? 15 LEU A C    1 
ATOM 242  O O    . LEU A 1 15 ? -7.165  4.753   6.698   1.00 0.00 ? 15 LEU A O    1 
ATOM 243  C CB   . LEU A 1 15 ? -6.916  1.576   6.977   1.00 0.00 ? 15 LEU A CB   1 
ATOM 244  C CG   . LEU A 1 15 ? -8.053  0.668   6.503   1.00 0.00 ? 15 LEU A CG   1 
ATOM 245  C CD1  . LEU A 1 15 ? -8.842  1.336   5.388   1.00 0.00 ? 15 LEU A CD1  1 
ATOM 246  C CD2  . LEU A 1 15 ? -7.501  -0.671  6.036   1.00 0.00 ? 15 LEU A CD2  1 
ATOM 247  H H    . LEU A 1 15 ? -8.428  1.255   9.001   1.00 0.00 ? 15 LEU A H    1 
ATOM 248  H HA   . LEU A 1 15 ? -6.425  3.054   8.435   1.00 0.00 ? 15 LEU A HA   1 
ATOM 249  H HB2  . LEU A 1 15 ? -6.460  2.022   6.107   1.00 0.00 ? 15 LEU A HB2  1 
ATOM 250  H HB3  . LEU A 1 15 ? -6.179  0.961   7.470   1.00 0.00 ? 15 LEU A HB3  1 
ATOM 251  H HG   . LEU A 1 15 ? -8.727  0.481   7.326   1.00 0.00 ? 15 LEU A HG   1 
ATOM 252  H HD11 . LEU A 1 15 ? -8.492  0.973   4.432   1.00 0.00 ? 15 LEU A HD11 1 
ATOM 253  H HD12 . LEU A 1 15 ? -8.702  2.406   5.438   1.00 0.00 ? 15 LEU A HD12 1 
ATOM 254  H HD13 . LEU A 1 15 ? -9.891  1.104   5.498   1.00 0.00 ? 15 LEU A HD13 1 
ATOM 255  H HD21 . LEU A 1 15 ? -6.719  -0.990  6.706   1.00 0.00 ? 15 LEU A HD21 1 
ATOM 256  H HD22 . LEU A 1 15 ? -7.101  -0.565  5.038   1.00 0.00 ? 15 LEU A HD22 1 
ATOM 257  H HD23 . LEU A 1 15 ? -8.293  -1.405  6.030   1.00 0.00 ? 15 LEU A HD23 1 
ATOM 258  N N    . PRO A 1 16 ? -9.244  3.935   6.951   1.00 0.00 ? 16 PRO A N    1 
ATOM 259  C CA   . PRO A 1 16 ? -9.876  5.027   6.202   1.00 0.00 ? 16 PRO A CA   1 
ATOM 260  C C    . PRO A 1 16 ? -9.807  6.354   6.947   1.00 0.00 ? 16 PRO A C    1 
ATOM 261  O O    . PRO A 1 16 ? -10.830 6.988   7.205   1.00 0.00 ? 16 PRO A O    1 
ATOM 262  C CB   . PRO A 1 16 ? -11.334 4.577   6.048   1.00 0.00 ? 16 PRO A CB   1 
ATOM 263  C CG   . PRO A 1 16 ? -11.348 3.133   6.429   1.00 0.00 ? 16 PRO A CG   1 
ATOM 264  C CD   . PRO A 1 16 ? -10.242 2.967   7.425   1.00 0.00 ? 16 PRO A CD   1 
ATOM 265  H HA   . PRO A 1 16 ? -9.428  5.143   5.226   1.00 0.00 ? 16 PRO A HA   1 
ATOM 266  H HB2  . PRO A 1 16 ? -11.962 5.163   6.703   1.00 0.00 ? 16 PRO A HB2  1 
ATOM 267  H HB3  . PRO A 1 16 ? -11.647 4.715   5.024   1.00 0.00 ? 16 PRO A HB3  1 
ATOM 268  H HG2  . PRO A 1 16 ? -12.298 2.879   6.875   1.00 0.00 ? 16 PRO A HG2  1 
ATOM 269  H HG3  . PRO A 1 16 ? -11.165 2.521   5.559   1.00 0.00 ? 16 PRO A HG3  1 
ATOM 270  H HD2  . PRO A 1 16 ? -10.588 3.219   8.417   1.00 0.00 ? 16 PRO A HD2  1 
ATOM 271  H HD3  . PRO A 1 16 ? -9.854  1.963   7.400   1.00 0.00 ? 16 PRO A HD3  1 
ATOM 272  N N    . GLU A 1 17 ? -8.593  6.767   7.288   1.00 0.00 ? 17 GLU A N    1 
ATOM 273  C CA   . GLU A 1 17 ? -8.379  8.018   8.004   1.00 0.00 ? 17 GLU A CA   1 
ATOM 274  C C    . GLU A 1 17 ? -9.282  9.119   7.459   1.00 0.00 ? 17 GLU A C    1 
ATOM 275  O O    . GLU A 1 17 ? -9.652  10.047  8.180   1.00 0.00 ? 17 GLU A O    1 
ATOM 276  C CB   . GLU A 1 17 ? -6.912  8.442   7.900   1.00 0.00 ? 17 GLU A CB   1 
ATOM 277  C CG   . GLU A 1 17 ? -6.595  9.237   6.643   1.00 0.00 ? 17 GLU A CG   1 
ATOM 278  C CD   . GLU A 1 17 ? -6.429  10.719  6.918   1.00 0.00 ? 17 GLU A CD   1 
ATOM 279  O OE1  . GLU A 1 17 ? -6.701  11.145  8.060   1.00 0.00 ? 17 GLU A OE1  1 
ATOM 280  O OE2  . GLU A 1 17 ? -6.027  11.453  5.991   1.00 0.00 ? 17 GLU A OE2  1 
ATOM 281  H H    . GLU A 1 17 ? -7.820  6.216   7.051   1.00 0.00 ? 17 GLU A H    1 
ATOM 282  H HA   . GLU A 1 17 ? -8.622  7.851   9.043   1.00 0.00 ? 17 GLU A HA   1 
ATOM 283  H HB2  . GLU A 1 17 ? -6.663  9.049   8.757   1.00 0.00 ? 17 GLU A HB2  1 
ATOM 284  H HB3  . GLU A 1 17 ? -6.293  7.557   7.904   1.00 0.00 ? 17 GLU A HB3  1 
ATOM 285  H HG2  . GLU A 1 17 ? -5.677  8.862   6.217   1.00 0.00 ? 17 GLU A HG2  1 
ATOM 286  H HG3  . GLU A 1 17 ? -7.400  9.104   5.936   1.00 0.00 ? 17 GLU A HG3  1 
ATOM 287  N N    . GLU A 1 18 ? -9.634  9.011   6.182   1.00 0.00 ? 18 GLU A N    1 
ATOM 288  C CA   . GLU A 1 18 ? -10.494 9.997   5.541   1.00 0.00 ? 18 GLU A CA   1 
ATOM 289  C C    . GLU A 1 18 ? -11.934 9.845   6.002   1.00 0.00 ? 18 GLU A C    1 
ATOM 290  O O    . GLU A 1 18 ? -12.508 10.748  6.610   1.00 0.00 ? 18 GLU A O    1 
ATOM 291  C CB   . GLU A 1 18 ? -10.417 9.860   4.019   1.00 0.00 ? 18 GLU A CB   1 
ATOM 292  C CG   . GLU A 1 18 ? -9.864  11.094  3.324   1.00 0.00 ? 18 GLU A CG   1 
ATOM 293  C CD   . GLU A 1 18 ? -10.404 11.261  1.918   1.00 0.00 ? 18 GLU A CD   1 
ATOM 294  O OE1  . GLU A 1 18 ? -10.366 10.280  1.146   1.00 0.00 ? 18 GLU A OE1  1 
ATOM 295  O OE2  . GLU A 1 18 ? -10.865 12.374  1.587   1.00 0.00 ? 18 GLU A OE2  1 
ATOM 296  H H    . GLU A 1 18 ? -9.307  8.249   5.660   1.00 0.00 ? 18 GLU A H    1 
ATOM 297  H HA   . GLU A 1 18 ? -10.148 10.968  5.822   1.00 0.00 ? 18 GLU A HA   1 
ATOM 298  H HB2  . GLU A 1 18 ? -9.780  9.021   3.776   1.00 0.00 ? 18 GLU A HB2  1 
ATOM 299  H HB3  . GLU A 1 18 ? -11.409 9.670   3.636   1.00 0.00 ? 18 GLU A HB3  1 
ATOM 300  H HG2  . GLU A 1 18 ? -10.132 11.966  3.902   1.00 0.00 ? 18 GLU A HG2  1 
ATOM 301  H HG3  . GLU A 1 18 ? -8.788  11.011  3.275   1.00 0.00 ? 18 GLU A HG3  1 
ATOM 302  N N    . PHE A 1 19 ? -12.503 8.693   5.706   1.00 0.00 ? 19 PHE A N    1 
ATOM 303  C CA   . PHE A 1 19 ? -13.880 8.393   6.081   1.00 0.00 ? 19 PHE A CA   1 
ATOM 304  C C    . PHE A 1 19 ? -14.204 6.924   5.832   1.00 0.00 ? 19 PHE A C    1 
ATOM 305  O O    . PHE A 1 19 ? -14.014 6.079   6.707   1.00 0.00 ? 19 PHE A O    1 
ATOM 306  C CB   . PHE A 1 19 ? -14.848 9.281   5.297   1.00 0.00 ? 19 PHE A CB   1 
ATOM 307  C CG   . PHE A 1 19 ? -15.377 10.440  6.092   1.00 0.00 ? 19 PHE A CG   1 
ATOM 308  C CD1  . PHE A 1 19 ? -16.401 10.260  7.007   1.00 0.00 ? 19 PHE A CD1  1 
ATOM 309  C CD2  . PHE A 1 19 ? -14.849 11.710  5.924   1.00 0.00 ? 19 PHE A CD2  1 
ATOM 310  C CE1  . PHE A 1 19 ? -16.889 11.325  7.740   1.00 0.00 ? 19 PHE A CE1  1 
ATOM 311  C CE2  . PHE A 1 19 ? -15.334 12.780  6.654   1.00 0.00 ? 19 PHE A CE2  1 
ATOM 312  C CZ   . PHE A 1 19 ? -16.354 12.586  7.563   1.00 0.00 ? 19 PHE A CZ   1 
ATOM 313  H H    . PHE A 1 19 ? -11.979 8.027   5.223   1.00 0.00 ? 19 PHE A H    1 
ATOM 314  H HA   . PHE A 1 19 ? -13.989 8.600   7.134   1.00 0.00 ? 19 PHE A HA   1 
ATOM 315  H HB2  . PHE A 1 19 ? -14.341 9.677   4.430   1.00 0.00 ? 19 PHE A HB2  1 
ATOM 316  H HB3  . PHE A 1 19 ? -15.690 8.686   4.974   1.00 0.00 ? 19 PHE A HB3  1 
ATOM 317  H HD1  . PHE A 1 19 ? -16.819 9.274   7.147   1.00 0.00 ? 19 PHE A HD1  1 
ATOM 318  H HD2  . PHE A 1 19 ? -14.050 11.863  5.212   1.00 0.00 ? 19 PHE A HD2  1 
ATOM 319  H HE1  . PHE A 1 19 ? -17.688 11.171  8.451   1.00 0.00 ? 19 PHE A HE1  1 
ATOM 320  H HE2  . PHE A 1 19 ? -14.914 13.765  6.513   1.00 0.00 ? 19 PHE A HE2  1 
ATOM 321  H HZ   . PHE A 1 19 ? -16.735 13.420  8.136   1.00 0.00 ? 19 PHE A HZ   1 
ATOM 322  N N    . ARG A 1 20 ? -14.694 6.626   4.632   1.00 0.00 ? 20 ARG A N    1 
ATOM 323  C CA   . ARG A 1 20 ? -15.045 5.259   4.267   1.00 0.00 ? 20 ARG A CA   1 
ATOM 324  C C    . ARG A 1 20 ? -13.832 4.512   3.723   1.00 0.00 ? 20 ARG A C    1 
ATOM 325  O O    . ARG A 1 20 ? -12.963 5.102   3.080   1.00 0.00 ? 20 ARG A O    1 
ATOM 326  C CB   . ARG A 1 20 ? -16.167 5.260   3.227   1.00 0.00 ? 20 ARG A CB   1 
ATOM 327  C CG   . ARG A 1 20 ? -17.381 6.076   3.642   1.00 0.00 ? 20 ARG A CG   1 
ATOM 328  C CD   . ARG A 1 20 ? -18.570 5.184   3.961   1.00 0.00 ? 20 ARG A CD   1 
ATOM 329  N NE   . ARG A 1 20 ? -19.295 4.788   2.757   1.00 0.00 ? 20 ARG A NE   1 
ATOM 330  C CZ   . ARG A 1 20 ? -20.216 3.831   2.733   1.00 0.00 ? 20 ARG A CZ   1 
ATOM 331  N NH1  . ARG A 1 20 ? -20.522 3.176   3.845   1.00 0.00 ? 20 ARG A NH1  1 
ATOM 332  N NH2  . ARG A 1 20 ? -20.833 3.528   1.599   1.00 0.00 ? 20 ARG A NH2  1 
ATOM 333  H H    . ARG A 1 20 ? -14.822 7.344   3.977   1.00 0.00 ? 20 ARG A H    1 
ATOM 334  H HA   . ARG A 1 20 ? -15.393 4.757   5.158   1.00 0.00 ? 20 ARG A HA   1 
ATOM 335  H HB2  . ARG A 1 20 ? -15.785 5.666   2.302   1.00 0.00 ? 20 ARG A HB2  1 
ATOM 336  H HB3  . ARG A 1 20 ? -16.486 4.242   3.057   1.00 0.00 ? 20 ARG A HB3  1 
ATOM 337  H HG2  . ARG A 1 20 ? -17.132 6.653   4.519   1.00 0.00 ? 20 ARG A HG2  1 
ATOM 338  H HG3  . ARG A 1 20 ? -17.647 6.742   2.833   1.00 0.00 ? 20 ARG A HG3  1 
ATOM 339  H HD2  . ARG A 1 20 ? -18.214 4.298   4.462   1.00 0.00 ? 20 ARG A HD2  1 
ATOM 340  H HD3  . ARG A 1 20 ? -19.241 5.722   4.614   1.00 0.00 ? 20 ARG A HD3  1 
ATOM 341  H HE   . ARG A 1 20 ? -19.084 5.260   1.923   1.00 0.00 ? 20 ARG A HE   1 
ATOM 342  H HH11 . ARG A 1 20 ? -20.059 3.402   4.702   1.00 0.00 ? 20 ARG A HH11 1 
ATOM 343  H HH12 . ARG A 1 20 ? -21.215 2.455   3.826   1.00 0.00 ? 20 ARG A HH12 1 
ATOM 344  H HH21 . ARG A 1 20 ? -20.604 4.020   0.759   1.00 0.00 ? 20 ARG A HH21 1 
ATOM 345  H HH22 . ARG A 1 20 ? -21.525 2.807   1.583   1.00 0.00 ? 20 ARG A HH22 1 
ATOM 346  N N    . PRO A 1 21 ? -13.762 3.198   3.977   1.00 0.00 ? 21 PRO A N    1 
ATOM 347  C CA   . PRO A 1 21 ? -12.652 2.359   3.515   1.00 0.00 ? 21 PRO A CA   1 
ATOM 348  C C    . PRO A 1 21 ? -12.695 2.113   2.011   1.00 0.00 ? 21 PRO A C    1 
ATOM 349  O O    . PRO A 1 21 ? -13.750 1.815   1.451   1.00 0.00 ? 21 PRO A O    1 
ATOM 350  C CB   . PRO A 1 21 ? -12.860 1.050   4.278   1.00 0.00 ? 21 PRO A CB   1 
ATOM 351  C CG   . PRO A 1 21 ? -14.324 1.000   4.547   1.00 0.00 ? 21 PRO A CG   1 
ATOM 352  C CD   . PRO A 1 21 ? -14.762 2.427   4.738   1.00 0.00 ? 21 PRO A CD   1 
ATOM 353  H HA   . PRO A 1 21 ? -11.696 2.786   3.781   1.00 0.00 ? 21 PRO A HA   1 
ATOM 354  H HB2  . PRO A 1 21 ? -12.541 0.219   3.665   1.00 0.00 ? 21 PRO A HB2  1 
ATOM 355  H HB3  . PRO A 1 21 ? -12.291 1.068   5.195   1.00 0.00 ? 21 PRO A HB3  1 
ATOM 356  H HG2  . PRO A 1 21 ? -14.838 0.561   3.703   1.00 0.00 ? 21 PRO A HG2  1 
ATOM 357  H HG3  . PRO A 1 21 ? -14.513 0.427   5.442   1.00 0.00 ? 21 PRO A HG3  1 
ATOM 358  H HD2  . PRO A 1 21 ? -15.751 2.575   4.334   1.00 0.00 ? 21 PRO A HD2  1 
ATOM 359  H HD3  . PRO A 1 21 ? -14.736 2.692   5.784   1.00 0.00 ? 21 PRO A HD3  1 
ATOM 360  N N    . PHE A 1 22 ? -11.542 2.237   1.363   1.00 0.00 ? 22 PHE A N    1 
ATOM 361  C CA   . PHE A 1 22 ? -11.447 2.026   -0.076  1.00 0.00 ? 22 PHE A CA   1 
ATOM 362  C C    . PHE A 1 22 ? -10.900 0.637   -0.385  1.00 0.00 ? 22 PHE A C    1 
ATOM 363  O O    . PHE A 1 22 ? -11.155 0.081   -1.453  1.00 0.00 ? 22 PHE A O    1 
ATOM 364  C CB   . PHE A 1 22 ? -10.552 3.093   -0.712  1.00 0.00 ? 22 PHE A CB   1 
ATOM 365  C CG   . PHE A 1 22 ? -10.911 3.407   -2.137  1.00 0.00 ? 22 PHE A CG   1 
ATOM 366  C CD1  . PHE A 1 22 ? -10.538 2.553   -3.162  1.00 0.00 ? 22 PHE A CD1  1 
ATOM 367  C CD2  . PHE A 1 22 ? -11.623 4.553   -2.450  1.00 0.00 ? 22 PHE A CD2  1 
ATOM 368  C CE1  . PHE A 1 22 ? -10.867 2.838   -4.474  1.00 0.00 ? 22 PHE A CE1  1 
ATOM 369  C CE2  . PHE A 1 22 ? -11.955 4.844   -3.759  1.00 0.00 ? 22 PHE A CE2  1 
ATOM 370  C CZ   . PHE A 1 22 ? -11.576 3.986   -4.773  1.00 0.00 ? 22 PHE A CZ   1 
ATOM 371  H H    . PHE A 1 22 ? -10.735 2.476   1.865   1.00 0.00 ? 22 PHE A H    1 
ATOM 372  H HA   . PHE A 1 22 ? -12.440 2.109   -0.490  1.00 0.00 ? 22 PHE A HA   1 
ATOM 373  H HB2  . PHE A 1 22 ? -10.632 4.006   -0.141  1.00 0.00 ? 22 PHE A HB2  1 
ATOM 374  H HB3  . PHE A 1 22 ? -9.528  2.751   -0.693  1.00 0.00 ? 22 PHE A HB3  1 
ATOM 375  H HD1  . PHE A 1 22 ? -9.983  1.656   -2.930  1.00 0.00 ? 22 PHE A HD1  1 
ATOM 376  H HD2  . PHE A 1 22 ? -11.919 5.226   -1.657  1.00 0.00 ? 22 PHE A HD2  1 
ATOM 377  H HE1  . PHE A 1 22 ? -10.570 2.166   -5.265  1.00 0.00 ? 22 PHE A HE1  1 
ATOM 378  H HE2  . PHE A 1 22 ? -12.510 5.742   -3.989  1.00 0.00 ? 22 PHE A HE2  1 
ATOM 379  H HZ   . PHE A 1 22 ? -11.834 4.211   -5.797  1.00 0.00 ? 22 PHE A HZ   1 
ATOM 380  N N    . VAL A 1 23 ? -10.147 0.082   0.559   1.00 0.00 ? 23 VAL A N    1 
ATOM 381  C CA   . VAL A 1 23 ? -9.565  -1.244  0.390   1.00 0.00 ? 23 VAL A CA   1 
ATOM 382  C C    . VAL A 1 23 ? -10.407 -2.306  1.088   1.00 0.00 ? 23 VAL A C    1 
ATOM 383  O O    . VAL A 1 23 ? -10.351 -3.485  0.738   1.00 0.00 ? 23 VAL A O    1 
ATOM 384  C CB   . VAL A 1 23 ? -8.128  -1.301  0.941   1.00 0.00 ? 23 VAL A CB   1 
ATOM 385  C CG1  . VAL A 1 23 ? -7.274  -0.205  0.325   1.00 0.00 ? 23 VAL A CG1  1 
ATOM 386  C CG2  . VAL A 1 23 ? -8.135  -1.193  2.459   1.00 0.00 ? 23 VAL A CG2  1 
ATOM 387  H H    . VAL A 1 23 ? -9.981  0.574   1.390   1.00 0.00 ? 23 VAL A H    1 
ATOM 388  H HA   . VAL A 1 23 ? -9.531  -1.463  -0.667  1.00 0.00 ? 23 VAL A HA   1 
ATOM 389  H HB   . VAL A 1 23 ? -7.699  -2.255  0.672   1.00 0.00 ? 23 VAL A HB   1 
ATOM 390  H HG11 . VAL A 1 23 ? -6.541  0.128   1.044   1.00 0.00 ? 23 VAL A HG11 1 
ATOM 391  H HG12 . VAL A 1 23 ? -7.904  0.626   0.043   1.00 0.00 ? 23 VAL A HG12 1 
ATOM 392  H HG13 . VAL A 1 23 ? -6.771  -0.589  -0.550  1.00 0.00 ? 23 VAL A HG13 1 
ATOM 393  H HG21 . VAL A 1 23 ? -8.822  -0.417  2.761   1.00 0.00 ? 23 VAL A HG21 1 
ATOM 394  H HG22 . VAL A 1 23 ? -7.141  -0.950  2.807   1.00 0.00 ? 23 VAL A HG22 1 
ATOM 395  H HG23 . VAL A 1 23 ? -8.445  -2.135  2.886   1.00 0.00 ? 23 VAL A HG23 1 
ATOM 396  N N    . ASP A 1 24 ? -11.188 -1.880  2.075   1.00 0.00 ? 24 ASP A N    1 
ATOM 397  C CA   . ASP A 1 24 ? -12.043 -2.796  2.820   1.00 0.00 ? 24 ASP A CA   1 
ATOM 398  C C    . ASP A 1 24 ? -12.615 -3.870  1.901   1.00 0.00 ? 24 ASP A C    1 
ATOM 399  O O    . ASP A 1 24 ? -12.855 -5.001  2.325   1.00 0.00 ? 24 ASP A O    1 
ATOM 400  C CB   . ASP A 1 24 ? -13.181 -2.029  3.498   1.00 0.00 ? 24 ASP A CB   1 
ATOM 401  C CG   . ASP A 1 24 ? -14.305 -2.941  3.949   1.00 0.00 ? 24 ASP A CG   1 
ATOM 402  O OD1  . ASP A 1 24 ? -14.964 -3.547  3.080   1.00 0.00 ? 24 ASP A OD1  1 
ATOM 403  O OD2  . ASP A 1 24 ? -14.525 -3.049  5.174   1.00 0.00 ? 24 ASP A OD2  1 
ATOM 404  H H    . ASP A 1 24 ? -11.190 -0.929  2.307   1.00 0.00 ? 24 ASP A H    1 
ATOM 405  H HA   . ASP A 1 24 ? -11.440 -3.271  3.578   1.00 0.00 ? 24 ASP A HA   1 
ATOM 406  H HB2  . ASP A 1 24 ? -12.793 -1.511  4.361   1.00 0.00 ? 24 ASP A HB2  1 
ATOM 407  H HB3  . ASP A 1 24 ? -13.585 -1.308  2.802   1.00 0.00 ? 24 ASP A HB3  1 
ATOM 408  N N    . TYR A 1 25 ? -12.829 -3.508  0.641   1.00 0.00 ? 25 TYR A N    1 
ATOM 409  C CA   . TYR A 1 25 ? -13.371 -4.441  -0.341  1.00 0.00 ? 25 TYR A CA   1 
ATOM 410  C C    . TYR A 1 25 ? -12.464 -5.658  -0.489  1.00 0.00 ? 25 TYR A C    1 
ATOM 411  O O    . TYR A 1 25 ? -12.939 -6.790  -0.575  1.00 0.00 ? 25 TYR A O    1 
ATOM 412  C CB   . TYR A 1 25 ? -13.543 -3.748  -1.694  1.00 0.00 ? 25 TYR A CB   1 
ATOM 413  C CG   . TYR A 1 25 ? -12.285 -3.733  -2.532  1.00 0.00 ? 25 TYR A CG   1 
ATOM 414  C CD1  . TYR A 1 25 ? -11.297 -2.780  -2.322  1.00 0.00 ? 25 TYR A CD1  1 
ATOM 415  C CD2  . TYR A 1 25 ? -12.085 -4.674  -3.535  1.00 0.00 ? 25 TYR A CD2  1 
ATOM 416  C CE1  . TYR A 1 25 ? -10.146 -2.763  -3.087  1.00 0.00 ? 25 TYR A CE1  1 
ATOM 417  C CE2  . TYR A 1 25 ? -10.936 -4.665  -4.303  1.00 0.00 ? 25 TYR A CE2  1 
ATOM 418  C CZ   . TYR A 1 25 ? -9.971  -3.707  -4.075  1.00 0.00 ? 25 TYR A CZ   1 
ATOM 419  O OH   . TYR A 1 25 ? -8.826  -3.694  -4.838  1.00 0.00 ? 25 TYR A OH   1 
ATOM 420  H H    . TYR A 1 25 ? -12.617 -2.592  0.363   1.00 0.00 ? 25 TYR A H    1 
ATOM 421  H HA   . TYR A 1 25 ? -14.337 -4.768  0.012   1.00 0.00 ? 25 TYR A HA   1 
ATOM 422  H HB2  . TYR A 1 25 ? -14.310 -4.259  -2.257  1.00 0.00 ? 25 TYR A HB2  1 
ATOM 423  H HB3  . TYR A 1 25 ? -13.846 -2.725  -1.530  1.00 0.00 ? 25 TYR A HB3  1 
ATOM 424  H HD1  . TYR A 1 25 ? -11.438 -2.042  -1.546  1.00 0.00 ? 25 TYR A HD1  1 
ATOM 425  H HD2  . TYR A 1 25 ? -12.843 -5.423  -3.711  1.00 0.00 ? 25 TYR A HD2  1 
ATOM 426  H HE1  . TYR A 1 25 ? -9.391  -2.013  -2.907  1.00 0.00 ? 25 TYR A HE1  1 
ATOM 427  H HE2  . TYR A 1 25 ? -10.799 -5.404  -5.079  1.00 0.00 ? 25 TYR A HE2  1 
ATOM 428  H HH   . TYR A 1 25 ? -8.244  -2.995  -4.530  1.00 0.00 ? 25 TYR A HH   1 
ATOM 429  N N    . LYS A 1 26 ? -11.158 -5.416  -0.515  1.00 0.00 ? 26 LYS A N    1 
ATOM 430  C CA   . LYS A 1 26 ? -10.187 -6.495  -0.649  1.00 0.00 ? 26 LYS A CA   1 
ATOM 431  C C    . LYS A 1 26 ? -10.252 -7.433  0.552   1.00 0.00 ? 26 LYS A C    1 
ATOM 432  O O    . LYS A 1 26 ? -9.970  -8.625  0.438   1.00 0.00 ? 26 LYS A O    1 
ATOM 433  C CB   . LYS A 1 26 ? -8.774  -5.925  -0.792  1.00 0.00 ? 26 LYS A CB   1 
ATOM 434  C CG   . LYS A 1 26 ? -7.682  -6.981  -0.723  1.00 0.00 ? 26 LYS A CG   1 
ATOM 435  C CD   . LYS A 1 26 ? -6.302  -6.349  -0.656  1.00 0.00 ? 26 LYS A CD   1 
ATOM 436  C CE   . LYS A 1 26 ? -5.299  -7.111  -1.509  1.00 0.00 ? 26 LYS A CE   1 
ATOM 437  N NZ   . LYS A 1 26 ? -4.066  -6.315  -1.760  1.00 0.00 ? 26 LYS A NZ   1 
ATOM 438  H H    . LYS A 1 26 ? -10.840 -4.492  -0.439  1.00 0.00 ? 26 LYS A H    1 
ATOM 439  H HA   . LYS A 1 26 ? -10.433 -7.054  -1.540  1.00 0.00 ? 26 LYS A HA   1 
ATOM 440  H HB2  . LYS A 1 26 ? -8.697  -5.419  -1.743  1.00 0.00 ? 26 LYS A HB2  1 
ATOM 441  H HB3  . LYS A 1 26 ? -8.605  -5.211  0.001   1.00 0.00 ? 26 LYS A HB3  1 
ATOM 442  H HG2  . LYS A 1 26 ? -7.834  -7.584  0.158   1.00 0.00 ? 26 LYS A HG2  1 
ATOM 443  H HG3  . LYS A 1 26 ? -7.742  -7.603  -1.603  1.00 0.00 ? 26 LYS A HG3  1 
ATOM 444  H HD2  . LYS A 1 26 ? -6.363  -5.332  -1.013  1.00 0.00 ? 26 LYS A HD2  1 
ATOM 445  H HD3  . LYS A 1 26 ? -5.964  -6.353  0.370   1.00 0.00 ? 26 LYS A HD3  1 
ATOM 446  H HE2  . LYS A 1 26 ? -5.031  -8.023  -0.998  1.00 0.00 ? 26 LYS A HE2  1 
ATOM 447  H HE3  . LYS A 1 26 ? -5.762  -7.352  -2.455  1.00 0.00 ? 26 LYS A HE3  1 
ATOM 448  H HZ1  . LYS A 1 26 ? -3.923  -5.625  -0.995  1.00 0.00 ? 26 LYS A HZ1  1 
ATOM 449  H HZ2  . LYS A 1 26 ? -4.148  -5.805  -2.663  1.00 0.00 ? 26 LYS A HZ2  1 
ATOM 450  H HZ3  . LYS A 1 26 ? -3.238  -6.943  -1.806  1.00 0.00 ? 26 LYS A HZ3  1 
ATOM 451  N N    . ALA A 1 27 ? -10.627 -6.884  1.703   1.00 0.00 ? 27 ALA A N    1 
ATOM 452  C CA   . ALA A 1 27 ? -10.733 -7.669  2.925   1.00 0.00 ? 27 ALA A CA   1 
ATOM 453  C C    . ALA A 1 27 ? -12.020 -8.486  2.938   1.00 0.00 ? 27 ALA A C    1 
ATOM 454  O O    . ALA A 1 27 ? -12.131 -9.478  3.661   1.00 0.00 ? 27 ALA A O    1 
ATOM 455  C CB   . ALA A 1 27 ? -10.670 -6.761  4.144   1.00 0.00 ? 27 ALA A CB   1 
ATOM 456  H H    . ALA A 1 27 ? -10.841 -5.928  1.729   1.00 0.00 ? 27 ALA A H    1 
ATOM 457  H HA   . ALA A 1 27 ? -9.889  -8.343  2.963   1.00 0.00 ? 27 ALA A HA   1 
ATOM 458  H HB1  . ALA A 1 27 ? -11.630 -6.752  4.637   1.00 0.00 ? 27 ALA A HB1  1 
ATOM 459  H HB2  . ALA A 1 27 ? -10.415 -5.758  3.833   1.00 0.00 ? 27 ALA A HB2  1 
ATOM 460  H HB3  . ALA A 1 27 ? -9.918  -7.127  4.828   1.00 0.00 ? 27 ALA A HB3  1 
ATOM 461  N N    . GLY A 1 28 ? -12.990 -8.065  2.133   1.00 0.00 ? 28 GLY A N    1 
ATOM 462  C CA   . GLY A 1 28 ? -14.257 -8.768  2.066   1.00 0.00 ? 28 GLY A CA   1 
ATOM 463  C C    . GLY A 1 28 ? -14.584 -9.239  0.663   1.00 0.00 ? 28 GLY A C    1 
ATOM 464  O O    . GLY A 1 28 ? -15.710 -9.653  0.387   1.00 0.00 ? 28 GLY A O    1 
ATOM 465  H H    . GLY A 1 28 ? -12.844 -7.269  1.581   1.00 0.00 ? 28 GLY A H    1 
ATOM 466  H HA2  . GLY A 1 28 ? -14.215 -9.626  2.722   1.00 0.00 ? 28 GLY A HA2  1 
ATOM 467  H HA3  . GLY A 1 28 ? -15.041 -8.109  2.405   1.00 0.00 ? 28 GLY A HA3  1 
ATOM 468  N N    . LEU A 1 29 ? -13.599 -9.174  -0.227  1.00 0.00 ? 29 LEU A N    1 
ATOM 469  C CA   . LEU A 1 29 ? -13.788 -9.596  -1.610  1.00 0.00 ? 29 LEU A CA   1 
ATOM 470  C C    . LEU A 1 29 ? -13.980 -11.108 -1.704  1.00 0.00 ? 29 LEU A C    1 
ATOM 471  O O    . LEU A 1 29 ? -14.266 -11.640 -2.776  1.00 0.00 ? 29 LEU A O    1 
ATOM 472  C CB   . LEU A 1 29 ? -12.595 -9.167  -2.464  1.00 0.00 ? 29 LEU A CB   1 
ATOM 473  C CG   . LEU A 1 29 ? -11.446 -10.175 -2.526  1.00 0.00 ? 29 LEU A CG   1 
ATOM 474  C CD1  . LEU A 1 29 ? -11.583 -11.066 -3.751  1.00 0.00 ? 29 LEU A CD1  1 
ATOM 475  C CD2  . LEU A 1 29 ? -10.106 -9.455  -2.535  1.00 0.00 ? 29 LEU A CD2  1 
ATOM 476  H H    . LEU A 1 29 ? -12.723 -8.834  0.053   1.00 0.00 ? 29 LEU A H    1 
ATOM 477  H HA   . LEU A 1 29 ? -14.677 -9.111  -1.983  1.00 0.00 ? 29 LEU A HA   1 
ATOM 478  H HB2  . LEU A 1 29 ? -12.945 -8.988  -3.471  1.00 0.00 ? 29 LEU A HB2  1 
ATOM 479  H HB3  . LEU A 1 29 ? -12.209 -8.240  -2.066  1.00 0.00 ? 29 LEU A HB3  1 
ATOM 480  H HG   . LEU A 1 29 ? -11.482 -10.806 -1.649  1.00 0.00 ? 29 LEU A HG   1 
ATOM 481  H HD11 . LEU A 1 29 ? -12.080 -10.520 -4.539  1.00 0.00 ? 29 LEU A HD11 1 
ATOM 482  H HD12 . LEU A 1 29 ? -12.165 -11.940 -3.497  1.00 0.00 ? 29 LEU A HD12 1 
ATOM 483  H HD13 . LEU A 1 29 ? -10.603 -11.371 -4.086  1.00 0.00 ? 29 LEU A HD13 1 
ATOM 484  H HD21 . LEU A 1 29 ? -10.233 -8.463  -2.943  1.00 0.00 ? 29 LEU A HD21 1 
ATOM 485  H HD22 . LEU A 1 29 ? -9.405  -10.008 -3.144  1.00 0.00 ? 29 LEU A HD22 1 
ATOM 486  H HD23 . LEU A 1 29 ? -9.729  -9.385  -1.526  1.00 0.00 ? 29 LEU A HD23 1 
ATOM 487  N N    . GLU A 1 30 ? -13.819 -11.796 -0.578  1.00 0.00 ? 30 GLU A N    1 
ATOM 488  C CA   . GLU A 1 30 ? -13.975 -13.245 -0.539  1.00 0.00 ? 30 GLU A CA   1 
ATOM 489  C C    . GLU A 1 30 ? -13.846 -13.769 0.887   1.00 0.00 ? 30 GLU A C    1 
ATOM 490  O O    . GLU A 1 30 ? -13.135 -14.739 1.139   1.00 0.00 ? 30 GLU A O    1 
ATOM 491  C CB   . GLU A 1 30 ? -12.933 -13.916 -1.437  1.00 0.00 ? 30 GLU A CB   1 
ATOM 492  C CG   . GLU A 1 30 ? -13.206 -15.390 -1.690  1.00 0.00 ? 30 GLU A CG   1 
ATOM 493  C CD   . GLU A 1 30 ? -12.023 -16.103 -2.315  1.00 0.00 ? 30 GLU A CD   1 
ATOM 494  O OE1  . GLU A 1 30 ? -11.088 -16.466 -1.571  1.00 0.00 ? 30 GLU A OE1  1 
ATOM 495  O OE2  . GLU A 1 30 ? -12.032 -16.297 -3.548  1.00 0.00 ? 30 GLU A OE2  1 
ATOM 496  H H    . GLU A 1 30 ? -13.590 -11.319 0.246   1.00 0.00 ? 30 GLU A H    1 
ATOM 497  H HA   . GLU A 1 30 ? -14.960 -13.482 -0.909  1.00 0.00 ? 30 GLU A HA   1 
ATOM 498  H HB2  . GLU A 1 30 ? -12.914 -13.407 -2.390  1.00 0.00 ? 30 GLU A HB2  1 
ATOM 499  H HB3  . GLU A 1 30 ? -11.963 -13.827 -0.971  1.00 0.00 ? 30 GLU A HB3  1 
ATOM 500  H HG2  . GLU A 1 30 ? -13.437 -15.866 -0.749  1.00 0.00 ? 30 GLU A HG2  1 
ATOM 501  H HG3  . GLU A 1 30 ? -14.054 -15.477 -2.355  1.00 0.00 ? 30 GLU A HG3  1 
ATOM 502  N N    . LYS A 1 31 ? -14.538 -13.113 1.814   1.00 0.00 ? 31 LYS A N    1 
ATOM 503  C CA   . LYS A 1 31 ? -14.509 -13.500 3.221   1.00 0.00 ? 31 LYS A CA   1 
ATOM 504  C C    . LYS A 1 31 ? -13.077 -13.559 3.737   1.00 0.00 ? 31 LYS A C    1 
ATOM 505  O O    . LYS A 1 31 ? -12.709 -14.452 4.499   1.00 0.00 ? 31 LYS A O    1 
ATOM 506  C CB   . LYS A 1 31 ? -15.218 -14.846 3.427   1.00 0.00 ? 31 LYS A CB   1 
ATOM 507  C CG   . LYS A 1 31 ? -14.312 -16.064 3.298   1.00 0.00 ? 31 LYS A CG   1 
ATOM 508  C CD   . LYS A 1 31 ? -14.870 -17.066 2.300   1.00 0.00 ? 31 LYS A CD   1 
ATOM 509  C CE   . LYS A 1 31 ? -15.133 -18.413 2.952   1.00 0.00 ? 31 LYS A CE   1 
ATOM 510  N NZ   . LYS A 1 31 ? -15.655 -18.267 4.339   1.00 0.00 ? 31 LYS A NZ   1 
ATOM 511  H H    . LYS A 1 31 ? -15.081 -12.344 1.545   1.00 0.00 ? 31 LYS A H    1 
ATOM 512  H HA   . LYS A 1 31 ? -15.037 -12.740 3.775   1.00 0.00 ? 31 LYS A HA   1 
ATOM 513  H HB2  . LYS A 1 31 ? -15.656 -14.857 4.413   1.00 0.00 ? 31 LYS A HB2  1 
ATOM 514  H HB3  . LYS A 1 31 ? -16.008 -14.935 2.695   1.00 0.00 ? 31 LYS A HB3  1 
ATOM 515  H HG2  . LYS A 1 31 ? -13.336 -15.749 2.967   1.00 0.00 ? 31 LYS A HG2  1 
ATOM 516  H HG3  . LYS A 1 31 ? -14.230 -16.541 4.263   1.00 0.00 ? 31 LYS A HG3  1 
ATOM 517  H HD2  . LYS A 1 31 ? -15.796 -16.684 1.899   1.00 0.00 ? 31 LYS A HD2  1 
ATOM 518  H HD3  . LYS A 1 31 ? -14.156 -17.197 1.500   1.00 0.00 ? 31 LYS A HD3  1 
ATOM 519  H HE2  . LYS A 1 31 ? -15.858 -18.950 2.360   1.00 0.00 ? 31 LYS A HE2  1 
ATOM 520  H HE3  . LYS A 1 31 ? -14.209 -18.972 2.981   1.00 0.00 ? 31 LYS A HE3  1 
ATOM 521  H HZ1  . LYS A 1 31 ? -16.207 -19.108 4.604   1.00 0.00 ? 31 LYS A HZ1  1 
ATOM 522  H HZ2  . LYS A 1 31 ? -16.268 -17.430 4.404   1.00 0.00 ? 31 LYS A HZ2  1 
ATOM 523  H HZ3  . LYS A 1 31 ? -14.867 -18.158 5.009   1.00 0.00 ? 31 LYS A HZ3  1 
ATOM 524  N N    . LYS A 1 32 ? -12.276 -12.589 3.313   1.00 0.00 ? 32 LYS A N    1 
ATOM 525  C CA   . LYS A 1 32 ? -10.880 -12.513 3.725   1.00 0.00 ? 32 LYS A CA   1 
ATOM 526  C C    . LYS A 1 32 ? -10.755 -12.595 5.243   1.00 0.00 ? 32 LYS A C    1 
ATOM 527  O O    . LYS A 1 32 ? -10.332 -13.617 5.786   1.00 0.00 ? 32 LYS A O    1 
ATOM 528  C CB   . LYS A 1 32 ? -10.248 -11.214 3.219   1.00 0.00 ? 32 LYS A CB   1 
ATOM 529  C CG   . LYS A 1 32 ? -8.870  -11.408 2.607   1.00 0.00 ? 32 LYS A CG   1 
ATOM 530  C CD   . LYS A 1 32 ? -7.897  -10.338 3.076   1.00 0.00 ? 32 LYS A CD   1 
ATOM 531  C CE   . LYS A 1 32 ? -6.537  -10.929 3.409   1.00 0.00 ? 32 LYS A CE   1 
ATOM 532  N NZ   . LYS A 1 32 ? -5.448  -10.300 2.613   1.00 0.00 ? 32 LYS A NZ   1 
ATOM 533  H H    . LYS A 1 32 ? -12.638 -11.907 2.709   1.00 0.00 ? 32 LYS A H    1 
ATOM 534  H HA   . LYS A 1 32 ? -10.358 -13.351 3.287   1.00 0.00 ? 32 LYS A HA   1 
ATOM 535  H HB2  . LYS A 1 32 ? -10.894 -10.782 2.470   1.00 0.00 ? 32 LYS A HB2  1 
ATOM 536  H HB3  . LYS A 1 32 ? -10.157 -10.526 4.046   1.00 0.00 ? 32 LYS A HB3  1 
ATOM 537  H HG2  . LYS A 1 32 ? -8.490  -12.376 2.896   1.00 0.00 ? 32 LYS A HG2  1 
ATOM 538  H HG3  . LYS A 1 32 ? -8.954  -11.359 1.532   1.00 0.00 ? 32 LYS A HG3  1 
ATOM 539  H HD2  . LYS A 1 32 ? -7.778  -9.605  2.292   1.00 0.00 ? 32 LYS A HD2  1 
ATOM 540  H HD3  . LYS A 1 32 ? -8.299  -9.861  3.959   1.00 0.00 ? 32 LYS A HD3  1 
ATOM 541  H HE2  . LYS A 1 32 ? -6.338  -10.774 4.459   1.00 0.00 ? 32 LYS A HE2  1 
ATOM 542  H HE3  . LYS A 1 32 ? -6.559  -11.989 3.200   1.00 0.00 ? 32 LYS A HE3  1 
ATOM 543  H HZ1  . LYS A 1 32 ? -4.977  -9.560  3.172   1.00 0.00 ? 32 LYS A HZ1  1 
ATOM 544  H HZ2  . LYS A 1 32 ? -5.837  -9.871  1.749   1.00 0.00 ? 32 LYS A HZ2  1 
ATOM 545  H HZ3  . LYS A 1 32 ? -4.743  -11.016 2.342   1.00 0.00 ? 32 LYS A HZ3  1 
ATOM 546  N N    . LYS A 1 33 ? -11.125 -11.515 5.922   1.00 0.00 ? 33 LYS A N    1 
ATOM 547  C CA   . LYS A 1 33 ? -11.055 -11.465 7.378   1.00 0.00 ? 33 LYS A CA   1 
ATOM 548  C C    . LYS A 1 33 ? -11.045 -10.023 7.873   1.00 0.00 ? 33 LYS A C    1 
ATOM 549  O O    . LYS A 1 33 ? -10.525 -9.129  7.205   1.00 0.00 ? 33 LYS A O    1 
ATOM 550  C CB   . LYS A 1 33 ? -9.804  -12.195 7.874   1.00 0.00 ? 33 LYS A CB   1 
ATOM 551  C CG   . LYS A 1 33 ? -10.098 -13.547 8.502   1.00 0.00 ? 33 LYS A CG   1 
ATOM 552  C CD   . LYS A 1 33 ? -10.911 -13.403 9.778   1.00 0.00 ? 33 LYS A CD   1 
ATOM 553  C CE   . LYS A 1 33 ? -10.104 -12.739 10.882  1.00 0.00 ? 33 LYS A CE   1 
ATOM 554  N NZ   . LYS A 1 33 ? -10.766 -12.866 12.209  1.00 0.00 ? 33 LYS A NZ   1 
ATOM 555  H H    . LYS A 1 33 ? -11.454 -10.732 5.432   1.00 0.00 ? 33 LYS A H    1 
ATOM 556  H HA   . LYS A 1 33 ? -11.929 -11.962 7.769   1.00 0.00 ? 33 LYS A HA   1 
ATOM 557  H HB2  . LYS A 1 33 ? -9.136  -12.348 7.039   1.00 0.00 ? 33 LYS A HB2  1 
ATOM 558  H HB3  . LYS A 1 33 ? -9.311  -11.578 8.611   1.00 0.00 ? 33 LYS A HB3  1 
ATOM 559  H HG2  . LYS A 1 33 ? -10.655 -14.147 7.798   1.00 0.00 ? 33 LYS A HG2  1 
ATOM 560  H HG3  . LYS A 1 33 ? -9.163  -14.035 8.734   1.00 0.00 ? 33 LYS A HG3  1 
ATOM 561  H HD2  . LYS A 1 33 ? -11.783 -12.801 9.572   1.00 0.00 ? 33 LYS A HD2  1 
ATOM 562  H HD3  . LYS A 1 33 ? -11.219 -14.385 10.110  1.00 0.00 ? 33 LYS A HD3  1 
ATOM 563  H HE2  . LYS A 1 33 ? -9.131  -13.206 10.929  1.00 0.00 ? 33 LYS A HE2  1 
ATOM 564  H HE3  . LYS A 1 33 ? -9.988  -11.692 10.644  1.00 0.00 ? 33 LYS A HE3  1 
ATOM 565  H HZ1  . LYS A 1 33 ? -10.897 -11.926 12.635  1.00 0.00 ? 33 LYS A HZ1  1 
ATOM 566  H HZ2  . LYS A 1 33 ? -10.184 -13.446 12.846  1.00 0.00 ? 33 LYS A HZ2  1 
ATOM 567  H HZ3  . LYS A 1 33 ? -11.698 -13.318 12.102  1.00 0.00 ? 33 LYS A HZ3  1 
ATOM 568  N N    . LEU A 1 34 ? -11.626 -9.803  9.049   1.00 0.00 ? 34 LEU A N    1 
ATOM 569  C CA   . LEU A 1 34 ? -11.685 -8.469  9.634   1.00 0.00 ? 34 LEU A CA   1 
ATOM 570  C C    . LEU A 1 34 ? -10.937 -8.425  10.964  1.00 0.00 ? 34 LEU A C    1 
ATOM 571  O O    . LEU A 1 34 ? -11.546 -8.304  12.026  1.00 0.00 ? 34 LEU A O    1 
ATOM 572  C CB   . LEU A 1 34 ? -13.139 -8.043  9.841   1.00 0.00 ? 34 LEU A CB   1 
ATOM 573  C CG   . LEU A 1 34 ? -13.843 -7.515  8.590   1.00 0.00 ? 34 LEU A CG   1 
ATOM 574  C CD1  . LEU A 1 34 ? -13.668 -8.484  7.430   1.00 0.00 ? 34 LEU A CD1  1 
ATOM 575  C CD2  . LEU A 1 34 ? -15.319 -7.276  8.870   1.00 0.00 ? 34 LEU A CD2  1 
ATOM 576  H H    . LEU A 1 34 ? -12.023 -10.556 9.534   1.00 0.00 ? 34 LEU A H    1 
ATOM 577  H HA   . LEU A 1 34 ? -11.212 -7.784  8.946   1.00 0.00 ? 34 LEU A HA   1 
ATOM 578  H HB2  . LEU A 1 34 ? -13.693 -8.895  10.208  1.00 0.00 ? 34 LEU A HB2  1 
ATOM 579  H HB3  . LEU A 1 34 ? -13.163 -7.268  10.593  1.00 0.00 ? 34 LEU A HB3  1 
ATOM 580  H HG   . LEU A 1 34 ? -13.399 -6.572  8.306   1.00 0.00 ? 34 LEU A HG   1 
ATOM 581  H HD11 . LEU A 1 34 ? -14.473 -8.347  6.723   1.00 0.00 ? 34 LEU A HD11 1 
ATOM 582  H HD12 . LEU A 1 34 ? -13.685 -9.497  7.803   1.00 0.00 ? 34 LEU A HD12 1 
ATOM 583  H HD13 . LEU A 1 34 ? -12.724 -8.294  6.941   1.00 0.00 ? 34 LEU A HD13 1 
ATOM 584  H HD21 . LEU A 1 34 ? -15.685 -8.038  9.542   1.00 0.00 ? 34 LEU A HD21 1 
ATOM 585  H HD22 . LEU A 1 34 ? -15.873 -7.317  7.943   1.00 0.00 ? 34 LEU A HD22 1 
ATOM 586  H HD23 . LEU A 1 34 ? -15.447 -6.304  9.324   1.00 0.00 ? 34 LEU A HD23 1 
ATOM 587  N N    . SER A 1 35 ? -9.613  -8.522  10.895  1.00 0.00 ? 35 SER A N    1 
ATOM 588  C CA   . SER A 1 35 ? -8.781  -8.494  12.093  1.00 0.00 ? 35 SER A CA   1 
ATOM 589  C C    . SER A 1 35 ? -8.257  -7.086  12.358  1.00 0.00 ? 35 SER A C    1 
ATOM 590  O O    . SER A 1 35 ? -8.231  -6.244  11.460  1.00 0.00 ? 35 SER A O    1 
ATOM 591  C CB   . SER A 1 35 ? -7.611  -9.469  11.950  1.00 0.00 ? 35 SER A CB   1 
ATOM 592  O OG   . SER A 1 35 ? -7.900  -10.707 12.577  1.00 0.00 ? 35 SER A OG   1 
ATOM 593  H H    . SER A 1 35 ? -9.185  -8.617  10.018  1.00 0.00 ? 35 SER A H    1 
ATOM 594  H HA   . SER A 1 35 ? -9.393  -8.800  12.928  1.00 0.00 ? 35 SER A HA   1 
ATOM 595  H HB2  . SER A 1 35 ? -7.419  -9.646  10.903  1.00 0.00 ? 35 SER A HB2  1 
ATOM 596  H HB3  . SER A 1 35 ? -6.732  -9.043  12.410  1.00 0.00 ? 35 SER A HB3  1 
ATOM 597  H HG   . SER A 1 35 ? -7.815  -10.612 13.528  1.00 0.00 ? 35 SER A HG   1 
ATOM 598  N N    . ASP A 1 36 ? -7.839  -6.839  13.595  1.00 0.00 ? 36 ASP A N    1 
ATOM 599  C CA   . ASP A 1 36 ? -7.314  -5.534  13.977  1.00 0.00 ? 36 ASP A CA   1 
ATOM 600  C C    . ASP A 1 36 ? -5.819  -5.442  13.689  1.00 0.00 ? 36 ASP A C    1 
ATOM 601  O O    . ASP A 1 36 ? -5.135  -4.546  14.184  1.00 0.00 ? 36 ASP A O    1 
ATOM 602  C CB   . ASP A 1 36 ? -7.575  -5.271  15.462  1.00 0.00 ? 36 ASP A CB   1 
ATOM 603  C CG   . ASP A 1 36 ? -8.914  -4.602  15.703  1.00 0.00 ? 36 ASP A CG   1 
ATOM 604  O OD1  . ASP A 1 36 ? -9.828  -4.785  14.871  1.00 0.00 ? 36 ASP A OD1  1 
ATOM 605  O OD2  . ASP A 1 36 ? -9.050  -3.895  16.724  1.00 0.00 ? 36 ASP A OD2  1 
ATOM 606  H H    . ASP A 1 36 ? -7.885  -7.552  14.266  1.00 0.00 ? 36 ASP A H    1 
ATOM 607  H HA   . ASP A 1 36 ? -7.828  -4.785  13.393  1.00 0.00 ? 36 ASP A HA   1 
ATOM 608  H HB2  . ASP A 1 36 ? -7.562  -6.210  15.995  1.00 0.00 ? 36 ASP A HB2  1 
ATOM 609  H HB3  . ASP A 1 36 ? -6.797  -4.630  15.850  1.00 0.00 ? 36 ASP A HB3  1 
ATOM 610  N N    . ASP A 1 37 ? -5.319  -6.374  12.885  1.00 0.00 ? 37 ASP A N    1 
ATOM 611  C CA   . ASP A 1 37 ? -3.905  -6.399  12.530  1.00 0.00 ? 37 ASP A CA   1 
ATOM 612  C C    . ASP A 1 37 ? -3.698  -5.939  11.091  1.00 0.00 ? 37 ASP A C    1 
ATOM 613  O O    . ASP A 1 37 ? -2.631  -5.437  10.736  1.00 0.00 ? 37 ASP A O    1 
ATOM 614  C CB   . ASP A 1 37 ? -3.335  -7.806  12.715  1.00 0.00 ? 37 ASP A CB   1 
ATOM 615  C CG   . ASP A 1 37 ? -2.192  -7.840  13.711  1.00 0.00 ? 37 ASP A CG   1 
ATOM 616  O OD1  . ASP A 1 37 ? -1.664  -6.759  14.047  1.00 0.00 ? 37 ASP A OD1  1 
ATOM 617  O OD2  . ASP A 1 37 ? -1.825  -8.948  14.156  1.00 0.00 ? 37 ASP A OD2  1 
ATOM 618  H H    . ASP A 1 37 ? -5.915  -7.063  12.521  1.00 0.00 ? 37 ASP A H    1 
ATOM 619  H HA   . ASP A 1 37 ? -3.386  -5.720  13.190  1.00 0.00 ? 37 ASP A HA   1 
ATOM 620  H HB2  . ASP A 1 37 ? -4.117  -8.460  13.071  1.00 0.00 ? 37 ASP A HB2  1 
ATOM 621  H HB3  . ASP A 1 37 ? -2.972  -8.169  11.765  1.00 0.00 ? 37 ASP A HB3  1 
ATOM 622  N N    . ASP A 1 38 ? -4.723  -6.114  10.265  1.00 0.00 ? 38 ASP A N    1 
ATOM 623  C CA   . ASP A 1 38 ? -4.654  -5.718  8.863   1.00 0.00 ? 38 ASP A CA   1 
ATOM 624  C C    . ASP A 1 38 ? -3.863  -4.424  8.704   1.00 0.00 ? 38 ASP A C    1 
ATOM 625  O O    . ASP A 1 38 ? -4.092  -3.452  9.424   1.00 0.00 ? 38 ASP A O    1 
ATOM 626  C CB   . ASP A 1 38 ? -6.061  -5.544  8.290   1.00 0.00 ? 38 ASP A CB   1 
ATOM 627  C CG   . ASP A 1 38 ? -6.203  -6.153  6.909   1.00 0.00 ? 38 ASP A CG   1 
ATOM 628  O OD1  . ASP A 1 38 ? -5.171  -6.313  6.223   1.00 0.00 ? 38 ASP A OD1  1 
ATOM 629  O OD2  . ASP A 1 38 ? -7.344  -6.470  6.513   1.00 0.00 ? 38 ASP A OD2  1 
ATOM 630  H H    . ASP A 1 38 ? -5.548  -6.521  10.606  1.00 0.00 ? 38 ASP A H    1 
ATOM 631  H HA   . ASP A 1 38 ? -4.149  -6.503  8.322   1.00 0.00 ? 38 ASP A HA   1 
ATOM 632  H HB2  . ASP A 1 38 ? -6.773  -6.021  8.948   1.00 0.00 ? 38 ASP A HB2  1 
ATOM 633  H HB3  . ASP A 1 38 ? -6.289  -4.490  8.224   1.00 0.00 ? 38 ASP A HB3  1 
ATOM 634  N N    . GLU A 1 39 ? -2.932  -4.418  7.755   1.00 0.00 ? 39 GLU A N    1 
ATOM 635  C CA   . GLU A 1 39 ? -2.107  -3.243  7.500   1.00 0.00 ? 39 GLU A CA   1 
ATOM 636  C C    . GLU A 1 39 ? -1.879  -3.053  6.005   1.00 0.00 ? 39 GLU A C    1 
ATOM 637  O O    . GLU A 1 39 ? -1.362  -3.940  5.326   1.00 0.00 ? 39 GLU A O    1 
ATOM 638  C CB   . GLU A 1 39 ? -0.764  -3.371  8.220   1.00 0.00 ? 39 GLU A CB   1 
ATOM 639  C CG   . GLU A 1 39 ? -0.697  -2.597  9.527   1.00 0.00 ? 39 GLU A CG   1 
ATOM 640  C CD   . GLU A 1 39 ? 0.726   -2.377  10.002  1.00 0.00 ? 39 GLU A CD   1 
ATOM 641  O OE1  . GLU A 1 39 ? 1.614   -3.156  9.598   1.00 0.00 ? 39 GLU A OE1  1 
ATOM 642  O OE2  . GLU A 1 39 ? 0.951   -1.425  10.779  1.00 0.00 ? 39 GLU A OE2  1 
ATOM 643  H H    . GLU A 1 39 ? -2.797  -5.224  7.213   1.00 0.00 ? 39 GLU A H    1 
ATOM 644  H HA   . GLU A 1 39 ? -2.631  -2.381  7.886   1.00 0.00 ? 39 GLU A HA   1 
ATOM 645  H HB2  . GLU A 1 39 ? -0.583  -4.414  8.435   1.00 0.00 ? 39 GLU A HB2  1 
ATOM 646  H HB3  . GLU A 1 39 ? 0.016   -3.005  7.570   1.00 0.00 ? 39 GLU A HB3  1 
ATOM 647  H HG2  . GLU A 1 39 ? -1.166  -1.635  9.385   1.00 0.00 ? 39 GLU A HG2  1 
ATOM 648  H HG3  . GLU A 1 39 ? -1.234  -3.150  10.285  1.00 0.00 ? 39 GLU A HG3  1 
ATOM 649  N N    . ILE A 1 40 ? -2.268  -1.887  5.496   1.00 0.00 ? 40 ILE A N    1 
ATOM 650  C CA   . ILE A 1 40 ? -2.106  -1.580  4.080   1.00 0.00 ? 40 ILE A CA   1 
ATOM 651  C C    . ILE A 1 40 ? -1.498  -0.195  3.886   1.00 0.00 ? 40 ILE A C    1 
ATOM 652  O O    . ILE A 1 40 ? -1.584  0.661   4.765   1.00 0.00 ? 40 ILE A O    1 
ATOM 653  C CB   . ILE A 1 40 ? -3.452  -1.647  3.333   1.00 0.00 ? 40 ILE A CB   1 
ATOM 654  C CG1  . ILE A 1 40 ? -4.215  -2.913  3.723   1.00 0.00 ? 40 ILE A CG1  1 
ATOM 655  C CG2  . ILE A 1 40 ? -3.224  -1.600  1.829   1.00 0.00 ? 40 ILE A CG2  1 
ATOM 656  C CD1  . ILE A 1 40 ? -5.318  -3.278  2.754   1.00 0.00 ? 40 ILE A CD1  1 
ATOM 657  H H    . ILE A 1 40 ? -2.675  -1.219  6.087   1.00 0.00 ? 40 ILE A H    1 
ATOM 658  H HA   . ILE A 1 40 ? -1.442  -2.317  3.653   1.00 0.00 ? 40 ILE A HA   1 
ATOM 659  H HB   . ILE A 1 40 ? -4.035  -0.783  3.610   1.00 0.00 ? 40 ILE A HB   1 
ATOM 660  H HG12 . ILE A 1 40 ? -3.525  -3.743  3.767   1.00 0.00 ? 40 ILE A HG12 1 
ATOM 661  H HG13 . ILE A 1 40 ? -4.661  -2.771  4.697   1.00 0.00 ? 40 ILE A HG13 1 
ATOM 662  H HG21 . ILE A 1 40 ? -2.663  -0.713  1.577   1.00 0.00 ? 40 ILE A HG21 1 
ATOM 663  H HG22 . ILE A 1 40 ? -4.177  -1.579  1.322   1.00 0.00 ? 40 ILE A HG22 1 
ATOM 664  H HG23 . ILE A 1 40 ? -2.673  -2.476  1.521   1.00 0.00 ? 40 ILE A HG23 1 
ATOM 665  H HD11 . ILE A 1 40 ? -5.419  -2.496  2.013   1.00 0.00 ? 40 ILE A HD11 1 
ATOM 666  H HD12 . ILE A 1 40 ? -6.248  -3.387  3.291   1.00 0.00 ? 40 ILE A HD12 1 
ATOM 667  H HD13 . ILE A 1 40 ? -5.075  -4.208  2.264   1.00 0.00 ? 40 ILE A HD13 1 
ATOM 668  N N    . ALA A 1 41 ? -0.884  0.018   2.726   1.00 0.00 ? 41 ALA A N    1 
ATOM 669  C CA   . ALA A 1 41 ? -0.261  1.299   2.417   1.00 0.00 ? 41 ALA A CA   1 
ATOM 670  C C    . ALA A 1 41 ? -0.343  1.602   0.925   1.00 0.00 ? 41 ALA A C    1 
ATOM 671  O O    . ALA A 1 41 ? 0.212   0.873   0.101   1.00 0.00 ? 41 ALA A O    1 
ATOM 672  C CB   . ALA A 1 41 ? 1.188   1.307   2.880   1.00 0.00 ? 41 ALA A CB   1 
ATOM 673  H H    . ALA A 1 41 ? -0.848  -0.704  2.065   1.00 0.00 ? 41 ALA A H    1 
ATOM 674  H HA   . ALA A 1 41 ? -0.792  2.068   2.960   1.00 0.00 ? 41 ALA A HA   1 
ATOM 675  H HB1  . ALA A 1 41 ? 1.515   0.293   3.056   1.00 0.00 ? 41 ALA A HB1  1 
ATOM 676  H HB2  . ALA A 1 41 ? 1.270   1.875   3.794   1.00 0.00 ? 41 ALA A HB2  1 
ATOM 677  H HB3  . ALA A 1 41 ? 1.807   1.758   2.119   1.00 0.00 ? 41 ALA A HB3  1 
ATOM 678  N N    . ILE A 1 42 ? -1.038  2.682   0.583   1.00 0.00 ? 42 ILE A N    1 
ATOM 679  C CA   . ILE A 1 42 ? -1.193  3.082   -0.811  1.00 0.00 ? 42 ILE A CA   1 
ATOM 680  C C    . ILE A 1 42 ? -0.434  4.372   -1.099  1.00 0.00 ? 42 ILE A C    1 
ATOM 681  O O    . ILE A 1 42 ? -0.471  5.316   -0.309  1.00 0.00 ? 42 ILE A O    1 
ATOM 682  C CB   . ILE A 1 42 ? -2.675  3.279   -1.178  1.00 0.00 ? 42 ILE A CB   1 
ATOM 683  C CG1  . ILE A 1 42 ? -3.441  1.965   -1.023  1.00 0.00 ? 42 ILE A CG1  1 
ATOM 684  C CG2  . ILE A 1 42 ? -2.804  3.809   -2.599  1.00 0.00 ? 42 ILE A CG2  1 
ATOM 685  C CD1  . ILE A 1 42 ? -4.806  1.980   -1.675  1.00 0.00 ? 42 ILE A CD1  1 
ATOM 686  H H    . ILE A 1 42 ? -1.457  3.223   1.284   1.00 0.00 ? 42 ILE A H    1 
ATOM 687  H HA   . ILE A 1 42 ? -0.791  2.293   -1.430  1.00 0.00 ? 42 ILE A HA   1 
ATOM 688  H HB   . ILE A 1 42 ? -3.095  4.014   -0.507  1.00 0.00 ? 42 ILE A HB   1 
ATOM 689  H HG12 . ILE A 1 42 ? -2.869  1.167   -1.472  1.00 0.00 ? 42 ILE A HG12 1 
ATOM 690  H HG13 . ILE A 1 42 ? -3.577  1.757   0.029   1.00 0.00 ? 42 ILE A HG13 1 
ATOM 691  H HG21 . ILE A 1 42 ? -3.331  4.751   -2.585  1.00 0.00 ? 42 ILE A HG21 1 
ATOM 692  H HG22 . ILE A 1 42 ? -3.351  3.099   -3.199  1.00 0.00 ? 42 ILE A HG22 1 
ATOM 693  H HG23 . ILE A 1 42 ? -1.820  3.954   -3.019  1.00 0.00 ? 42 ILE A HG23 1 
ATOM 694  H HD11 . ILE A 1 42 ? -4.775  1.408   -2.590  1.00 0.00 ? 42 ILE A HD11 1 
ATOM 695  H HD12 . ILE A 1 42 ? -5.088  2.999   -1.896  1.00 0.00 ? 42 ILE A HD12 1 
ATOM 696  H HD13 . ILE A 1 42 ? -5.531  1.545   -1.003  1.00 0.00 ? 42 ILE A HD13 1 
ATOM 697  N N    . ILE A 1 43 ? 0.255   4.407   -2.235  1.00 0.00 ? 43 ILE A N    1 
ATOM 698  C CA   . ILE A 1 43 ? 1.023   5.581   -2.629  1.00 0.00 ? 43 ILE A CA   1 
ATOM 699  C C    . ILE A 1 43 ? 0.799   5.918   -4.099  1.00 0.00 ? 43 ILE A C    1 
ATOM 700  O O    . ILE A 1 43 ? 0.962   5.066   -4.973  1.00 0.00 ? 43 ILE A O    1 
ATOM 701  C CB   . ILE A 1 43 ? 2.531   5.374   -2.385  1.00 0.00 ? 43 ILE A CB   1 
ATOM 702  C CG1  . ILE A 1 43 ? 2.754   4.441   -1.194  1.00 0.00 ? 43 ILE A CG1  1 
ATOM 703  C CG2  . ILE A 1 43 ? 3.218   6.712   -2.154  1.00 0.00 ? 43 ILE A CG2  1 
ATOM 704  C CD1  . ILE A 1 43 ? 4.180   3.951   -1.069  1.00 0.00 ? 43 ILE A CD1  1 
ATOM 705  H H    . ILE A 1 43 ? 0.246   3.622   -2.824  1.00 0.00 ? 43 ILE A H    1 
ATOM 706  H HA   . ILE A 1 43 ? 0.693   6.413   -2.024  1.00 0.00 ? 43 ILE A HA   1 
ATOM 707  H HB   . ILE A 1 43 ? 2.958   4.927   -3.270  1.00 0.00 ? 43 ILE A HB   1 
ATOM 708  H HG12 . ILE A 1 43 ? 2.504   4.964   -0.284  1.00 0.00 ? 43 ILE A HG12 1 
ATOM 709  H HG13 . ILE A 1 43 ? 2.114   3.577   -1.296  1.00 0.00 ? 43 ILE A HG13 1 
ATOM 710  H HG21 . ILE A 1 43 ? 2.991   7.380   -2.972  1.00 0.00 ? 43 ILE A HG21 1 
ATOM 711  H HG22 . ILE A 1 43 ? 4.286   6.562   -2.098  1.00 0.00 ? 43 ILE A HG22 1 
ATOM 712  H HG23 . ILE A 1 43 ? 2.866   7.143   -1.229  1.00 0.00 ? 43 ILE A HG23 1 
ATOM 713  H HD11 . ILE A 1 43 ? 4.192   2.871   -1.079  1.00 0.00 ? 43 ILE A HD11 1 
ATOM 714  H HD12 . ILE A 1 43 ? 4.604   4.308   -0.143  1.00 0.00 ? 43 ILE A HD12 1 
ATOM 715  H HD13 . ILE A 1 43 ? 4.763   4.325   -1.899  1.00 0.00 ? 43 ILE A HD13 1 
ATOM 716  N N    . SER A 1 44 ? 0.426   7.165   -4.365  1.00 0.00 ? 44 SER A N    1 
ATOM 717  C CA   . SER A 1 44 ? 0.181   7.615   -5.729  1.00 0.00 ? 44 SER A CA   1 
ATOM 718  C C    . SER A 1 44 ? 1.265   8.585   -6.187  1.00 0.00 ? 44 SER A C    1 
ATOM 719  O O    . SER A 1 44 ? 2.006   9.133   -5.370  1.00 0.00 ? 44 SER A O    1 
ATOM 720  C CB   . SER A 1 44 ? -1.192  8.283   -5.829  1.00 0.00 ? 44 SER A CB   1 
ATOM 721  O OG   . SER A 1 44 ? -1.127  9.643   -5.436  1.00 0.00 ? 44 SER A OG   1 
ATOM 722  H H    . SER A 1 44 ? 0.315   7.799   -3.625  1.00 0.00 ? 44 SER A H    1 
ATOM 723  H HA   . SER A 1 44 ? 0.196   6.748   -6.372  1.00 0.00 ? 44 SER A HA   1 
ATOM 724  H HB2  . SER A 1 44 ? -1.542  8.233   -6.850  1.00 0.00 ? 44 SER A HB2  1 
ATOM 725  H HB3  . SER A 1 44 ? -1.888  7.768   -5.184  1.00 0.00 ? 44 SER A HB3  1 
ATOM 726  H HG   . SER A 1 44 ? -1.430  9.730   -4.530  1.00 0.00 ? 44 SER A HG   1 
ATOM 727  N N    . ILE A 1 45 ? 1.354   8.793   -7.496  1.00 0.00 ? 45 ILE A N    1 
ATOM 728  C CA   . ILE A 1 45 ? 2.347   9.696   -8.062  1.00 0.00 ? 45 ILE A CA   1 
ATOM 729  C C    . ILE A 1 45 ? 1.950   10.144  -9.463  1.00 0.00 ? 45 ILE A C    1 
ATOM 730  O O    . ILE A 1 45 ? 2.573   9.753   -10.451 1.00 0.00 ? 45 ILE A O    1 
ATOM 731  C CB   . ILE A 1 45 ? 3.738   9.036   -8.122  1.00 0.00 ? 45 ILE A CB   1 
ATOM 732  C CG1  . ILE A 1 45 ? 3.601   7.516   -8.236  1.00 0.00 ? 45 ILE A CG1  1 
ATOM 733  C CG2  . ILE A 1 45 ? 4.555   9.409   -6.894  1.00 0.00 ? 45 ILE A CG2  1 
ATOM 734  C CD1  . ILE A 1 45 ? 4.573   6.895   -9.215  1.00 0.00 ? 45 ILE A CD1  1 
ATOM 735  H H    . ILE A 1 45 ? 0.734   8.327   -8.097  1.00 0.00 ? 45 ILE A H    1 
ATOM 736  H HA   . ILE A 1 45 ? 2.411   10.564  -7.422  1.00 0.00 ? 45 ILE A HA   1 
ATOM 737  H HB   . ILE A 1 45 ? 4.252   9.411   -8.993  1.00 0.00 ? 45 ILE A HB   1 
ATOM 738  H HG12 . ILE A 1 45 ? 3.777   7.071   -7.269  1.00 0.00 ? 45 ILE A HG12 1 
ATOM 739  H HG13 . ILE A 1 45 ? 2.600   7.276   -8.563  1.00 0.00 ? 45 ILE A HG13 1 
ATOM 740  H HG21 . ILE A 1 45 ? 4.585   8.571   -6.213  1.00 0.00 ? 45 ILE A HG21 1 
ATOM 741  H HG22 . ILE A 1 45 ? 4.101   10.257  -6.403  1.00 0.00 ? 45 ILE A HG22 1 
ATOM 742  H HG23 . ILE A 1 45 ? 5.561   9.664   -7.195  1.00 0.00 ? 45 ILE A HG23 1 
ATOM 743  H HD11 . ILE A 1 45 ? 4.119   6.027   -9.671  1.00 0.00 ? 45 ILE A HD11 1 
ATOM 744  H HD12 . ILE A 1 45 ? 5.471   6.599   -8.693  1.00 0.00 ? 45 ILE A HD12 1 
ATOM 745  H HD13 . ILE A 1 45 ? 4.823   7.614   -9.982  1.00 0.00 ? 45 ILE A HD13 1 
ATOM 746  N N    . LYS A 1 46 ? 0.909   10.966  -9.544  1.00 0.00 ? 46 LYS A N    1 
ATOM 747  C CA   . LYS A 1 46 ? 0.428   11.467  -10.826 1.00 0.00 ? 46 LYS A CA   1 
ATOM 748  C C    . LYS A 1 46 ? 0.529   10.392  -11.903 1.00 0.00 ? 46 LYS A C    1 
ATOM 749  O O    . LYS A 1 46 ? 0.790   10.690  -13.069 1.00 0.00 ? 46 LYS A O    1 
ATOM 750  C CB   . LYS A 1 46 ? 1.225   12.703  -11.246 1.00 0.00 ? 46 LYS A CB   1 
ATOM 751  C CG   . LYS A 1 46 ? 0.469   13.624  -12.189 1.00 0.00 ? 46 LYS A CG   1 
ATOM 752  C CD   . LYS A 1 46 ? 1.108   13.655  -13.569 1.00 0.00 ? 46 LYS A CD   1 
ATOM 753  C CE   . LYS A 1 46 ? 1.902   14.933  -13.786 1.00 0.00 ? 46 LYS A CE   1 
ATOM 754  N NZ   . LYS A 1 46 ? 2.816   14.826  -14.956 1.00 0.00 ? 46 LYS A NZ   1 
ATOM 755  H H    . LYS A 1 46 ? 0.454   11.242  -8.721  1.00 0.00 ? 46 LYS A H    1 
ATOM 756  H HA   . LYS A 1 46 ? -0.610  11.743  -10.706 1.00 0.00 ? 46 LYS A HA   1 
ATOM 757  H HB2  . LYS A 1 46 ? 1.488   13.266  -10.362 1.00 0.00 ? 46 LYS A HB2  1 
ATOM 758  H HB3  . LYS A 1 46 ? 2.131   12.382  -11.740 1.00 0.00 ? 46 LYS A HB3  1 
ATOM 759  H HG2  . LYS A 1 46 ? -0.547  13.272  -12.283 1.00 0.00 ? 46 LYS A HG2  1 
ATOM 760  H HG3  . LYS A 1 46 ? 0.470   14.624  -11.779 1.00 0.00 ? 46 LYS A HG3  1 
ATOM 761  H HD2  . LYS A 1 46 ? 1.773   12.810  -13.666 1.00 0.00 ? 46 LYS A HD2  1 
ATOM 762  H HD3  . LYS A 1 46 ? 0.331   13.592  -14.316 1.00 0.00 ? 46 LYS A HD3  1 
ATOM 763  H HE2  . LYS A 1 46 ? 1.211   15.747  -13.953 1.00 0.00 ? 46 LYS A HE2  1 
ATOM 764  H HE3  . LYS A 1 46 ? 2.486   15.134  -12.900 1.00 0.00 ? 46 LYS A HE3  1 
ATOM 765  H HZ1  . LYS A 1 46 ? 3.349   15.712  -15.075 1.00 0.00 ? 46 LYS A HZ1  1 
ATOM 766  H HZ2  . LYS A 1 46 ? 2.270   14.645  -15.822 1.00 0.00 ? 46 LYS A HZ2  1 
ATOM 767  H HZ3  . LYS A 1 46 ? 3.489   14.046  -14.815 1.00 0.00 ? 46 LYS A HZ3  1 
ATOM 768  N N    . GLY A 1 47 ? 0.320   9.142   -11.505 1.00 0.00 ? 47 GLY A N    1 
ATOM 769  C CA   . GLY A 1 47 ? 0.393   8.041   -12.448 1.00 0.00 ? 47 GLY A CA   1 
ATOM 770  C C    . GLY A 1 47 ? -0.808  7.989   -13.371 1.00 0.00 ? 47 GLY A C    1 
ATOM 771  O O    . GLY A 1 47 ? -1.544  7.002   -13.388 1.00 0.00 ? 47 GLY A O    1 
ATOM 772  H H    . GLY A 1 47 ? 0.116   8.965   -10.563 1.00 0.00 ? 47 GLY A H    1 
ATOM 773  H HA2  . GLY A 1 47 ? 1.287   8.151   -13.044 1.00 0.00 ? 47 GLY A HA2  1 
ATOM 774  H HA3  . GLY A 1 47 ? 0.451   7.114   -11.898 1.00 0.00 ? 47 GLY A HA3  1 
ATOM 775  N N    . THR A 1 48 ? -1.007  9.053   -14.141 1.00 0.00 ? 48 THR A N    1 
ATOM 776  C CA   . THR A 1 48 ? -2.128  9.124   -15.071 1.00 0.00 ? 48 THR A CA   1 
ATOM 777  C C    . THR A 1 48 ? -3.433  9.405   -14.333 1.00 0.00 ? 48 THR A C    1 
ATOM 778  O O    . THR A 1 48 ? -4.132  10.372  -14.633 1.00 0.00 ? 48 THR A O    1 
ATOM 779  C CB   . THR A 1 48 ? -2.246  7.820   -15.862 1.00 0.00 ? 48 THR A CB   1 
ATOM 780  O OG1  . THR A 1 48 ? -0.978  7.205   -16.006 1.00 0.00 ? 48 THR A OG1  1 
ATOM 781  C CG2  . THR A 1 48 ? -2.826  8.009   -17.246 1.00 0.00 ? 48 THR A CG2  1 
ATOM 782  H H    . THR A 1 48 ? -0.386  9.809   -14.082 1.00 0.00 ? 48 THR A H    1 
ATOM 783  H HA   . THR A 1 48 ? -1.936  9.934   -15.760 1.00 0.00 ? 48 THR A HA   1 
ATOM 784  H HB   . THR A 1 48 ? -2.892  7.142   -15.322 1.00 0.00 ? 48 THR A HB   1 
ATOM 785  H HG1  . THR A 1 48 ? -1.025  6.297   -15.698 1.00 0.00 ? 48 THR A HG1  1 
ATOM 786  H HG21 . THR A 1 48 ? -3.427  7.150   -17.506 1.00 0.00 ? 48 THR A HG21 1 
ATOM 787  H HG22 . THR A 1 48 ? -2.024  8.116   -17.961 1.00 0.00 ? 48 THR A HG22 1 
ATOM 788  H HG23 . THR A 1 48 ? -3.442  8.896   -17.261 1.00 0.00 ? 48 THR A HG23 1 
ATOM 789  N N    . GLN A 1 49 ? -3.753  8.552   -13.365 1.00 0.00 ? 49 GLN A N    1 
ATOM 790  C CA   . GLN A 1 49 ? -4.974  8.708   -12.584 1.00 0.00 ? 49 GLN A CA   1 
ATOM 791  C C    . GLN A 1 49 ? -5.198  7.502   -11.677 1.00 0.00 ? 49 GLN A C    1 
ATOM 792  O O    . GLN A 1 49 ? -6.243  6.856   -11.734 1.00 0.00 ? 49 GLN A O    1 
ATOM 793  C CB   . GLN A 1 49 ? -6.178  8.895   -13.509 1.00 0.00 ? 49 GLN A CB   1 
ATOM 794  C CG   . GLN A 1 49 ? -6.686  10.327  -13.565 1.00 0.00 ? 49 GLN A CG   1 
ATOM 795  C CD   . GLN A 1 49 ? -7.428  10.632  -14.850 1.00 0.00 ? 49 GLN A CD   1 
ATOM 796  O OE1  . GLN A 1 49 ? -7.459  11.774  -15.308 1.00 0.00 ? 49 GLN A OE1  1 
ATOM 797  N NE2  . GLN A 1 49 ? -8.033  9.608   -15.442 1.00 0.00 ? 49 GLN A NE2  1 
ATOM 798  H H    . GLN A 1 49 ? -3.155  7.800   -13.173 1.00 0.00 ? 49 GLN A H    1 
ATOM 799  H HA   . GLN A 1 49 ? -4.864  9.589   -11.969 1.00 0.00 ? 49 GLN A HA   1 
ATOM 800  H HB2  . GLN A 1 49 ? -5.899  8.596   -14.508 1.00 0.00 ? 49 GLN A HB2  1 
ATOM 801  H HB3  . GLN A 1 49 ? -6.983  8.263   -13.165 1.00 0.00 ? 49 GLN A HB3  1 
ATOM 802  H HG2  . GLN A 1 49 ? -7.355  10.490  -12.733 1.00 0.00 ? 49 GLN A HG2  1 
ATOM 803  H HG3  . GLN A 1 49 ? -5.842  10.998  -13.485 1.00 0.00 ? 49 GLN A HG3  1 
ATOM 804  H HE21 . GLN A 1 49 ? -7.967  8.726   -15.021 1.00 0.00 ? 49 GLN A HE21 1 
ATOM 805  H HE22 . GLN A 1 49 ? -8.521  9.776   -16.276 1.00 0.00 ? 49 GLN A HE22 1 
ATOM 806  N N    . SER A 1 50 ? -4.208  7.205   -10.841 1.00 0.00 ? 50 SER A N    1 
ATOM 807  C CA   . SER A 1 50 ? -4.297  6.076   -9.922  1.00 0.00 ? 50 SER A CA   1 
ATOM 808  C C    . SER A 1 50 ? -3.080  6.025   -9.004  1.00 0.00 ? 50 SER A C    1 
ATOM 809  O O    . SER A 1 50 ? -2.381  7.023   -8.826  1.00 0.00 ? 50 SER A O    1 
ATOM 810  C CB   . SER A 1 50 ? -4.416  4.765   -10.701 1.00 0.00 ? 50 SER A CB   1 
ATOM 811  O OG   . SER A 1 50 ? -5.571  4.042   -10.310 1.00 0.00 ? 50 SER A OG   1 
ATOM 812  H H    . SER A 1 50 ? -3.399  7.758   -10.842 1.00 0.00 ? 50 SER A H    1 
ATOM 813  H HA   . SER A 1 50 ? -5.183  6.209   -9.319  1.00 0.00 ? 50 SER A HA   1 
ATOM 814  H HB2  . SER A 1 50 ? -4.485  4.982   -11.756 1.00 0.00 ? 50 SER A HB2  1 
ATOM 815  H HB3  . SER A 1 50 ? -3.545  4.156   -10.514 1.00 0.00 ? 50 SER A HB3  1 
ATOM 816  H HG   . SER A 1 50 ? -6.153  4.616   -9.807  1.00 0.00 ? 50 SER A HG   1 
ATOM 817  N N    . ASN A 1 51 ? -2.833  4.857   -8.421  1.00 0.00 ? 51 ASN A N    1 
ATOM 818  C CA   . ASN A 1 51 ? -1.700  4.675   -7.521  1.00 0.00 ? 51 ASN A CA   1 
ATOM 819  C C    . ASN A 1 51 ? -1.315  3.202   -7.420  1.00 0.00 ? 51 ASN A C    1 
ATOM 820  O O    . ASN A 1 51 ? -1.734  2.384   -8.238  1.00 0.00 ? 51 ASN A O    1 
ATOM 821  C CB   . ASN A 1 51 ? -2.034  5.223   -6.132  1.00 0.00 ? 51 ASN A CB   1 
ATOM 822  C CG   . ASN A 1 51 ? -3.032  4.354   -5.392  1.00 0.00 ? 51 ASN A CG   1 
ATOM 823  O OD1  . ASN A 1 51 ? -2.836  3.147   -5.251  1.00 0.00 ? 51 ASN A OD1  1 
ATOM 824  N ND2  . ASN A 1 51 ? -4.109  4.966   -4.914  1.00 0.00 ? 51 ASN A ND2  1 
ATOM 825  H H    . ASN A 1 51 ? -3.426  4.097   -8.602  1.00 0.00 ? 51 ASN A H    1 
ATOM 826  H HA   . ASN A 1 51 ? -0.865  5.227   -7.925  1.00 0.00 ? 51 ASN A HA   1 
ATOM 827  H HB2  . ASN A 1 51 ? -1.128  5.277   -5.546  1.00 0.00 ? 51 ASN A HB2  1 
ATOM 828  H HB3  . ASN A 1 51 ? -2.452  6.214   -6.233  1.00 0.00 ? 51 ASN A HB3  1 
ATOM 829  H HD21 . ASN A 1 51 ? -4.198  5.930   -5.064  1.00 0.00 ? 51 ASN A HD21 1 
ATOM 830  H HD22 . ASN A 1 51 ? -4.771  4.428   -4.431  1.00 0.00 ? 51 ASN A HD22 1 
ATOM 831  N N    . HIS A 1 52 ? -0.514  2.873   -6.412  1.00 0.00 ? 52 HIS A N    1 
ATOM 832  C CA   . HIS A 1 52 ? -0.073  1.499   -6.204  1.00 0.00 ? 52 HIS A CA   1 
ATOM 833  C C    . HIS A 1 52 ? -0.452  1.010   -4.811  1.00 0.00 ? 52 HIS A C    1 
ATOM 834  O O    . HIS A 1 52 ? 0.112   1.454   -3.811  1.00 0.00 ? 52 HIS A O    1 
ATOM 835  C CB   . HIS A 1 52 ? 1.441   1.393   -6.401  1.00 0.00 ? 52 HIS A CB   1 
ATOM 836  C CG   . HIS A 1 52 ? 2.020   2.513   -7.207  1.00 0.00 ? 52 HIS A CG   1 
ATOM 837  N ND1  . HIS A 1 52 ? 1.622   2.796   -8.497  1.00 0.00 ? 52 HIS A ND1  1 
ATOM 838  C CD2  . HIS A 1 52 ? 2.974   3.424   -6.901  1.00 0.00 ? 52 HIS A CD2  1 
ATOM 839  C CE1  . HIS A 1 52 ? 2.306   3.832   -8.949  1.00 0.00 ? 52 HIS A CE1  1 
ATOM 840  N NE2  . HIS A 1 52 ? 3.132   4.232   -8.000  1.00 0.00 ? 52 HIS A NE2  1 
ATOM 841  H H    . HIS A 1 52 ? -0.213  3.571   -5.794  1.00 0.00 ? 52 HIS A H    1 
ATOM 842  H HA   . HIS A 1 52 ? -0.566  0.879   -6.938  1.00 0.00 ? 52 HIS A HA   1 
ATOM 843  H HB2  . HIS A 1 52 ? 1.922   1.396   -5.435  1.00 0.00 ? 52 HIS A HB2  1 
ATOM 844  H HB3  . HIS A 1 52 ? 1.667   0.465   -6.907  1.00 0.00 ? 52 HIS A HB3  1 
ATOM 845  H HD1  . HIS A 1 52 ? 0.940   2.309   -9.006  1.00 0.00 ? 52 HIS A HD1  1 
ATOM 846  H HD2  . HIS A 1 52 ? 3.510   3.502   -5.965  1.00 0.00 ? 52 HIS A HD2  1 
ATOM 847  H HE1  . HIS A 1 52 ? 2.205   4.278   -9.928  1.00 0.00 ? 52 HIS A HE1  1 
ATOM 848  H HE2  . HIS A 1 52 ? 3.692   5.035   -8.040  1.00 0.00 ? 52 HIS A HE2  1 
ATOM 849  N N    . VAL A 1 53 ? -1.413  0.093   -4.752  1.00 0.00 ? 53 VAL A N    1 
ATOM 850  C CA   . VAL A 1 53 ? -1.868  -0.456  -3.481  1.00 0.00 ? 53 VAL A CA   1 
ATOM 851  C C    . VAL A 1 53 ? -1.053  -1.684  -3.089  1.00 0.00 ? 53 VAL A C    1 
ATOM 852  O O    . VAL A 1 53 ? -1.082  -2.705  -3.775  1.00 0.00 ? 53 VAL A O    1 
ATOM 853  C CB   . VAL A 1 53 ? -3.358  -0.841  -3.536  1.00 0.00 ? 53 VAL A CB   1 
ATOM 854  C CG1  . VAL A 1 53 ? -3.565  -2.048  -4.437  1.00 0.00 ? 53 VAL A CG1  1 
ATOM 855  C CG2  . VAL A 1 53 ? -3.891  -1.113  -2.137  1.00 0.00 ? 53 VAL A CG2  1 
ATOM 856  H H    . VAL A 1 53 ? -1.825  -0.222  -5.584  1.00 0.00 ? 53 VAL A H    1 
ATOM 857  H HA   . VAL A 1 53 ? -1.742  0.304   -2.724  1.00 0.00 ? 53 VAL A HA   1 
ATOM 858  H HB   . VAL A 1 53 ? -3.908  -0.011  -3.953  1.00 0.00 ? 53 VAL A HB   1 
ATOM 859  H HG11 . VAL A 1 53 ? -3.253  -2.942  -3.919  1.00 0.00 ? 53 VAL A HG11 1 
ATOM 860  H HG12 . VAL A 1 53 ? -2.980  -1.930  -5.338  1.00 0.00 ? 53 VAL A HG12 1 
ATOM 861  H HG13 . VAL A 1 53 ? -4.611  -2.129  -4.697  1.00 0.00 ? 53 VAL A HG13 1 
ATOM 862  H HG21 . VAL A 1 53 ? -4.331  -2.099  -2.105  1.00 0.00 ? 53 VAL A HG21 1 
ATOM 863  H HG22 . VAL A 1 53 ? -4.640  -0.376  -1.888  1.00 0.00 ? 53 VAL A HG22 1 
ATOM 864  H HG23 . VAL A 1 53 ? -3.081  -1.056  -1.426  1.00 0.00 ? 53 VAL A HG23 1 
ATOM 865  N N    . LEU A 1 54 ? -0.325  -1.576  -1.982  1.00 0.00 ? 54 LEU A N    1 
ATOM 866  C CA   . LEU A 1 54 ? 0.499   -2.677  -1.499  1.00 0.00 ? 54 LEU A CA   1 
ATOM 867  C C    . LEU A 1 54 ? -0.078  -3.266  -0.215  1.00 0.00 ? 54 LEU A C    1 
ATOM 868  O O    . LEU A 1 54 ? -0.819  -2.600  0.507   1.00 0.00 ? 54 LEU A O    1 
ATOM 869  C CB   . LEU A 1 54 ? 1.933   -2.201  -1.256  1.00 0.00 ? 54 LEU A CB   1 
ATOM 870  C CG   . LEU A 1 54 ? 2.827   -2.179  -2.497  1.00 0.00 ? 54 LEU A CG   1 
ATOM 871  C CD1  . LEU A 1 54 ? 4.281   -1.975  -2.104  1.00 0.00 ? 54 LEU A CD1  1 
ATOM 872  C CD2  . LEU A 1 54 ? 2.664   -3.466  -3.293  1.00 0.00 ? 54 LEU A CD2  1 
ATOM 873  H H    . LEU A 1 54 ? -0.343  -0.736  -1.478  1.00 0.00 ? 54 LEU A H    1 
ATOM 874  H HA   . LEU A 1 54 ? 0.508   -3.444  -2.260  1.00 0.00 ? 54 LEU A HA   1 
ATOM 875  H HB2  . LEU A 1 54 ? 1.894   -1.202  -0.848  1.00 0.00 ? 54 LEU A HB2  1 
ATOM 876  H HB3  . LEU A 1 54 ? 2.387   -2.853  -0.525  1.00 0.00 ? 54 LEU A HB3  1 
ATOM 877  H HG   . LEU A 1 54 ? 2.533   -1.355  -3.129  1.00 0.00 ? 54 LEU A HG   1 
ATOM 878  H HD11 . LEU A 1 54 ? 4.600   -2.787  -1.468  1.00 0.00 ? 54 LEU A HD11 1 
ATOM 879  H HD12 . LEU A 1 54 ? 4.382   -1.040  -1.571  1.00 0.00 ? 54 LEU A HD12 1 
ATOM 880  H HD13 . LEU A 1 54 ? 4.895   -1.950  -2.992  1.00 0.00 ? 54 LEU A HD13 1 
ATOM 881  H HD21 . LEU A 1 54 ? 1.957   -3.307  -4.093  1.00 0.00 ? 54 LEU A HD21 1 
ATOM 882  H HD22 . LEU A 1 54 ? 2.300   -4.248  -2.642  1.00 0.00 ? 54 LEU A HD22 1 
ATOM 883  H HD23 . LEU A 1 54 ? 3.618   -3.756  -3.707  1.00 0.00 ? 54 LEU A HD23 1 
ATOM 884  N N    . PHE A 1 55 ? 0.268   -4.519  0.063   1.00 0.00 ? 55 PHE A N    1 
ATOM 885  C CA   . PHE A 1 55 ? -0.216  -5.197  1.259   1.00 0.00 ? 55 PHE A CA   1 
ATOM 886  C C    . PHE A 1 55 ? 0.907   -5.375  2.275   1.00 0.00 ? 55 PHE A C    1 
ATOM 887  O O    . PHE A 1 55 ? 1.807   -6.193  2.084   1.00 0.00 ? 55 PHE A O    1 
ATOM 888  C CB   . PHE A 1 55 ? -0.809  -6.560  0.894   1.00 0.00 ? 55 PHE A CB   1 
ATOM 889  C CG   . PHE A 1 55 ? -1.607  -7.183  2.004   1.00 0.00 ? 55 PHE A CG   1 
ATOM 890  C CD1  . PHE A 1 55 ? -2.527  -6.433  2.719   1.00 0.00 ? 55 PHE A CD1  1 
ATOM 891  C CD2  . PHE A 1 55 ? -1.437  -8.519  2.332   1.00 0.00 ? 55 PHE A CD2  1 
ATOM 892  C CE1  . PHE A 1 55 ? -3.263  -7.004  3.739   1.00 0.00 ? 55 PHE A CE1  1 
ATOM 893  C CE2  . PHE A 1 55 ? -2.169  -9.095  3.352   1.00 0.00 ? 55 PHE A CE2  1 
ATOM 894  C CZ   . PHE A 1 55 ? -3.083  -8.337  4.056   1.00 0.00 ? 55 PHE A CZ   1 
ATOM 895  H H    . PHE A 1 55 ? 0.862   -4.998  -0.552  1.00 0.00 ? 55 PHE A H    1 
ATOM 896  H HA   . PHE A 1 55 ? -0.988  -4.584  1.698   1.00 0.00 ? 55 PHE A HA   1 
ATOM 897  H HB2  . PHE A 1 55 ? -1.462  -6.443  0.041   1.00 0.00 ? 55 PHE A HB2  1 
ATOM 898  H HB3  . PHE A 1 55 ? -0.007  -7.236  0.639   1.00 0.00 ? 55 PHE A HB3  1 
ATOM 899  H HD1  . PHE A 1 55 ? -2.669  -5.392  2.471   1.00 0.00 ? 55 PHE A HD1  1 
ATOM 900  H HD2  . PHE A 1 55 ? -0.721  -9.112  1.781   1.00 0.00 ? 55 PHE A HD2  1 
ATOM 901  H HE1  . PHE A 1 55 ? -3.978  -6.410  4.290   1.00 0.00 ? 55 PHE A HE1  1 
ATOM 902  H HE2  . PHE A 1 55 ? -2.026  -10.137 3.598   1.00 0.00 ? 55 PHE A HE2  1 
ATOM 903  H HZ   . PHE A 1 55 ? -3.657  -8.786  4.854   1.00 0.00 ? 55 PHE A HZ   1 
ATOM 904  N N    . LEU A 1 56 ? 0.849   -4.604  3.356   1.00 0.00 ? 56 LEU A N    1 
ATOM 905  C CA   . LEU A 1 56 ? 1.862   -4.676  4.402   1.00 0.00 ? 56 LEU A CA   1 
ATOM 906  C C    . LEU A 1 56 ? 1.657   -5.911  5.273   1.00 0.00 ? 56 LEU A C    1 
ATOM 907  O O    . LEU A 1 56 ? 0.964   -5.859  6.289   1.00 0.00 ? 56 LEU A O    1 
ATOM 908  C CB   . LEU A 1 56 ? 1.823   -3.416  5.268   1.00 0.00 ? 56 LEU A CB   1 
ATOM 909  C CG   . LEU A 1 56 ? 1.934   -2.098  4.499   1.00 0.00 ? 56 LEU A CG   1 
ATOM 910  C CD1  . LEU A 1 56 ? 1.848   -0.916  5.451   1.00 0.00 ? 56 LEU A CD1  1 
ATOM 911  C CD2  . LEU A 1 56 ? 3.232   -2.053  3.706   1.00 0.00 ? 56 LEU A CD2  1 
ATOM 912  H H    . LEU A 1 56 ? 0.108   -3.971  3.452   1.00 0.00 ? 56 LEU A H    1 
ATOM 913  H HA   . LEU A 1 56 ? 2.828   -4.744  3.925   1.00 0.00 ? 56 LEU A HA   1 
ATOM 914  H HB2  . LEU A 1 56 ? 0.891   -3.411  5.817   1.00 0.00 ? 56 LEU A HB2  1 
ATOM 915  H HB3  . LEU A 1 56 ? 2.637   -3.463  5.975   1.00 0.00 ? 56 LEU A HB3  1 
ATOM 916  H HG   . LEU A 1 56 ? 1.112   -2.025  3.801   1.00 0.00 ? 56 LEU A HG   1 
ATOM 917  H HD11 . LEU A 1 56 ? 1.867   0.004   4.885   1.00 0.00 ? 56 LEU A HD11 1 
ATOM 918  H HD12 . LEU A 1 56 ? 2.687   -0.938  6.130   1.00 0.00 ? 56 LEU A HD12 1 
ATOM 919  H HD13 . LEU A 1 56 ? 0.927   -0.973  6.014   1.00 0.00 ? 56 LEU A HD13 1 
ATOM 920  H HD21 . LEU A 1 56 ? 3.259   -1.153  3.111   1.00 0.00 ? 56 LEU A HD21 1 
ATOM 921  H HD22 . LEU A 1 56 ? 3.288   -2.916  3.059   1.00 0.00 ? 56 LEU A HD22 1 
ATOM 922  H HD23 . LEU A 1 56 ? 4.070   -2.060  4.388   1.00 0.00 ? 56 LEU A HD23 1 
ATOM 923  N N    . SER A 1 57 ? 2.265   -7.022  4.869   1.00 0.00 ? 57 SER A N    1 
ATOM 924  C CA   . SER A 1 57 ? 2.149   -8.272  5.612   1.00 0.00 ? 57 SER A CA   1 
ATOM 925  C C    . SER A 1 57 ? 2.653   -8.102  7.042   1.00 0.00 ? 57 SER A C    1 
ATOM 926  O O    . SER A 1 57 ? 1.876   -8.168  7.996   1.00 0.00 ? 57 SER A O    1 
ATOM 927  C CB   . SER A 1 57 ? 2.935   -9.381  4.912   1.00 0.00 ? 57 SER A CB   1 
ATOM 928  O OG   . SER A 1 57 ? 2.064   -10.363 4.378   1.00 0.00 ? 57 SER A OG   1 
ATOM 929  H H    . SER A 1 57 ? 2.804   -7.001  4.051   1.00 0.00 ? 57 SER A H    1 
ATOM 930  H HA   . SER A 1 57 ? 1.105   -8.545  5.640   1.00 0.00 ? 57 SER A HA   1 
ATOM 931  H HB2  . SER A 1 57 ? 3.514   -8.956  4.106   1.00 0.00 ? 57 SER A HB2  1 
ATOM 932  H HB3  . SER A 1 57 ? 3.598   -9.853  5.622   1.00 0.00 ? 57 SER A HB3  1 
ATOM 933  H HG   . SER A 1 57 ? 2.206   -11.198 4.832   1.00 0.00 ? 57 SER A HG   1 
ATOM 934  N N    . SER A 1 58 ? 3.955   -7.882  7.184   1.00 0.00 ? 58 SER A N    1 
ATOM 935  C CA   . SER A 1 58 ? 4.562   -7.703  8.497   1.00 0.00 ? 58 SER A CA   1 
ATOM 936  C C    . SER A 1 58 ? 5.571   -6.560  8.480   1.00 0.00 ? 58 SER A C    1 
ATOM 937  O O    . SER A 1 58 ? 6.627   -6.660  7.854   1.00 0.00 ? 58 SER A O    1 
ATOM 938  C CB   . SER A 1 58 ? 5.247   -8.996  8.947   1.00 0.00 ? 58 SER A CB   1 
ATOM 939  O OG   . SER A 1 58 ? 4.698   -9.466  10.166  1.00 0.00 ? 58 SER A OG   1 
ATOM 940  H H    . SER A 1 58 ? 4.522   -7.841  6.386   1.00 0.00 ? 58 SER A H    1 
ATOM 941  H HA   . SER A 1 58 ? 3.775   -7.462  9.195   1.00 0.00 ? 58 SER A HA   1 
ATOM 942  H HB2  . SER A 1 58 ? 5.113   -9.754  8.190   1.00 0.00 ? 58 SER A HB2  1 
ATOM 943  H HB3  . SER A 1 58 ? 6.301   -8.810  9.089   1.00 0.00 ? 58 SER A HB3  1 
ATOM 944  H HG   . SER A 1 58 ? 4.057   -10.158 9.982   1.00 0.00 ? 58 SER A HG   1 
ATOM 945  N N    . TYR A 1 59 ? 5.238   -5.473  9.169   1.00 0.00 ? 59 TYR A N    1 
ATOM 946  C CA   . TYR A 1 59 ? 6.115   -4.309  9.232   1.00 0.00 ? 59 TYR A CA   1 
ATOM 947  C C    . TYR A 1 59 ? 6.713   -4.153  10.627  1.00 0.00 ? 59 TYR A C    1 
ATOM 948  O O    . TYR A 1 59 ? 5.988   -3.974  11.607  1.00 0.00 ? 59 TYR A O    1 
ATOM 949  C CB   . TYR A 1 59 ? 5.346   -3.044  8.849   1.00 0.00 ? 59 TYR A CB   1 
ATOM 950  C CG   . TYR A 1 59 ? 6.193   -2.013  8.137   1.00 0.00 ? 59 TYR A CG   1 
ATOM 951  C CD1  . TYR A 1 59 ? 6.374   -2.066  6.761   1.00 0.00 ? 59 TYR A CD1  1 
ATOM 952  C CD2  . TYR A 1 59 ? 6.810   -0.986  8.841   1.00 0.00 ? 59 TYR A CD2  1 
ATOM 953  C CE1  . TYR A 1 59 ? 7.147   -1.125  6.106   1.00 0.00 ? 59 TYR A CE1  1 
ATOM 954  C CE2  . TYR A 1 59 ? 7.583   -0.042  8.194   1.00 0.00 ? 59 TYR A CE2  1 
ATOM 955  C CZ   . TYR A 1 59 ? 7.749   -0.116  6.827   1.00 0.00 ? 59 TYR A CZ   1 
ATOM 956  O OH   . TYR A 1 59 ? 8.519   0.823   6.180   1.00 0.00 ? 59 TYR A OH   1 
ATOM 957  H H    . TYR A 1 59 ? 4.383   -5.454  9.647   1.00 0.00 ? 59 TYR A H    1 
ATOM 958  H HA   . TYR A 1 59 ? 6.917   -4.461  8.525   1.00 0.00 ? 59 TYR A HA   1 
ATOM 959  H HB2  . TYR A 1 59 ? 4.530   -3.312  8.195   1.00 0.00 ? 59 TYR A HB2  1 
ATOM 960  H HB3  . TYR A 1 59 ? 4.949   -2.588  9.745   1.00 0.00 ? 59 TYR A HB3  1 
ATOM 961  H HD1  . TYR A 1 59 ? 5.900   -2.857  6.199   1.00 0.00 ? 59 TYR A HD1  1 
ATOM 962  H HD2  . TYR A 1 59 ? 6.678   -0.931  9.912   1.00 0.00 ? 59 TYR A HD2  1 
ATOM 963  H HE1  . TYR A 1 59 ? 7.276   -1.183  5.035   1.00 0.00 ? 59 TYR A HE1  1 
ATOM 964  H HE2  . TYR A 1 59 ? 8.055   0.748   8.760   1.00 0.00 ? 59 TYR A HE2  1 
ATOM 965  H HH   . TYR A 1 59 ? 8.415   0.723   5.230   1.00 0.00 ? 59 TYR A HH   1 
ATOM 966  N N    . ASN A 1 60 ? 8.037   -4.222  10.709  1.00 0.00 ? 60 ASN A N    1 
ATOM 967  C CA   . ASN A 1 60 ? 8.731   -4.088  11.985  1.00 0.00 ? 60 ASN A CA   1 
ATOM 968  C C    . ASN A 1 60 ? 9.174   -2.646  12.214  1.00 0.00 ? 60 ASN A C    1 
ATOM 969  O O    . ASN A 1 60 ? 8.447   -1.852  12.810  1.00 0.00 ? 60 ASN A O    1 
ATOM 970  C CB   . ASN A 1 60 ? 9.944   -5.019  12.029  1.00 0.00 ? 60 ASN A CB   1 
ATOM 971  C CG   . ASN A 1 60 ? 9.549   -6.481  12.106  1.00 0.00 ? 60 ASN A CG   1 
ATOM 972  O OD1  . ASN A 1 60 ? 8.663   -6.935  11.382  1.00 0.00 ? 60 ASN A OD1  1 
ATOM 973  N ND2  . ASN A 1 60 ? 10.206  -7.226  12.988  1.00 0.00 ? 60 ASN A ND2  1 
ATOM 974  H H    . ASN A 1 60 ? 8.560   -4.367  9.893   1.00 0.00 ? 60 ASN A H    1 
ATOM 975  H HA   . ASN A 1 60 ? 8.044   -4.369  12.768  1.00 0.00 ? 60 ASN A HA   1 
ATOM 976  H HB2  . ASN A 1 60 ? 10.536  -4.872  11.137  1.00 0.00 ? 60 ASN A HB2  1 
ATOM 977  H HB3  . ASN A 1 60 ? 10.542  -4.780  12.896  1.00 0.00 ? 60 ASN A HB3  1 
ATOM 978  H HD21 . ASN A 1 60 ? 10.899  -6.797  13.531  1.00 0.00 ? 60 ASN A HD21 1 
ATOM 979  H HD22 . ASN A 1 60 ? 9.971   -8.174  13.058  1.00 0.00 ? 60 ASN A HD22 1 
ATOM 980  N N    . SER A 1 61 ? 10.369  -2.317  11.738  1.00 0.00 ? 61 SER A N    1 
ATOM 981  C CA   . SER A 1 61 ? 10.909  -0.971  11.890  1.00 0.00 ? 61 SER A CA   1 
ATOM 982  C C    . SER A 1 61 ? 12.385  -0.929  11.509  1.00 0.00 ? 61 SER A C    1 
ATOM 983  O O    . SER A 1 61 ? 13.237  -0.574  12.324  1.00 0.00 ? 61 SER A O    1 
ATOM 984  C CB   . SER A 1 61 ? 10.728  -0.487  13.331  1.00 0.00 ? 61 SER A CB   1 
ATOM 985  O OG   . SER A 1 61 ? 10.429  -1.567  14.198  1.00 0.00 ? 61 SER A OG   1 
ATOM 986  H H    . SER A 1 61 ? 10.902  -2.995  11.272  1.00 0.00 ? 61 SER A H    1 
ATOM 987  H HA   . SER A 1 61 ? 10.360  -0.317  11.230  1.00 0.00 ? 61 SER A HA   1 
ATOM 988  H HB2  . SER A 1 61 ? 11.639  -0.015  13.667  1.00 0.00 ? 61 SER A HB2  1 
ATOM 989  H HB3  . SER A 1 61 ? 9.918   0.226   13.370  1.00 0.00 ? 61 SER A HB3  1 
ATOM 990  H HG   . SER A 1 61 ? 11.203  -1.779  14.724  1.00 0.00 ? 61 SER A HG   1 
ATOM 991  N N    . VAL A 1 62 ? 12.681  -1.295  10.266  1.00 0.00 ? 62 VAL A N    1 
ATOM 992  C CA   . VAL A 1 62 ? 14.053  -1.299  9.777   1.00 0.00 ? 62 VAL A CA   1 
ATOM 993  C C    . VAL A 1 62 ? 14.129  -0.778  8.346   1.00 0.00 ? 62 VAL A C    1 
ATOM 994  O O    . VAL A 1 62 ? 13.291  -1.112  7.509   1.00 0.00 ? 62 VAL A O    1 
ATOM 995  C CB   . VAL A 1 62 ? 14.664  -2.712  9.829   1.00 0.00 ? 62 VAL A CB   1 
ATOM 996  C CG1  . VAL A 1 62 ? 14.404  -3.358  11.181  1.00 0.00 ? 62 VAL A CG1  1 
ATOM 997  C CG2  . VAL A 1 62 ? 14.112  -3.573  8.703   1.00 0.00 ? 62 VAL A CG2  1 
ATOM 998  H H    . VAL A 1 62 ? 11.957  -1.568  9.664   1.00 0.00 ? 62 VAL A H    1 
ATOM 999  H HA   . VAL A 1 62 ? 14.638  -0.653  10.417  1.00 0.00 ? 62 VAL A HA   1 
ATOM 1000 H HB   . VAL A 1 62 ? 15.733  -2.626  9.697   1.00 0.00 ? 62 VAL A HB   1 
ATOM 1001 H HG11 . VAL A 1 62 ? 14.605  -2.644  11.966  1.00 0.00 ? 62 VAL A HG11 1 
ATOM 1002 H HG12 . VAL A 1 62 ? 15.049  -4.216  11.300  1.00 0.00 ? 62 VAL A HG12 1 
ATOM 1003 H HG13 . VAL A 1 62 ? 13.373  -3.673  11.237  1.00 0.00 ? 62 VAL A HG13 1 
ATOM 1004 H HG21 . VAL A 1 62 ? 13.039  -3.638  8.791   1.00 0.00 ? 62 VAL A HG21 1 
ATOM 1005 H HG22 . VAL A 1 62 ? 14.539  -4.563  8.766   1.00 0.00 ? 62 VAL A HG22 1 
ATOM 1006 H HG23 . VAL A 1 62 ? 14.369  -3.130  7.752   1.00 0.00 ? 62 VAL A HG23 1 
ATOM 1007 N N    . ASP A 1 63 ? 15.138  0.041   8.073   1.00 0.00 ? 63 ASP A N    1 
ATOM 1008 C CA   . ASP A 1 63 ? 15.323  0.609   6.742   1.00 0.00 ? 63 ASP A CA   1 
ATOM 1009 C C    . ASP A 1 63 ? 14.959  -0.405  5.663   1.00 0.00 ? 63 ASP A C    1 
ATOM 1010 O O    . ASP A 1 63 ? 14.365  -0.055  4.643   1.00 0.00 ? 63 ASP A O    1 
ATOM 1011 C CB   . ASP A 1 63 ? 16.770  1.070   6.558   1.00 0.00 ? 63 ASP A CB   1 
ATOM 1012 C CG   . ASP A 1 63 ? 16.973  2.515   6.970   1.00 0.00 ? 63 ASP A CG   1 
ATOM 1013 O OD1  . ASP A 1 63 ? 15.981  3.169   7.351   1.00 0.00 ? 63 ASP A OD1  1 
ATOM 1014 O OD2  . ASP A 1 63 ? 18.127  2.992   6.912   1.00 0.00 ? 63 ASP A OD2  1 
ATOM 1015 H H    . ASP A 1 63 ? 15.774  0.271   8.782   1.00 0.00 ? 63 ASP A H    1 
ATOM 1016 H HA   . ASP A 1 63 ? 14.669  1.464   6.652   1.00 0.00 ? 63 ASP A HA   1 
ATOM 1017 H HB2  . ASP A 1 63 ? 17.418  0.450   7.158   1.00 0.00 ? 63 ASP A HB2  1 
ATOM 1018 H HB3  . ASP A 1 63 ? 17.044  0.969   5.518   1.00 0.00 ? 63 ASP A HB3  1 
ATOM 1019 N N    . GLU A 1 64 ? 15.319  -1.663  5.894   1.00 0.00 ? 64 GLU A N    1 
ATOM 1020 C CA   . GLU A 1 64 ? 15.029  -2.728  4.941   1.00 0.00 ? 64 GLU A CA   1 
ATOM 1021 C C    . GLU A 1 64 ? 13.612  -2.596  4.392   1.00 0.00 ? 64 GLU A C    1 
ATOM 1022 O O    . GLU A 1 64 ? 13.395  -2.680  3.183   1.00 0.00 ? 64 GLU A O    1 
ATOM 1023 C CB   . GLU A 1 64 ? 15.207  -4.096  5.604   1.00 0.00 ? 64 GLU A CB   1 
ATOM 1024 C CG   . GLU A 1 64 ? 15.321  -5.241  4.612   1.00 0.00 ? 64 GLU A CG   1 
ATOM 1025 C CD   . GLU A 1 64 ? 16.033  -6.447  5.193   1.00 0.00 ? 64 GLU A CD   1 
ATOM 1026 O OE1  . GLU A 1 64 ? 17.224  -6.319  5.546   1.00 0.00 ? 64 GLU A OE1  1 
ATOM 1027 O OE2  . GLU A 1 64 ? 15.400  -7.519  5.296   1.00 0.00 ? 64 GLU A OE2  1 
ATOM 1028 H H    . GLU A 1 64 ? 15.790  -1.881  6.725   1.00 0.00 ? 64 GLU A H    1 
ATOM 1029 H HA   . GLU A 1 64 ? 15.729  -2.641  4.123   1.00 0.00 ? 64 GLU A HA   1 
ATOM 1030 H HB2  . GLU A 1 64 ? 16.104  -4.078  6.205   1.00 0.00 ? 64 GLU A HB2  1 
ATOM 1031 H HB3  . GLU A 1 64 ? 14.359  -4.285  6.245   1.00 0.00 ? 64 GLU A HB3  1 
ATOM 1032 H HG2  . GLU A 1 64 ? 14.327  -5.541  4.312   1.00 0.00 ? 64 GLU A HG2  1 
ATOM 1033 H HG3  . GLU A 1 64 ? 15.869  -4.899  3.747   1.00 0.00 ? 64 GLU A HG3  1 
ATOM 1034 N N    . ILE A 1 65 ? 12.652  -2.391  5.287   1.00 0.00 ? 65 ILE A N    1 
ATOM 1035 C CA   . ILE A 1 65 ? 11.257  -2.248  4.892   1.00 0.00 ? 65 ILE A CA   1 
ATOM 1036 C C    . ILE A 1 65 ? 10.969  -0.835  4.395   1.00 0.00 ? 65 ILE A C    1 
ATOM 1037 O O    . ILE A 1 65 ? 10.172  -0.640  3.476   1.00 0.00 ? 65 ILE A O    1 
ATOM 1038 C CB   . ILE A 1 65 ? 10.306  -2.571  6.060   1.00 0.00 ? 65 ILE A CB   1 
ATOM 1039 C CG1  . ILE A 1 65 ? 10.846  -1.984  7.365   1.00 0.00 ? 65 ILE A CG1  1 
ATOM 1040 C CG2  . ILE A 1 65 ? 10.116  -4.075  6.187   1.00 0.00 ? 65 ILE A CG2  1 
ATOM 1041 C CD1  . ILE A 1 65 ? 9.813   -1.915  8.470   1.00 0.00 ? 65 ILE A CD1  1 
ATOM 1042 H H    . ILE A 1 65 ? 12.889  -2.334  6.237   1.00 0.00 ? 65 ILE A H    1 
ATOM 1043 H HA   . ILE A 1 65 ? 11.063  -2.947  4.093   1.00 0.00 ? 65 ILE A HA   1 
ATOM 1044 H HB   . ILE A 1 65 ? 9.344   -2.129  5.846   1.00 0.00 ? 65 ILE A HB   1 
ATOM 1045 H HG12 . ILE A 1 65 ? 11.665  -2.595  7.716   1.00 0.00 ? 65 ILE A HG12 1 
ATOM 1046 H HG13 . ILE A 1 65 ? 11.204  -0.982  7.181   1.00 0.00 ? 65 ILE A HG13 1 
ATOM 1047 H HG21 . ILE A 1 65 ? 9.473   -4.288  7.029   1.00 0.00 ? 65 ILE A HG21 1 
ATOM 1048 H HG22 . ILE A 1 65 ? 11.075  -4.548  6.340   1.00 0.00 ? 65 ILE A HG22 1 
ATOM 1049 H HG23 . ILE A 1 65 ? 9.666   -4.459  5.284   1.00 0.00 ? 65 ILE A HG23 1 
ATOM 1050 H HD11 . ILE A 1 65 ? 9.778   -0.911  8.866   1.00 0.00 ? 65 ILE A HD11 1 
ATOM 1051 H HD12 . ILE A 1 65 ? 10.082  -2.604  9.256   1.00 0.00 ? 65 ILE A HD12 1 
ATOM 1052 H HD13 . ILE A 1 65 ? 8.844   -2.181  8.073   1.00 0.00 ? 65 ILE A HD13 1 
ATOM 1053 N N    . ARG A 1 66 ? 11.621  0.147   5.007   1.00 0.00 ? 66 ARG A N    1 
ATOM 1054 C CA   . ARG A 1 66 ? 11.435  1.542   4.627   1.00 0.00 ? 66 ARG A CA   1 
ATOM 1055 C C    . ARG A 1 66 ? 11.887  1.779   3.188   1.00 0.00 ? 66 ARG A C    1 
ATOM 1056 O O    . ARG A 1 66 ? 11.202  2.451   2.416   1.00 0.00 ? 66 ARG A O    1 
ATOM 1057 C CB   . ARG A 1 66 ? 12.211  2.459   5.574   1.00 0.00 ? 66 ARG A CB   1 
ATOM 1058 C CG   . ARG A 1 66 ? 11.694  3.888   5.597   1.00 0.00 ? 66 ARG A CG   1 
ATOM 1059 C CD   . ARG A 1 66 ? 12.190  4.641   6.820   1.00 0.00 ? 66 ARG A CD   1 
ATOM 1060 N NE   . ARG A 1 66 ? 12.450  6.048   6.530   1.00 0.00 ? 66 ARG A NE   1 
ATOM 1061 C CZ   . ARG A 1 66 ? 13.572  6.489   5.970   1.00 0.00 ? 66 ARG A CZ   1 
ATOM 1062 N NH1  . ARG A 1 66 ? 14.532  5.635   5.642   1.00 0.00 ? 66 ARG A NH1  1 
ATOM 1063 N NH2  . ARG A 1 66 ? 13.734  7.784   5.737   1.00 0.00 ? 66 ARG A NH2  1 
ATOM 1064 H H    . ARG A 1 66 ? 12.243  -0.071  5.732   1.00 0.00 ? 66 ARG A H    1 
ATOM 1065 H HA   . ARG A 1 66 ? 10.382  1.769   4.703   1.00 0.00 ? 66 ARG A HA   1 
ATOM 1066 H HB2  . ARG A 1 66 ? 12.147  2.060   6.575   1.00 0.00 ? 66 ARG A HB2  1 
ATOM 1067 H HB3  . ARG A 1 66 ? 13.247  2.479   5.269   1.00 0.00 ? 66 ARG A HB3  1 
ATOM 1068 H HG2  . ARG A 1 66 ? 12.037  4.400   4.709   1.00 0.00 ? 66 ARG A HG2  1 
ATOM 1069 H HG3  . ARG A 1 66 ? 10.614  3.870   5.609   1.00 0.00 ? 66 ARG A HG3  1 
ATOM 1070 H HD2  . ARG A 1 66 ? 11.441  4.576   7.595   1.00 0.00 ? 66 ARG A HD2  1 
ATOM 1071 H HD3  . ARG A 1 66 ? 13.104  4.180   7.165   1.00 0.00 ? 66 ARG A HD3  1 
ATOM 1072 H HE   . ARG A 1 66 ? 11.754  6.696   6.763   1.00 0.00 ? 66 ARG A HE   1 
ATOM 1073 H HH11 . ARG A 1 66 ? 14.412  4.657   5.816   1.00 0.00 ? 66 ARG A HH11 1 
ATOM 1074 H HH12 . ARG A 1 66 ? 15.376  5.968   5.221   1.00 0.00 ? 66 ARG A HH12 1 
ATOM 1075 H HH21 . ARG A 1 66 ? 13.011  8.431   5.982   1.00 0.00 ? 66 ARG A HH21 1 
ATOM 1076 H HH22 . ARG A 1 66 ? 14.579  8.114   5.315   1.00 0.00 ? 66 ARG A HH22 1 
ATOM 1077 N N    . LYS A 1 67 ? 13.041  1.223   2.837   1.00 0.00 ? 67 LYS A N    1 
ATOM 1078 C CA   . LYS A 1 67 ? 13.583  1.372   1.491   1.00 0.00 ? 67 LYS A CA   1 
ATOM 1079 C C    . LYS A 1 67 ? 12.665  0.726   0.459   1.00 0.00 ? 67 LYS A C    1 
ATOM 1080 O O    . LYS A 1 67 ? 12.354  1.325   -0.570  1.00 0.00 ? 67 LYS A O    1 
ATOM 1081 C CB   . LYS A 1 67 ? 14.978  0.751   1.410   1.00 0.00 ? 67 LYS A CB   1 
ATOM 1082 C CG   . LYS A 1 67 ? 16.078  1.762   1.128   1.00 0.00 ? 67 LYS A CG   1 
ATOM 1083 C CD   . LYS A 1 67 ? 17.447  1.210   1.495   1.00 0.00 ? 67 LYS A CD   1 
ATOM 1084 C CE   . LYS A 1 67 ? 18.557  1.942   0.756   1.00 0.00 ? 67 LYS A CE   1 
ATOM 1085 N NZ   . LYS A 1 67 ? 19.609  1.007   0.269   1.00 0.00 ? 67 LYS A NZ   1 
ATOM 1086 H H    . LYS A 1 67 ? 13.539  0.698   3.498   1.00 0.00 ? 67 LYS A H    1 
ATOM 1087 H HA   . LYS A 1 67 ? 13.656  2.429   1.280   1.00 0.00 ? 67 LYS A HA   1 
ATOM 1088 H HB2  . LYS A 1 67 ? 15.198  0.263   2.347   1.00 0.00 ? 67 LYS A HB2  1 
ATOM 1089 H HB3  . LYS A 1 67 ? 14.986  0.014   0.620   1.00 0.00 ? 67 LYS A HB3  1 
ATOM 1090 H HG2  . LYS A 1 67 ? 16.070  2.005   0.076   1.00 0.00 ? 67 LYS A HG2  1 
ATOM 1091 H HG3  . LYS A 1 67 ? 15.891  2.653   1.708   1.00 0.00 ? 67 LYS A HG3  1 
ATOM 1092 H HD2  . LYS A 1 67 ? 17.599  1.327   2.557   1.00 0.00 ? 67 LYS A HD2  1 
ATOM 1093 H HD3  . LYS A 1 67 ? 17.484  0.163   1.236   1.00 0.00 ? 67 LYS A HD3  1 
ATOM 1094 H HE2  . LYS A 1 67 ? 18.129  2.459   -0.089  1.00 0.00 ? 67 LYS A HE2  1 
ATOM 1095 H HE3  . LYS A 1 67 ? 19.007  2.658   1.427   1.00 0.00 ? 67 LYS A HE3  1 
ATOM 1096 H HZ1  . LYS A 1 67 ? 19.877  1.248   -0.706  1.00 0.00 ? 67 LYS A HZ1  1 
ATOM 1097 H HZ2  . LYS A 1 67 ? 19.256  0.029   0.289   1.00 0.00 ? 67 LYS A HZ2  1 
ATOM 1098 H HZ3  . LYS A 1 67 ? 20.452  1.071   0.876   1.00 0.00 ? 67 LYS A HZ3  1 
ATOM 1099 N N    . GLU A 1 68 ? 12.233  -0.498  0.743   1.00 0.00 ? 68 GLU A N    1 
ATOM 1100 C CA   . GLU A 1 68 ? 11.350  -1.225  -0.160  1.00 0.00 ? 68 GLU A CA   1 
ATOM 1101 C C    . GLU A 1 68 ? 10.184  -0.348  -0.606  1.00 0.00 ? 68 GLU A C    1 
ATOM 1102 O O    . GLU A 1 68 ? 9.996   -0.107  -1.799  1.00 0.00 ? 68 GLU A O    1 
ATOM 1103 C CB   . GLU A 1 68 ? 10.820  -2.491  0.518   1.00 0.00 ? 68 GLU A CB   1 
ATOM 1104 C CG   . GLU A 1 68 ? 10.486  -3.609  -0.455  1.00 0.00 ? 68 GLU A CG   1 
ATOM 1105 C CD   . GLU A 1 68 ? 10.971  -4.963  0.026   1.00 0.00 ? 68 GLU A CD   1 
ATOM 1106 O OE1  . GLU A 1 68 ? 10.228  -5.627  0.780   1.00 0.00 ? 68 GLU A OE1  1 
ATOM 1107 O OE2  . GLU A 1 68 ? 12.094  -5.359  -0.351  1.00 0.00 ? 68 GLU A OE2  1 
ATOM 1108 H H    . GLU A 1 68 ? 12.515  -0.923  1.581   1.00 0.00 ? 68 GLU A H    1 
ATOM 1109 H HA   . GLU A 1 68 ? 11.924  -1.509  -1.030  1.00 0.00 ? 68 GLU A HA   1 
ATOM 1110 H HB2  . GLU A 1 68 ? 11.566  -2.853  1.209   1.00 0.00 ? 68 GLU A HB2  1 
ATOM 1111 H HB3  . GLU A 1 68 ? 9.924   -2.242  1.068   1.00 0.00 ? 68 GLU A HB3  1 
ATOM 1112 H HG2  . GLU A 1 68 ? 9.415   -3.652  -0.581  1.00 0.00 ? 68 GLU A HG2  1 
ATOM 1113 H HG3  . GLU A 1 68 ? 10.951  -3.392  -1.405  1.00 0.00 ? 68 GLU A HG3  1 
ATOM 1114 N N    . LEU A 1 69 ? 9.405   0.127   0.359   1.00 0.00 ? 69 LEU A N    1 
ATOM 1115 C CA   . LEU A 1 69 ? 8.258   0.979   0.067   1.00 0.00 ? 69 LEU A CA   1 
ATOM 1116 C C    . LEU A 1 69 ? 8.668   2.166   -0.799  1.00 0.00 ? 69 LEU A C    1 
ATOM 1117 O O    . LEU A 1 69 ? 8.336   2.227   -1.983  1.00 0.00 ? 69 LEU A O    1 
ATOM 1118 C CB   . LEU A 1 69 ? 7.620   1.476   1.365   1.00 0.00 ? 69 LEU A CB   1 
ATOM 1119 C CG   . LEU A 1 69 ? 6.091   1.441   1.390   1.00 0.00 ? 69 LEU A CG   1 
ATOM 1120 C CD1  . LEU A 1 69 ? 5.587   0.015   1.227   1.00 0.00 ? 69 LEU A CD1  1 
ATOM 1121 C CD2  . LEU A 1 69 ? 5.567   2.049   2.683   1.00 0.00 ? 69 LEU A CD2  1 
ATOM 1122 H H    . LEU A 1 69 ? 9.606   -0.100  1.292   1.00 0.00 ? 69 LEU A H    1 
ATOM 1123 H HA   . LEU A 1 69 ? 7.536   0.386   -0.475  1.00 0.00 ? 69 LEU A HA   1 
ATOM 1124 H HB2  . LEU A 1 69 ? 7.988   0.867   2.177   1.00 0.00 ? 69 LEU A HB2  1 
ATOM 1125 H HB3  . LEU A 1 69 ? 7.937   2.494   1.530   1.00 0.00 ? 69 LEU A HB3  1 
ATOM 1126 H HG   . LEU A 1 69 ? 5.711   2.027   0.566   1.00 0.00 ? 69 LEU A HG   1 
ATOM 1127 H HD11 . LEU A 1 69 ? 5.894   -0.366  0.264   1.00 0.00 ? 69 LEU A HD11 1 
ATOM 1128 H HD12 . LEU A 1 69 ? 4.509   0.005   1.292   1.00 0.00 ? 69 LEU A HD12 1 
ATOM 1129 H HD13 . LEU A 1 69 ? 6.001   -0.604  2.008   1.00 0.00 ? 69 LEU A HD13 1 
ATOM 1130 H HD21 . LEU A 1 69 ? 6.149   2.923   2.932   1.00 0.00 ? 69 LEU A HD21 1 
ATOM 1131 H HD22 . LEU A 1 69 ? 5.647   1.324   3.480   1.00 0.00 ? 69 LEU A HD22 1 
ATOM 1132 H HD23 . LEU A 1 69 ? 4.532   2.331   2.555   1.00 0.00 ? 69 LEU A HD23 1 
ATOM 1133 N N    . GLU A 1 70 ? 9.393   3.105   -0.201  1.00 0.00 ? 70 GLU A N    1 
ATOM 1134 C CA   . GLU A 1 70 ? 9.848   4.290   -0.917  1.00 0.00 ? 70 GLU A CA   1 
ATOM 1135 C C    . GLU A 1 70 ? 10.255  3.941   -2.345  1.00 0.00 ? 70 GLU A C    1 
ATOM 1136 O O    . GLU A 1 70 ? 10.133  4.761   -3.254  1.00 0.00 ? 70 GLU A O    1 
ATOM 1137 C CB   . GLU A 1 70 ? 11.027  4.934   -0.183  1.00 0.00 ? 70 GLU A CB   1 
ATOM 1138 C CG   . GLU A 1 70 ? 10.898  6.441   -0.031  1.00 0.00 ? 70 GLU A CG   1 
ATOM 1139 C CD   . GLU A 1 70 ? 11.834  7.003   1.020   1.00 0.00 ? 70 GLU A CD   1 
ATOM 1140 O OE1  . GLU A 1 70 ? 11.461  6.995   2.213   1.00 0.00 ? 70 GLU A OE1  1 
ATOM 1141 O OE2  . GLU A 1 70 ? 12.941  7.452   0.653   1.00 0.00 ? 70 GLU A OE2  1 
ATOM 1142 H H    . GLU A 1 70 ? 9.626   3.000   0.745   1.00 0.00 ? 70 GLU A H    1 
ATOM 1143 H HA   . GLU A 1 70 ? 9.030   4.993   -0.951  1.00 0.00 ? 70 GLU A HA   1 
ATOM 1144 H HB2  . GLU A 1 70 ? 11.101  4.500   0.804   1.00 0.00 ? 70 GLU A HB2  1 
ATOM 1145 H HB3  . GLU A 1 70 ? 11.934  4.725   -0.729  1.00 0.00 ? 70 GLU A HB3  1 
ATOM 1146 H HG2  . GLU A 1 70 ? 11.126  6.907   -0.978  1.00 0.00 ? 70 GLU A HG2  1 
ATOM 1147 H HG3  . GLU A 1 70 ? 9.881   6.677   0.249   1.00 0.00 ? 70 GLU A HG3  1 
ATOM 1148 N N    . GLU A 1 71 ? 10.739  2.718   -2.534  1.00 0.00 ? 71 GLU A N    1 
ATOM 1149 C CA   . GLU A 1 71 ? 11.164  2.259   -3.852  1.00 0.00 ? 71 GLU A CA   1 
ATOM 1150 C C    . GLU A 1 71 ? 9.967   2.098   -4.783  1.00 0.00 ? 71 GLU A C    1 
ATOM 1151 O O    . GLU A 1 71 ? 10.005  2.520   -5.939  1.00 0.00 ? 71 GLU A O    1 
ATOM 1152 C CB   . GLU A 1 71 ? 11.916  0.932   -3.735  1.00 0.00 ? 71 GLU A CB   1 
ATOM 1153 C CG   . GLU A 1 71 ? 13.402  1.048   -4.028  1.00 0.00 ? 71 GLU A CG   1 
ATOM 1154 C CD   . GLU A 1 71 ? 14.170  -0.206  -3.655  1.00 0.00 ? 71 GLU A CD   1 
ATOM 1155 O OE1  . GLU A 1 71 ? 14.179  -1.158  -4.462  1.00 0.00 ? 71 GLU A OE1  1 
ATOM 1156 O OE2  . GLU A 1 71 ? 14.761  -0.235  -2.555  1.00 0.00 ? 71 GLU A OE2  1 
ATOM 1157 H H    . GLU A 1 71 ? 10.813  2.109   -1.769  1.00 0.00 ? 71 GLU A H    1 
ATOM 1158 H HA   . GLU A 1 71 ? 11.827  3.003   -4.264  1.00 0.00 ? 71 GLU A HA   1 
ATOM 1159 H HB2  . GLU A 1 71 ? 11.798  0.551   -2.731  1.00 0.00 ? 71 GLU A HB2  1 
ATOM 1160 H HB3  . GLU A 1 71 ? 11.488  0.226   -4.431  1.00 0.00 ? 71 GLU A HB3  1 
ATOM 1161 H HG2  . GLU A 1 71 ? 13.535  1.232   -5.083  1.00 0.00 ? 71 GLU A HG2  1 
ATOM 1162 H HG3  . GLU A 1 71 ? 13.804  1.879   -3.465  1.00 0.00 ? 71 GLU A HG3  1 
ATOM 1163 N N    . ALA A 1 72 ? 8.904   1.483   -4.272  1.00 0.00 ? 72 ALA A N    1 
ATOM 1164 C CA   . ALA A 1 72 ? 7.696   1.266   -5.059  1.00 0.00 ? 72 ALA A CA   1 
ATOM 1165 C C    . ALA A 1 72 ? 6.756   2.464   -4.962  1.00 0.00 ? 72 ALA A C    1 
ATOM 1166 O O    . ALA A 1 72 ? 5.601   2.393   -5.381  1.00 0.00 ? 72 ALA A O    1 
ATOM 1167 C CB   . ALA A 1 72 ? 6.990   0.000   -4.600  1.00 0.00 ? 72 ALA A CB   1 
ATOM 1168 H H    . ALA A 1 72 ? 8.933   1.169   -3.345  1.00 0.00 ? 72 ALA A H    1 
ATOM 1169 H HA   . ALA A 1 72 ? 7.989   1.134   -6.090  1.00 0.00 ? 72 ALA A HA   1 
ATOM 1170 H HB1  . ALA A 1 72 ? 7.530   -0.864  -4.959  1.00 0.00 ? 72 ALA A HB1  1 
ATOM 1171 H HB2  . ALA A 1 72 ? 5.985   -0.015  -4.996  1.00 0.00 ? 72 ALA A HB2  1 
ATOM 1172 H HB3  . ALA A 1 72 ? 6.953   -0.022  -3.522  1.00 0.00 ? 72 ALA A HB3  1 
ATOM 1173 N N    . GLY A 1 73 ? 7.260   3.562   -4.408  1.00 0.00 ? 73 GLY A N    1 
ATOM 1174 C CA   . GLY A 1 73 ? 6.451   4.759   -4.267  1.00 0.00 ? 73 GLY A CA   1 
ATOM 1175 C C    . GLY A 1 73 ? 6.706   5.765   -5.372  1.00 0.00 ? 73 GLY A C    1 
ATOM 1176 O O    . GLY A 1 73 ? 5.779   6.186   -6.063  1.00 0.00 ? 73 GLY A O    1 
ATOM 1177 H H    . GLY A 1 73 ? 8.187   3.559   -4.093  1.00 0.00 ? 73 GLY A H    1 
ATOM 1178 H HA2  . GLY A 1 73 ? 5.408   4.479   -4.283  1.00 0.00 ? 73 GLY A HA2  1 
ATOM 1179 H HA3  . GLY A 1 73 ? 6.674   5.220   -3.317  1.00 0.00 ? 73 GLY A HA3  1 
ATOM 1180 N N    . ALA A 1 74 ? 7.967   6.150   -5.538  1.00 0.00 ? 74 ALA A N    1 
ATOM 1181 C CA   . ALA A 1 74 ? 8.341   7.114   -6.567  1.00 0.00 ? 74 ALA A CA   1 
ATOM 1182 C C    . ALA A 1 74 ? 9.694   6.766   -7.177  1.00 0.00 ? 74 ALA A C    1 
ATOM 1183 O O    . ALA A 1 74 ? 10.293  7.574   -7.886  1.00 0.00 ? 74 ALA A O    1 
ATOM 1184 C CB   . ALA A 1 74 ? 8.368   8.520   -5.987  1.00 0.00 ? 74 ALA A CB   1 
ATOM 1185 H H    . ALA A 1 74 ? 8.662   5.778   -4.956  1.00 0.00 ? 74 ALA A H    1 
ATOM 1186 H HA   . ALA A 1 74 ? 7.590   7.082   -7.342  1.00 0.00 ? 74 ALA A HA   1 
ATOM 1187 H HB1  . ALA A 1 74 ? 7.723   9.162   -6.570  1.00 0.00 ? 74 ALA A HB1  1 
ATOM 1188 H HB2  . ALA A 1 74 ? 9.377   8.902   -6.015  1.00 0.00 ? 74 ALA A HB2  1 
ATOM 1189 H HB3  . ALA A 1 74 ? 8.021   8.495   -4.965  1.00 0.00 ? 74 ALA A HB3  1 
ATOM 1190 N N    . LYS A 1 75 ? 10.171  5.557   -6.897  1.00 0.00 ? 75 LYS A N    1 
ATOM 1191 C CA   . LYS A 1 75 ? 11.455  5.102   -7.420  1.00 0.00 ? 75 LYS A CA   1 
ATOM 1192 C C    . LYS A 1 75 ? 11.261  4.220   -8.648  1.00 0.00 ? 75 LYS A C    1 
ATOM 1193 O O    . LYS A 1 75 ? 10.260  4.335   -9.356  1.00 0.00 ? 75 LYS A O    1 
ATOM 1194 C CB   . LYS A 1 75 ? 12.224  4.333   -6.343  1.00 0.00 ? 75 LYS A CB   1 
ATOM 1195 C CG   . LYS A 1 75 ? 13.684  4.739   -6.232  1.00 0.00 ? 75 LYS A CG   1 
ATOM 1196 C CD   . LYS A 1 75 ? 14.597  3.525   -6.180  1.00 0.00 ? 75 LYS A CD   1 
ATOM 1197 C CE   . LYS A 1 75 ? 15.343  3.445   -4.859  1.00 0.00 ? 75 LYS A CE   1 
ATOM 1198 N NZ   . LYS A 1 75 ? 16.697  4.060   -4.946  1.00 0.00 ? 75 LYS A NZ   1 
ATOM 1199 H H    . LYS A 1 75 ? 9.648   4.957   -6.326  1.00 0.00 ? 75 LYS A H    1 
ATOM 1200 H HA   . LYS A 1 75 ? 12.025  5.974   -7.703  1.00 0.00 ? 75 LYS A HA   1 
ATOM 1201 H HB2  . LYS A 1 75 ? 11.751  4.506   -5.387  1.00 0.00 ? 75 LYS A HB2  1 
ATOM 1202 H HB3  . LYS A 1 75 ? 12.182  3.278   -6.570  1.00 0.00 ? 75 LYS A HB3  1 
ATOM 1203 H HG2  . LYS A 1 75 ? 13.948  5.338   -7.091  1.00 0.00 ? 75 LYS A HG2  1 
ATOM 1204 H HG3  . LYS A 1 75 ? 13.819  5.319   -5.330  1.00 0.00 ? 75 LYS A HG3  1 
ATOM 1205 H HD2  . LYS A 1 75 ? 14.001  2.633   -6.300  1.00 0.00 ? 75 LYS A HD2  1 
ATOM 1206 H HD3  . LYS A 1 75 ? 15.314  3.591   -6.985  1.00 0.00 ? 75 LYS A HD3  1 
ATOM 1207 H HE2  . LYS A 1 75 ? 14.771  3.965   -4.105  1.00 0.00 ? 75 LYS A HE2  1 
ATOM 1208 H HE3  . LYS A 1 75 ? 15.446  2.407   -4.580  1.00 0.00 ? 75 LYS A HE3  1 
ATOM 1209 H HZ1  . LYS A 1 75 ? 17.232  3.635   -5.730  1.00 0.00 ? 75 LYS A HZ1  1 
ATOM 1210 H HZ2  . LYS A 1 75 ? 17.218  3.904   -4.061  1.00 0.00 ? 75 LYS A HZ2  1 
ATOM 1211 H HZ3  . LYS A 1 75 ? 16.614  5.083   -5.112  1.00 0.00 ? 75 LYS A HZ3  1 
ATOM 1212 N N    . ILE A 1 76 ? 12.224  3.339   -8.897  1.00 0.00 ? 76 ILE A N    1 
ATOM 1213 C CA   . ILE A 1 76 ? 12.159  2.438   -10.041 1.00 0.00 ? 76 ILE A CA   1 
ATOM 1214 C C    . ILE A 1 76 ? 10.725  1.988   -10.304 1.00 0.00 ? 76 ILE A C    1 
ATOM 1215 O O    . ILE A 1 76 ? 9.967   1.720   -9.372  1.00 0.00 ? 76 ILE A O    1 
ATOM 1216 C CB   . ILE A 1 76 ? 13.043  1.194   -9.828  1.00 0.00 ? 76 ILE A CB   1 
ATOM 1217 C CG1  . ILE A 1 76 ? 14.496  1.609   -9.593  1.00 0.00 ? 76 ILE A CG1  1 
ATOM 1218 C CG2  . ILE A 1 76 ? 12.939  0.260   -11.024 1.00 0.00 ? 76 ILE A CG2  1 
ATOM 1219 C CD1  . ILE A 1 76 ? 15.449  0.438   -9.482  1.00 0.00 ? 76 ILE A CD1  1 
ATOM 1220 H H    . ILE A 1 76 ? 12.997  3.294   -8.296  1.00 0.00 ? 76 ILE A H    1 
ATOM 1221 H HA   . ILE A 1 76 ? 12.524  2.970   -10.907 1.00 0.00 ? 76 ILE A HA   1 
ATOM 1222 H HB   . ILE A 1 76 ? 12.681  0.667   -8.958  1.00 0.00 ? 76 ILE A HB   1 
ATOM 1223 H HG12 . ILE A 1 76 ? 14.825  2.226   -10.416 1.00 0.00 ? 76 ILE A HG12 1 
ATOM 1224 H HG13 . ILE A 1 76 ? 14.558  2.176   -8.676  1.00 0.00 ? 76 ILE A HG13 1 
ATOM 1225 H HG21 . ILE A 1 76 ? 12.299  -0.574  -10.775 1.00 0.00 ? 76 ILE A HG21 1 
ATOM 1226 H HG22 . ILE A 1 76 ? 13.922  -0.107  -11.281 1.00 0.00 ? 76 ILE A HG22 1 
ATOM 1227 H HG23 . ILE A 1 76 ? 12.523  0.795   -11.864 1.00 0.00 ? 76 ILE A HG23 1 
ATOM 1228 H HD11 . ILE A 1 76 ? 14.884  -0.476  -9.372  1.00 0.00 ? 76 ILE A HD11 1 
ATOM 1229 H HD12 . ILE A 1 76 ? 16.087  0.574   -8.621  1.00 0.00 ? 76 ILE A HD12 1 
ATOM 1230 H HD13 . ILE A 1 76 ? 16.055  0.381   -10.374 1.00 0.00 ? 76 ILE A HD13 1 
ATOM 1231 N N    . ASN A 1 77 ? 10.361  1.906   -11.580 1.00 0.00 ? 77 ASN A N    1 
ATOM 1232 C CA   . ASN A 1 77 ? 9.019   1.488   -11.967 1.00 0.00 ? 77 ASN A CA   1 
ATOM 1233 C C    . ASN A 1 77 ? 8.983   -0.002  -12.287 1.00 0.00 ? 77 ASN A C    1 
ATOM 1234 O O    . ASN A 1 77 ? 9.866   -0.522  -12.971 1.00 0.00 ? 77 ASN A O    1 
ATOM 1235 C CB   . ASN A 1 77 ? 8.540   2.293   -13.176 1.00 0.00 ? 77 ASN A CB   1 
ATOM 1236 C CG   . ASN A 1 77 ? 9.580   2.356   -14.277 1.00 0.00 ? 77 ASN A CG   1 
ATOM 1237 O OD1  . ASN A 1 77 ? 10.597  1.664   -14.227 1.00 0.00 ? 77 ASN A OD1  1 
ATOM 1238 N ND2  . ASN A 1 77 ? 9.329   3.187   -15.282 1.00 0.00 ? 77 ASN A ND2  1 
ATOM 1239 H H    . ASN A 1 77 ? 11.011  2.132   -12.278 1.00 0.00 ? 77 ASN A H    1 
ATOM 1240 H HA   . ASN A 1 77 ? 8.359   1.681   -11.134 1.00 0.00 ? 77 ASN A HA   1 
ATOM 1241 H HB2  . ASN A 1 77 ? 7.647   1.836   -13.575 1.00 0.00 ? 77 ASN A HB2  1 
ATOM 1242 H HB3  . ASN A 1 77 ? 8.314   3.302   -12.863 1.00 0.00 ? 77 ASN A HB3  1 
ATOM 1243 H HD21 . ASN A 1 77 ? 8.499   3.707   -15.256 1.00 0.00 ? 77 ASN A HD21 1 
ATOM 1244 H HD22 . ASN A 1 77 ? 9.985   3.247   -16.008 1.00 0.00 ? 77 ASN A HD22 1 
ATOM 1245 N N    . HIS A 1 78 ? 7.959   -0.686  -11.789 1.00 0.00 ? 78 HIS A N    1 
ATOM 1246 C CA   . HIS A 1 78 ? 7.809   -2.118  -12.022 1.00 0.00 ? 78 HIS A CA   1 
ATOM 1247 C C    . HIS A 1 78 ? 6.925   -2.381  -13.238 1.00 0.00 ? 78 HIS A C    1 
ATOM 1248 O O    . HIS A 1 78 ? 5.885   -1.745  -13.410 1.00 0.00 ? 78 HIS A O    1 
ATOM 1249 C CB   . HIS A 1 78 ? 7.214   -2.798  -10.788 1.00 0.00 ? 78 HIS A CB   1 
ATOM 1250 C CG   . HIS A 1 78 ? 7.344   -1.986  -9.537  1.00 0.00 ? 78 HIS A CG   1 
ATOM 1251 N ND1  . HIS A 1 78 ? 6.454   -0.992  -9.188  1.00 0.00 ? 78 HIS A ND1  1 
ATOM 1252 C CD2  . HIS A 1 78 ? 8.268   -2.025  -8.548  1.00 0.00 ? 78 HIS A CD2  1 
ATOM 1253 C CE1  . HIS A 1 78 ? 6.825   -0.455  -8.039  1.00 0.00 ? 78 HIS A CE1  1 
ATOM 1254 N NE2  . HIS A 1 78 ? 7.922   -1.064  -7.630  1.00 0.00 ? 78 HIS A NE2  1 
ATOM 1255 H H    . HIS A 1 78 ? 7.287   -0.216  -11.251 1.00 0.00 ? 78 HIS A H    1 
ATOM 1256 H HA   . HIS A 1 78 ? 8.789   -2.528  -12.211 1.00 0.00 ? 78 HIS A HA   1 
ATOM 1257 H HB2  . HIS A 1 78 ? 6.163   -2.979  -10.957 1.00 0.00 ? 78 HIS A HB2  1 
ATOM 1258 H HB3  . HIS A 1 78 ? 7.716   -3.740  -10.628 1.00 0.00 ? 78 HIS A HB3  1 
ATOM 1259 H HD1  . HIS A 1 78 ? 5.667   -0.721  -9.705  1.00 0.00 ? 78 HIS A HD1  1 
ATOM 1260 H HD2  . HIS A 1 78 ? 9.119   -2.689  -8.490  1.00 0.00 ? 78 HIS A HD2  1 
ATOM 1261 H HE1  . HIS A 1 78 ? 6.316   0.347   -7.522  1.00 0.00 ? 78 HIS A HE1  1 
ATOM 1262 H HE2  . HIS A 1 78 ? 8.455   -0.803  -6.850  1.00 0.00 ? 78 HIS A HE2  1 
ATOM 1263 N N    . THR A 1 79 ? 7.346   -3.322  -14.076 1.00 0.00 ? 79 THR A N    1 
ATOM 1264 C CA   . THR A 1 79 ? 6.593   -3.668  -15.276 1.00 0.00 ? 79 THR A CA   1 
ATOM 1265 C C    . THR A 1 79 ? 6.487   -5.182  -15.435 1.00 0.00 ? 79 THR A C    1 
ATOM 1266 O O    . THR A 1 79 ? 6.091   -5.679  -16.489 1.00 0.00 ? 79 THR A O    1 
ATOM 1267 C CB   . THR A 1 79 ? 7.253   -3.059  -16.513 1.00 0.00 ? 79 THR A CB   1 
ATOM 1268 O OG1  . THR A 1 79 ? 6.526   -3.387  -17.683 1.00 0.00 ? 79 THR A OG1  1 
ATOM 1269 C CG2  . THR A 1 79 ? 8.681   -3.518  -16.716 1.00 0.00 ? 79 THR A CG2  1 
ATOM 1270 H H    . THR A 1 79 ? 8.183   -3.793  -13.885 1.00 0.00 ? 79 THR A H    1 
ATOM 1271 H HA   . THR A 1 79 ? 5.598   -3.261  -15.172 1.00 0.00 ? 79 THR A HA   1 
ATOM 1272 H HB   . THR A 1 79 ? 7.263   -1.984  -16.410 1.00 0.00 ? 79 THR A HB   1 
ATOM 1273 H HG1  . THR A 1 79 ? 6.717   -2.745  -18.370 1.00 0.00 ? 79 THR A HG1  1 
ATOM 1274 H HG21 . THR A 1 79 ? 9.138   -3.707  -15.757 1.00 0.00 ? 79 THR A HG21 1 
ATOM 1275 H HG22 . THR A 1 79 ? 9.236   -2.750  -17.234 1.00 0.00 ? 79 THR A HG22 1 
ATOM 1276 H HG23 . THR A 1 79 ? 8.687   -4.424  -17.303 1.00 0.00 ? 79 THR A HG23 1 
ATOM 1277 N N    . THR A 1 80 ? 6.845   -5.909  -14.381 1.00 0.00 ? 80 THR A N    1 
ATOM 1278 C CA   . THR A 1 80 ? 6.790   -7.367  -14.405 1.00 0.00 ? 80 THR A CA   1 
ATOM 1279 C C    . THR A 1 80 ? 6.333   -7.917  -13.058 1.00 0.00 ? 80 THR A C    1 
ATOM 1280 O O    . THR A 1 80 ? 6.430   -9.117  -12.801 1.00 0.00 ? 80 THR A O    1 
ATOM 1281 C CB   . THR A 1 80 ? 8.161   -7.943  -14.764 1.00 0.00 ? 80 THR A CB   1 
ATOM 1282 O OG1  . THR A 1 80 ? 8.134   -9.359  -14.731 1.00 0.00 ? 80 THR A OG1  1 
ATOM 1283 C CG2  . THR A 1 80 ? 9.266   -7.483  -13.837 1.00 0.00 ? 80 THR A CG2  1 
ATOM 1284 H H    . THR A 1 80 ? 7.153   -5.456  -13.569 1.00 0.00 ? 80 THR A H    1 
ATOM 1285 H HA   . THR A 1 80 ? 6.078   -7.659  -15.161 1.00 0.00 ? 80 THR A HA   1 
ATOM 1286 H HB   . THR A 1 80 ? 8.420   -7.631  -15.766 1.00 0.00 ? 80 THR A HB   1 
ATOM 1287 H HG1  . THR A 1 80 ? 8.369   -9.663  -13.852 1.00 0.00 ? 80 THR A HG1  1 
ATOM 1288 H HG21 . THR A 1 80 ? 9.607   -8.318  -13.243 1.00 0.00 ? 80 THR A HG21 1 
ATOM 1289 H HG22 . THR A 1 80 ? 8.890   -6.708  -13.186 1.00 0.00 ? 80 THR A HG22 1 
ATOM 1290 H HG23 . THR A 1 80 ? 10.088  -7.096  -14.420 1.00 0.00 ? 80 THR A HG23 1 
ATOM 1291 N N    . LEU A 1 81 ? 5.831   -7.033  -12.202 1.00 0.00 ? 81 LEU A N    1 
ATOM 1292 C CA   . LEU A 1 81 ? 5.357   -7.432  -10.882 1.00 0.00 ? 81 LEU A CA   1 
ATOM 1293 C C    . LEU A 1 81 ? 6.253   -8.512  -10.285 1.00 0.00 ? 81 LEU A C    1 
ATOM 1294 O O    . LEU A 1 81 ? 5.797   -9.354  -9.512  1.00 0.00 ? 81 LEU A O    1 
ATOM 1295 C CB   . LEU A 1 81 ? 3.916   -7.938  -10.966 1.00 0.00 ? 81 LEU A CB   1 
ATOM 1296 C CG   . LEU A 1 81 ? 2.886   -6.891  -11.396 1.00 0.00 ? 81 LEU A CG   1 
ATOM 1297 C CD1  . LEU A 1 81 ? 2.400   -7.171  -12.810 1.00 0.00 ? 81 LEU A CD1  1 
ATOM 1298 C CD2  . LEU A 1 81 ? 1.716   -6.866  -10.423 1.00 0.00 ? 81 LEU A CD2  1 
ATOM 1299 H H    . LEU A 1 81 ? 5.777   -6.091  -12.464 1.00 0.00 ? 81 LEU A H    1 
ATOM 1300 H HA   . LEU A 1 81 ? 5.386   -6.563  -10.243 1.00 0.00 ? 81 LEU A HA   1 
ATOM 1301 H HB2  . LEU A 1 81 ? 3.885   -8.756  -11.671 1.00 0.00 ? 81 LEU A HB2  1 
ATOM 1302 H HB3  . LEU A 1 81 ? 3.631   -8.312  -9.994  1.00 0.00 ? 81 LEU A HB3  1 
ATOM 1303 H HG   . LEU A 1 81 ? 3.350   -5.916  -11.389 1.00 0.00 ? 81 LEU A HG   1 
ATOM 1304 H HD11 . LEU A 1 81 ? 1.501   -7.768  -12.770 1.00 0.00 ? 81 LEU A HD11 1 
ATOM 1305 H HD12 . LEU A 1 81 ? 3.164   -7.706  -13.353 1.00 0.00 ? 81 LEU A HD12 1 
ATOM 1306 H HD13 . LEU A 1 81 ? 2.191   -6.237  -13.309 1.00 0.00 ? 81 LEU A HD13 1 
ATOM 1307 H HD21 . LEU A 1 81 ? 1.549   -7.859  -10.034 1.00 0.00 ? 81 LEU A HD21 1 
ATOM 1308 H HD22 . LEU A 1 81 ? 0.829   -6.527  -10.937 1.00 0.00 ? 81 LEU A HD22 1 
ATOM 1309 H HD23 . LEU A 1 81 ? 1.940   -6.192  -9.609  1.00 0.00 ? 81 LEU A HD23 1 
ATOM 1310 N N    . LYS A 1 82 ? 7.532   -8.479  -10.648 1.00 0.00 ? 82 LYS A N    1 
ATOM 1311 C CA   . LYS A 1 82 ? 8.492   -9.456  -10.147 1.00 0.00 ? 82 LYS A CA   1 
ATOM 1312 C C    . LYS A 1 82 ? 8.603   -9.381  -8.629  1.00 0.00 ? 82 LYS A C    1 
ATOM 1313 O O    . LYS A 1 82 ? 8.536   -10.399 -7.940  1.00 0.00 ? 82 LYS A O    1 
ATOM 1314 C CB   . LYS A 1 82 ? 9.865   -9.225  -10.783 1.00 0.00 ? 82 LYS A CB   1 
ATOM 1315 C CG   . LYS A 1 82 ? 10.176  -10.181 -11.923 1.00 0.00 ? 82 LYS A CG   1 
ATOM 1316 C CD   . LYS A 1 82 ? 10.930  -11.406 -11.432 1.00 0.00 ? 82 LYS A CD   1 
ATOM 1317 C CE   . LYS A 1 82 ? 12.018  -11.818 -12.410 1.00 0.00 ? 82 LYS A CE   1 
ATOM 1318 N NZ   . LYS A 1 82 ? 12.107  -13.298 -12.551 1.00 0.00 ? 82 LYS A NZ   1 
ATOM 1319 H H    . LYS A 1 82 ? 7.836   -7.784  -11.266 1.00 0.00 ? 82 LYS A H    1 
ATOM 1320 H HA   . LYS A 1 82 ? 8.139   -10.439 -10.422 1.00 0.00 ? 82 LYS A HA   1 
ATOM 1321 H HB2  . LYS A 1 82 ? 9.906   -8.215  -11.166 1.00 0.00 ? 82 LYS A HB2  1 
ATOM 1322 H HB3  . LYS A 1 82 ? 10.625  -9.343  -10.024 1.00 0.00 ? 82 LYS A HB3  1 
ATOM 1323 H HG2  . LYS A 1 82 ? 9.249   -10.499 -12.377 1.00 0.00 ? 82 LYS A HG2  1 
ATOM 1324 H HG3  . LYS A 1 82 ? 10.780  -9.666  -12.656 1.00 0.00 ? 82 LYS A HG3  1 
ATOM 1325 H HD2  . LYS A 1 82 ? 11.382  -11.180 -10.479 1.00 0.00 ? 82 LYS A HD2  1 
ATOM 1326 H HD3  . LYS A 1 82 ? 10.232  -12.223 -11.318 1.00 0.00 ? 82 LYS A HD3  1 
ATOM 1327 H HE2  . LYS A 1 82 ? 11.800  -11.386 -13.375 1.00 0.00 ? 82 LYS A HE2  1 
ATOM 1328 H HE3  . LYS A 1 82 ? 12.965  -11.442 -12.053 1.00 0.00 ? 82 LYS A HE3  1 
ATOM 1329 H HZ1  . LYS A 1 82 ? 12.877  -13.550 -13.204 1.00 0.00 ? 82 LYS A HZ1  1 
ATOM 1330 H HZ2  . LYS A 1 82 ? 11.214  -13.676 -12.925 1.00 0.00 ? 82 LYS A HZ2  1 
ATOM 1331 H HZ3  . LYS A 1 82 ? 12.294  -13.735 -11.625 1.00 0.00 ? 82 LYS A HZ3  1 
ATOM 1332 N N    . ILE A 1 83 ? 8.771   -8.169  -8.112  1.00 0.00 ? 83 ILE A N    1 
ATOM 1333 C CA   . ILE A 1 83 ? 8.890   -7.962  -6.674  1.00 0.00 ? 83 ILE A CA   1 
ATOM 1334 C C    . ILE A 1 83 ? 7.792   -8.704  -5.921  1.00 0.00 ? 83 ILE A C    1 
ATOM 1335 O O    . ILE A 1 83 ? 8.057   -9.393  -4.936  1.00 0.00 ? 83 ILE A O    1 
ATOM 1336 C CB   . ILE A 1 83 ? 8.822   -6.465  -6.313  1.00 0.00 ? 83 ILE A CB   1 
ATOM 1337 C CG1  . ILE A 1 83 ? 7.522   -5.850  -6.835  1.00 0.00 ? 83 ILE A CG1  1 
ATOM 1338 C CG2  . ILE A 1 83 ? 10.027  -5.728  -6.876  1.00 0.00 ? 83 ILE A CG2  1 
ATOM 1339 C CD1  . ILE A 1 83 ? 7.478   -4.342  -6.720  1.00 0.00 ? 83 ILE A CD1  1 
ATOM 1340 H H    . ILE A 1 83 ? 8.816   -7.395  -8.711  1.00 0.00 ? 83 ILE A H    1 
ATOM 1341 H HA   . ILE A 1 83 ? 9.850   -8.344  -6.360  1.00 0.00 ? 83 ILE A HA   1 
ATOM 1342 H HB   . ILE A 1 83 ? 8.847   -6.376  -5.237  1.00 0.00 ? 83 ILE A HB   1 
ATOM 1343 H HG12 . ILE A 1 83 ? 7.403   -6.107  -7.877  1.00 0.00 ? 83 ILE A HG12 1 
ATOM 1344 H HG13 . ILE A 1 83 ? 6.691   -6.252  -6.273  1.00 0.00 ? 83 ILE A HG13 1 
ATOM 1345 H HG21 . ILE A 1 83 ? 9.816   -4.671  -6.918  1.00 0.00 ? 83 ILE A HG21 1 
ATOM 1346 H HG22 . ILE A 1 83 ? 10.239  -6.093  -7.871  1.00 0.00 ? 83 ILE A HG22 1 
ATOM 1347 H HG23 . ILE A 1 83 ? 10.883  -5.900  -6.241  1.00 0.00 ? 83 ILE A HG23 1 
ATOM 1348 H HD11 . ILE A 1 83 ? 7.436   -4.062  -5.678  1.00 0.00 ? 83 ILE A HD11 1 
ATOM 1349 H HD12 . ILE A 1 83 ? 6.602   -3.968  -7.229  1.00 0.00 ? 83 ILE A HD12 1 
ATOM 1350 H HD13 . ILE A 1 83 ? 8.365   -3.921  -7.170  1.00 0.00 ? 83 ILE A HD13 1 
ATOM 1351 N N    . LEU A 1 84 ? 6.557   -8.562  -6.394  1.00 0.00 ? 84 LEU A N    1 
ATOM 1352 C CA   . LEU A 1 84 ? 5.420   -9.222  -5.765  1.00 0.00 ? 84 LEU A CA   1 
ATOM 1353 C C    . LEU A 1 84 ? 5.599   -10.736 -5.778  1.00 0.00 ? 84 LEU A C    1 
ATOM 1354 O O    . LEU A 1 84 ? 5.154   -11.432 -4.864  1.00 0.00 ? 84 LEU A O    1 
ATOM 1355 C CB   . LEU A 1 84 ? 4.122   -8.843  -6.483  1.00 0.00 ? 84 LEU A CB   1 
ATOM 1356 C CG   . LEU A 1 84 ? 3.303   -7.746  -5.803  1.00 0.00 ? 84 LEU A CG   1 
ATOM 1357 C CD1  . LEU A 1 84 ? 3.641   -6.385  -6.392  1.00 0.00 ? 84 LEU A CD1  1 
ATOM 1358 C CD2  . LEU A 1 84 ? 1.816   -8.033  -5.937  1.00 0.00 ? 84 LEU A CD2  1 
ATOM 1359 H H    . LEU A 1 84 ? 6.409   -8.001  -7.182  1.00 0.00 ? 84 LEU A H    1 
ATOM 1360 H HA   . LEU A 1 84 ? 5.366   -8.886  -4.741  1.00 0.00 ? 84 LEU A HA   1 
ATOM 1361 H HB2  . LEU A 1 84 ? 4.372   -8.512  -7.481  1.00 0.00 ? 84 LEU A HB2  1 
ATOM 1362 H HB3  . LEU A 1 84 ? 3.507   -9.726  -6.559  1.00 0.00 ? 84 LEU A HB3  1 
ATOM 1363 H HG   . LEU A 1 84 ? 3.547   -7.723  -4.750  1.00 0.00 ? 84 LEU A HG   1 
ATOM 1364 H HD11 . LEU A 1 84 ? 4.689   -6.177  -6.237  1.00 0.00 ? 84 LEU A HD11 1 
ATOM 1365 H HD12 . LEU A 1 84 ? 3.047   -5.625  -5.906  1.00 0.00 ? 84 LEU A HD12 1 
ATOM 1366 H HD13 . LEU A 1 84 ? 3.427   -6.388  -7.451  1.00 0.00 ? 84 LEU A HD13 1 
ATOM 1367 H HD21 . LEU A 1 84 ? 1.572   -8.932  -5.392  1.00 0.00 ? 84 LEU A HD21 1 
ATOM 1368 H HD22 . LEU A 1 84 ? 1.567   -8.166  -6.980  1.00 0.00 ? 84 LEU A HD22 1 
ATOM 1369 H HD23 . LEU A 1 84 ? 1.251   -7.203  -5.537  1.00 0.00 ? 84 LEU A HD23 1 
ATOM 1370 N N    . GLU A 1 85 ? 6.255   -11.241 -6.818  1.00 0.00 ? 85 GLU A N    1 
ATOM 1371 C CA   . GLU A 1 85 ? 6.495   -12.672 -6.948  1.00 0.00 ? 85 GLU A CA   1 
ATOM 1372 C C    . GLU A 1 85 ? 7.620   -13.120 -6.021  1.00 0.00 ? 85 GLU A C    1 
ATOM 1373 O O    . GLU A 1 85 ? 7.721   -14.296 -5.673  1.00 0.00 ? 85 GLU A O    1 
ATOM 1374 C CB   . GLU A 1 85 ? 6.843   -13.023 -8.396  1.00 0.00 ? 85 GLU A CB   1 
ATOM 1375 C CG   . GLU A 1 85 ? 6.347   -14.395 -8.825  1.00 0.00 ? 85 GLU A CG   1 
ATOM 1376 C CD   . GLU A 1 85 ? 5.367   -14.325 -9.980  1.00 0.00 ? 85 GLU A CD   1 
ATOM 1377 O OE1  . GLU A 1 85 ? 4.441   -13.489 -9.924  1.00 0.00 ? 85 GLU A OE1  1 
ATOM 1378 O OE2  . GLU A 1 85 ? 5.527   -15.107 -10.942 1.00 0.00 ? 85 GLU A OE2  1 
ATOM 1379 H H    . GLU A 1 85 ? 6.587   -10.635 -7.514  1.00 0.00 ? 85 GLU A H    1 
ATOM 1380 H HA   . GLU A 1 85 ? 5.589   -13.188 -6.670  1.00 0.00 ? 85 GLU A HA   1 
ATOM 1381 H HB2  . GLU A 1 85 ? 6.401   -12.284 -9.049  1.00 0.00 ? 85 GLU A HB2  1 
ATOM 1382 H HB3  . GLU A 1 85 ? 7.916   -12.998 -8.513  1.00 0.00 ? 85 GLU A HB3  1 
ATOM 1383 H HG2  . GLU A 1 85 ? 7.194   -14.991 -9.128  1.00 0.00 ? 85 GLU A HG2  1 
ATOM 1384 H HG3  . GLU A 1 85 ? 5.858   -14.865 -7.985  1.00 0.00 ? 85 GLU A HG3  1 
ATOM 1385 N N    . GLY A 1 86 ? 8.464   -12.172 -5.622  1.00 0.00 ? 86 GLY A N    1 
ATOM 1386 C CA   . GLY A 1 86 ? 9.569   -12.488 -4.738  1.00 0.00 ? 86 GLY A CA   1 
ATOM 1387 C C    . GLY A 1 86 ? 9.255   -12.185 -3.286  1.00 0.00 ? 86 GLY A C    1 
ATOM 1388 O O    . GLY A 1 86 ? 9.910   -12.701 -2.381  1.00 0.00 ? 86 GLY A O    1 
ATOM 1389 H H    . GLY A 1 86 ? 8.332   -11.251 -5.931  1.00 0.00 ? 86 GLY A H    1 
ATOM 1390 H HA2  . GLY A 1 86 ? 9.803   -13.539 -4.832  1.00 0.00 ? 86 GLY A HA2  1 
ATOM 1391 H HA3  . GLY A 1 86 ? 10.431  -11.910 -5.036  1.00 0.00 ? 86 GLY A HA3  1 
ATOM 1392 N N    . HIS A 1 87 ? 8.250   -11.345 -3.063  1.00 0.00 ? 87 HIS A N    1 
ATOM 1393 C CA   . HIS A 1 87 ? 7.849   -10.973 -1.711  1.00 0.00 ? 87 HIS A CA   1 
ATOM 1394 C C    . HIS A 1 87 ? 6.378   -10.573 -1.668  1.00 0.00 ? 87 HIS A C    1 
ATOM 1395 O O    . HIS A 1 87 ? 6.006   -9.609  -1.002  1.00 0.00 ? 87 HIS A O    1 
ATOM 1396 C CB   . HIS A 1 87 ? 8.717   -9.823  -1.198  1.00 0.00 ? 87 HIS A CB   1 
ATOM 1397 C CG   . HIS A 1 87 ? 8.276   -8.477  -1.685  1.00 0.00 ? 87 HIS A CG   1 
ATOM 1398 N ND1  . HIS A 1 87 ? 7.448   -7.648  -0.961  1.00 0.00 ? 87 HIS A ND1  1 
ATOM 1399 C CD2  . HIS A 1 87 ? 8.556   -7.816  -2.835  1.00 0.00 ? 87 HIS A CD2  1 
ATOM 1400 C CE1  . HIS A 1 87 ? 7.234   -6.536  -1.642  1.00 0.00 ? 87 HIS A CE1  1 
ATOM 1401 N NE2  . HIS A 1 87 ? 7.896   -6.613  -2.782  1.00 0.00 ? 87 HIS A NE2  1 
ATOM 1402 H H    . HIS A 1 87 ? 7.764   -10.966 -3.825  1.00 0.00 ? 87 HIS A H    1 
ATOM 1403 H HA   . HIS A 1 87 ? 7.995   -11.833 -1.074  1.00 0.00 ? 87 HIS A HA   1 
ATOM 1404 H HB2  . HIS A 1 87 ? 8.686   -9.810  -0.118  1.00 0.00 ? 87 HIS A HB2  1 
ATOM 1405 H HB3  . HIS A 1 87 ? 9.736   -9.978  -1.520  1.00 0.00 ? 87 HIS A HB3  1 
ATOM 1406 H HD1  . HIS A 1 87 ? 7.070   -7.845  -0.078  1.00 0.00 ? 87 HIS A HD1  1 
ATOM 1407 H HD2  . HIS A 1 87 ? 9.181   -8.171  -3.642  1.00 0.00 ? 87 HIS A HD2  1 
ATOM 1408 H HE1  . HIS A 1 87 ? 6.625   -5.705  -1.321  1.00 0.00 ? 87 HIS A HE1  1 
ATOM 1409 H HE2  . HIS A 1 87 ? 7.843   -5.961  -3.512  1.00 0.00 ? 87 HIS A HE2  1 
ATOM 1410 N N    . LEU A 1 88 ? 5.546   -11.323 -2.385  1.00 0.00 ? 88 LEU A N    1 
ATOM 1411 C CA   . LEU A 1 88 ? 4.115   -11.047 -2.430  1.00 0.00 ? 88 LEU A CA   1 
ATOM 1412 C C    . LEU A 1 88 ? 3.363   -12.184 -3.114  1.00 0.00 ? 88 LEU A C    1 
ATOM 1413 O O    . LEU A 1 88 ? 2.729   -11.929 -4.160  1.00 0.00 ? 88 LEU A O    1 
ATOM 1414 C CB   . LEU A 1 88 ? 3.851   -9.731  -3.165  1.00 0.00 ? 88 LEU A CB   1 
ATOM 1415 C CG   . LEU A 1 88 ? 2.573   -9.003  -2.749  1.00 0.00 ? 88 LEU A CG   1 
ATOM 1416 C CD1  . LEU A 1 88 ? 1.498   -10.000 -2.344  1.00 0.00 ? 88 LEU A CD1  1 
ATOM 1417 C CD2  . LEU A 1 88 ? 2.858   -8.034  -1.612  1.00 0.00 ? 88 LEU A CD2  1 
ATOM 1418 O OXT  . LEU A 1 88 ? 3.415   -13.321 -2.598  1.00 0.00 ? 88 LEU A OXT  1 
ATOM 1419 H H    . LEU A 1 88 ? 5.903   -12.079 -2.896  1.00 0.00 ? 88 LEU A H    1 
ATOM 1420 H HA   . LEU A 1 88 ? 3.763   -10.958 -1.413  1.00 0.00 ? 88 LEU A HA   1 
ATOM 1421 H HB2  . LEU A 1 88 ? 4.690   -9.073  -2.992  1.00 0.00 ? 88 LEU A HB2  1 
ATOM 1422 H HB3  . LEU A 1 88 ? 3.791   -9.940  -4.223  1.00 0.00 ? 88 LEU A HB3  1 
ATOM 1423 H HG   . LEU A 1 88 ? 2.200   -8.434  -3.589  1.00 0.00 ? 88 LEU A HG   1 
ATOM 1424 H HD11 . LEU A 1 88 ? 0.596   -9.469  -2.078  1.00 0.00 ? 88 LEU A HD11 1 
ATOM 1425 H HD12 . LEU A 1 88 ? 1.840   -10.574 -1.496  1.00 0.00 ? 88 LEU A HD12 1 
ATOM 1426 H HD13 . LEU A 1 88 ? 1.294   -10.665 -3.170  1.00 0.00 ? 88 LEU A HD13 1 
ATOM 1427 H HD21 . LEU A 1 88 ? 3.178   -8.585  -0.741  1.00 0.00 ? 88 LEU A HD21 1 
ATOM 1428 H HD22 . LEU A 1 88 ? 1.963   -7.477  -1.379  1.00 0.00 ? 88 LEU A HD22 1 
ATOM 1429 H HD23 . LEU A 1 88 ? 3.639   -7.349  -1.910  1.00 0.00 ? 88 LEU A HD23 1 
# 
